data_8BQW
# 
_entry.id   8BQW 
# 
_audit_conform.dict_name       mmcif_pdbx.dic 
_audit_conform.dict_version    5.395 
_audit_conform.dict_location   http://mmcif.pdb.org/dictionaries/ascii/mmcif_pdbx.dic 
# 
loop_
_database_2.database_id 
_database_2.database_code 
_database_2.pdbx_database_accession 
_database_2.pdbx_DOI 
PDB   8BQW         pdb_00008bqw 10.2210/pdb8bqw/pdb 
WWPDB D_1292124005 ?            ?                   
EMDB  EMD-16189    ?            ?                   
# 
loop_
_pdbx_audit_revision_history.ordinal 
_pdbx_audit_revision_history.data_content_type 
_pdbx_audit_revision_history.major_revision 
_pdbx_audit_revision_history.minor_revision 
_pdbx_audit_revision_history.revision_date 
1 'Structure model' 1 0 2023-02-22 
2 'Structure model' 1 1 2023-03-08 
3 'Structure model' 1 2 2023-05-03 
4 'Structure model' 1 3 2024-07-24 
# 
_pdbx_audit_revision_details.ordinal             1 
_pdbx_audit_revision_details.revision_ordinal    1 
_pdbx_audit_revision_details.data_content_type   'Structure model' 
_pdbx_audit_revision_details.provider            repository 
_pdbx_audit_revision_details.type                'Initial release' 
_pdbx_audit_revision_details.description         ? 
_pdbx_audit_revision_details.details             ? 
# 
loop_
_pdbx_audit_revision_group.ordinal 
_pdbx_audit_revision_group.revision_ordinal 
_pdbx_audit_revision_group.data_content_type 
_pdbx_audit_revision_group.group 
1 2 'Structure model' 'Database references' 
2 2 'Structure model' 'Structure summary'   
3 3 'Structure model' 'Database references' 
4 4 'Structure model' 'Data collection'     
# 
loop_
_pdbx_audit_revision_category.ordinal 
_pdbx_audit_revision_category.revision_ordinal 
_pdbx_audit_revision_category.data_content_type 
_pdbx_audit_revision_category.category 
1 2 'Structure model' audit_author    
2 2 'Structure model' citation        
3 2 'Structure model' citation_author 
4 3 'Structure model' citation        
5 4 'Structure model' chem_comp_atom  
6 4 'Structure model' chem_comp_bond  
7 4 'Structure model' em_admin        
# 
loop_
_pdbx_audit_revision_item.ordinal 
_pdbx_audit_revision_item.revision_ordinal 
_pdbx_audit_revision_item.data_content_type 
_pdbx_audit_revision_item.item 
1  2 'Structure model' '_citation.country'                 
2  2 'Structure model' '_citation.journal_abbrev'          
3  2 'Structure model' '_citation.journal_id_CSD'          
4  2 'Structure model' '_citation.journal_id_ISSN'         
5  2 'Structure model' '_citation.pdbx_database_id_DOI'    
6  2 'Structure model' '_citation.pdbx_database_id_PubMed' 
7  2 'Structure model' '_citation.title'                   
8  2 'Structure model' '_citation.year'                    
9  3 'Structure model' '_citation.journal_volume'          
10 3 'Structure model' '_citation.page_first'              
11 3 'Structure model' '_citation.page_last'               
12 4 'Structure model' '_em_admin.last_update'             
# 
_pdbx_database_status.status_code                     REL 
_pdbx_database_status.status_code_sf                  ? 
_pdbx_database_status.status_code_mr                  ? 
_pdbx_database_status.entry_id                        8BQW 
_pdbx_database_status.recvd_initial_deposition_date   2023-01-18 
_pdbx_database_status.SG_entry                        N 
_pdbx_database_status.deposit_site                    PDBE 
_pdbx_database_status.process_site                    PDBE 
_pdbx_database_status.status_code_cs                  ? 
_pdbx_database_status.status_code_nmr_data            ? 
_pdbx_database_status.methods_development_category    ? 
_pdbx_database_status.pdb_format_compatible           Y 
# 
_pdbx_database_related.db_name        EMDB 
_pdbx_database_related.details        'Cryo-EM structure of alpha-synuclein filaments doublet from Juvenile-onset synucleinopathy' 
_pdbx_database_related.db_id          EMD-16189 
_pdbx_database_related.content_type   'associated EM volume' 
# 
loop_
_pdbx_contact_author.id 
_pdbx_contact_author.email 
_pdbx_contact_author.name_first 
_pdbx_contact_author.name_last 
_pdbx_contact_author.name_mi 
_pdbx_contact_author.role 
_pdbx_contact_author.identifier_ORCID 
2 scheres@mrc-lmb.cam.ac.uk Sjors  Scheres H.W. 'principal investigator/group leader' 0000-0002-0462-6540 
3 mg@mrc-lmb.cam.ac.uk      Michel Goedert ?    'principal investigator/group leader' 0000-0002-5214-7886 
# 
loop_
_audit_author.name 
_audit_author.pdbx_ordinal 
_audit_author.identifier_ORCID 
'Yang, Y.'          1  ? 
'Garringer, J.H.'   2  ? 
'Shi, Y.'           3  ? 
'Lovestam, S.'      4  ? 
'Peak-Chew, S.Y.'   5  ? 
'Zhang, X.J.'       6  ? 
'Kotecha, A.'       7  ? 
'Bacioglu, M.'      8  ? 
'Koto, A.'          9  ? 
'Takao, M.'         10 ? 
'Spillantini, G.M.' 11 ? 
'Ghetti, B.'        12 ? 
'Vidal, R.'         13 ? 
'Murzin, G.A.'      14 ? 
'Scheres, H.W.S.'   15 ? 
'Goedert, M.'       16 ? 
# 
_citation.abstract                  ? 
_citation.abstract_id_CAS           ? 
_citation.book_id_ISBN              ? 
_citation.book_publisher            ? 
_citation.book_publisher_city       ? 
_citation.book_title                ? 
_citation.coordinate_linkage        ? 
_citation.country                   DE 
_citation.database_id_Medline       ? 
_citation.details                   ? 
_citation.id                        primary 
_citation.journal_abbrev            'Acta Neuropathol' 
_citation.journal_id_ASTM           ? 
_citation.journal_id_CSD            ? 
_citation.journal_id_ISSN           1432-0533 
_citation.journal_full              ? 
_citation.journal_issue             ? 
_citation.journal_volume            145 
_citation.language                  ? 
_citation.page_first                561 
_citation.page_last                 572 
_citation.title                     
'New SNCA mutation and structures of alpha-synuclein filaments from juvenile-onset synucleinopathy.' 
_citation.year                      2023 
_citation.database_id_CSD           ? 
_citation.pdbx_database_id_DOI      10.1007/s00401-023-02550-8 
_citation.pdbx_database_id_PubMed   36847833 
_citation.pdbx_database_id_patent   ? 
_citation.unpublished_flag          ? 
# 
loop_
_citation_author.citation_id 
_citation_author.name 
_citation_author.ordinal 
_citation_author.identifier_ORCID 
primary 'Yang, Y.'          1  ? 
primary 'Garringer, H.J.'   2  ? 
primary 'Shi, Y.'           3  ? 
primary 'Lovestam, S.'      4  ? 
primary 'Peak-Chew, S.'     5  ? 
primary 'Zhang, X.'         6  ? 
primary 'Kotecha, A.'       7  ? 
primary 'Bacioglu, M.'      8  ? 
primary 'Koto, A.'          9  ? 
primary 'Takao, M.'         10 ? 
primary 'Spillantini, M.G.' 11 ? 
primary 'Ghetti, B.'        12 ? 
primary 'Vidal, R.'         13 ? 
primary 'Murzin, A.G.'      14 ? 
primary 'Scheres, S.H.W.'   15 ? 
primary 'Goedert, M.'       16 ? 
# 
loop_
_entity.id 
_entity.type 
_entity.src_method 
_entity.pdbx_description 
_entity.formula_weight 
_entity.pdbx_number_of_molecules 
_entity.pdbx_ec 
_entity.pdbx_mutation 
_entity.pdbx_fragment 
_entity.details 
1 polymer nat Alpha-synuclein   14476.108 2 ? ? ? ? 
2 polymer nat 'Unknown protein' 783.958   2 ? ? ? ? 
3 water   nat water             18.015    9 ? ? ? ? 
# 
_entity_name_com.entity_id   1 
_entity_name_com.name        'Non-A beta component of AD amyloid,Non-A4 component of amyloid precursor,NACP' 
# 
loop_
_entity_poly.entity_id 
_entity_poly.type 
_entity_poly.nstd_linkage 
_entity_poly.nstd_monomer 
_entity_poly.pdbx_seq_one_letter_code 
_entity_poly.pdbx_seq_one_letter_code_can 
_entity_poly.pdbx_strand_id 
_entity_poly.pdbx_target_identifier 
1 'polypeptide(L)' no no 
;MDVFMKGLSKAKEGVVAAAEKTKQGVAEAAGKTKEGVLYVGSKTKEGVVHGVATVAEKTKEQVTNVGGAVVTGVTAVAQK
TVEGAGSIAAATGFVKKDQLGKNEEGAPQEGILEDMPVDPDNEAYEMPSEEGYQDYEPEA
;
;MDVFMKGLSKAKEGVVAAAEKTKQGVAEAAGKTKEGVLYVGSKTKEGVVHGVATVAEKTKEQVTNVGGAVVTGVTAVAQK
TVEGAGSIAAATGFVKKDQLGKNEEGAPQEGILEDMPVDPDNEAYEMPSEEGYQDYEPEA
;
A,C ? 
2 'polypeptide(L)' no no '(UNK)(UNK)(UNK)(UNK)(UNK)(UNK)(UNK)(UNK)(UNK)' XXXXXXXXX B,D ? 
# 
_pdbx_entity_nonpoly.entity_id   3 
_pdbx_entity_nonpoly.name        water 
_pdbx_entity_nonpoly.comp_id     HOH 
# 
loop_
_entity_poly_seq.entity_id 
_entity_poly_seq.num 
_entity_poly_seq.mon_id 
_entity_poly_seq.hetero 
1 1   MET n 
1 2   ASP n 
1 3   VAL n 
1 4   PHE n 
1 5   MET n 
1 6   LYS n 
1 7   GLY n 
1 8   LEU n 
1 9   SER n 
1 10  LYS n 
1 11  ALA n 
1 12  LYS n 
1 13  GLU n 
1 14  GLY n 
1 15  VAL n 
1 16  VAL n 
1 17  ALA n 
1 18  ALA n 
1 19  ALA n 
1 20  GLU n 
1 21  LYS n 
1 22  THR n 
1 23  LYS n 
1 24  GLN n 
1 25  GLY n 
1 26  VAL n 
1 27  ALA n 
1 28  GLU n 
1 29  ALA n 
1 30  ALA n 
1 31  GLY n 
1 32  LYS n 
1 33  THR n 
1 34  LYS n 
1 35  GLU n 
1 36  GLY n 
1 37  VAL n 
1 38  LEU n 
1 39  TYR n 
1 40  VAL n 
1 41  GLY n 
1 42  SER n 
1 43  LYS n 
1 44  THR n 
1 45  LYS n 
1 46  GLU n 
1 47  GLY n 
1 48  VAL n 
1 49  VAL n 
1 50  HIS n 
1 51  GLY n 
1 52  VAL n 
1 53  ALA n 
1 54  THR n 
1 55  VAL n 
1 56  ALA n 
1 57  GLU n 
1 58  LYS n 
1 59  THR n 
1 60  LYS n 
1 61  GLU n 
1 62  GLN n 
1 63  VAL n 
1 64  THR n 
1 65  ASN n 
1 66  VAL n 
1 67  GLY n 
1 68  GLY n 
1 69  ALA n 
1 70  VAL n 
1 71  VAL n 
1 72  THR n 
1 73  GLY n 
1 74  VAL n 
1 75  THR n 
1 76  ALA n 
1 77  VAL n 
1 78  ALA n 
1 79  GLN n 
1 80  LYS n 
1 81  THR n 
1 82  VAL n 
1 83  GLU n 
1 84  GLY n 
1 85  ALA n 
1 86  GLY n 
1 87  SER n 
1 88  ILE n 
1 89  ALA n 
1 90  ALA n 
1 91  ALA n 
1 92  THR n 
1 93  GLY n 
1 94  PHE n 
1 95  VAL n 
1 96  LYS n 
1 97  LYS n 
1 98  ASP n 
1 99  GLN n 
1 100 LEU n 
1 101 GLY n 
1 102 LYS n 
1 103 ASN n 
1 104 GLU n 
1 105 GLU n 
1 106 GLY n 
1 107 ALA n 
1 108 PRO n 
1 109 GLN n 
1 110 GLU n 
1 111 GLY n 
1 112 ILE n 
1 113 LEU n 
1 114 GLU n 
1 115 ASP n 
1 116 MET n 
1 117 PRO n 
1 118 VAL n 
1 119 ASP n 
1 120 PRO n 
1 121 ASP n 
1 122 ASN n 
1 123 GLU n 
1 124 ALA n 
1 125 TYR n 
1 126 GLU n 
1 127 MET n 
1 128 PRO n 
1 129 SER n 
1 130 GLU n 
1 131 GLU n 
1 132 GLY n 
1 133 TYR n 
1 134 GLN n 
1 135 ASP n 
1 136 TYR n 
1 137 GLU n 
1 138 PRO n 
1 139 GLU n 
1 140 ALA n 
2 1   UNK n 
2 2   UNK n 
2 3   UNK n 
2 4   UNK n 
2 5   UNK n 
2 6   UNK n 
2 7   UNK n 
2 8   UNK n 
2 9   UNK n 
# 
loop_
_entity_src_nat.entity_id 
_entity_src_nat.pdbx_src_id 
_entity_src_nat.pdbx_alt_source_flag 
_entity_src_nat.pdbx_beg_seq_num 
_entity_src_nat.pdbx_end_seq_num 
_entity_src_nat.common_name 
_entity_src_nat.pdbx_organism_scientific 
_entity_src_nat.pdbx_ncbi_taxonomy_id 
_entity_src_nat.genus 
_entity_src_nat.species 
_entity_src_nat.strain 
_entity_src_nat.tissue 
_entity_src_nat.tissue_fraction 
_entity_src_nat.pdbx_secretion 
_entity_src_nat.pdbx_fragment 
_entity_src_nat.pdbx_variant 
_entity_src_nat.pdbx_cell_line 
_entity_src_nat.pdbx_atcc 
_entity_src_nat.pdbx_cellular_location 
_entity_src_nat.pdbx_organ 
_entity_src_nat.pdbx_organelle 
_entity_src_nat.pdbx_cell 
_entity_src_nat.pdbx_plasmid_name 
_entity_src_nat.pdbx_plasmid_details 
_entity_src_nat.details 
1 1 sample 1 140 human 'Homo sapiens' 9606 ? ? ? ? ? ? ? ? ? ? ? ? ? ? ? ? ? 
2 1 sample 1 9   Human 'Homo sapiens' 9606 ? ? ? ? ? ? ? ? ? ? ? ? ? ? ? ? ? 
# 
loop_
_chem_comp.id 
_chem_comp.type 
_chem_comp.mon_nstd_flag 
_chem_comp.name 
_chem_comp.pdbx_synonyms 
_chem_comp.formula 
_chem_comp.formula_weight 
ALA 'L-peptide linking' y ALANINE         ? 'C3 H7 N O2'     89.093  
ASN 'L-peptide linking' y ASPARAGINE      ? 'C4 H8 N2 O3'    132.118 
ASP 'L-peptide linking' y 'ASPARTIC ACID' ? 'C4 H7 N O4'     133.103 
GLN 'L-peptide linking' y GLUTAMINE       ? 'C5 H10 N2 O3'   146.144 
GLU 'L-peptide linking' y 'GLUTAMIC ACID' ? 'C5 H9 N O4'     147.129 
GLY 'peptide linking'   y GLYCINE         ? 'C2 H5 N O2'     75.067  
HIS 'L-peptide linking' y HISTIDINE       ? 'C6 H10 N3 O2 1' 156.162 
HOH non-polymer         . WATER           ? 'H2 O'           18.015  
ILE 'L-peptide linking' y ISOLEUCINE      ? 'C6 H13 N O2'    131.173 
LEU 'L-peptide linking' y LEUCINE         ? 'C6 H13 N O2'    131.173 
LYS 'L-peptide linking' y LYSINE          ? 'C6 H15 N2 O2 1' 147.195 
MET 'L-peptide linking' y METHIONINE      ? 'C5 H11 N O2 S'  149.211 
PHE 'L-peptide linking' y PHENYLALANINE   ? 'C9 H11 N O2'    165.189 
PRO 'L-peptide linking' y PROLINE         ? 'C5 H9 N O2'     115.130 
SER 'L-peptide linking' y SERINE          ? 'C3 H7 N O3'     105.093 
THR 'L-peptide linking' y THREONINE       ? 'C4 H9 N O3'     119.119 
TYR 'L-peptide linking' y TYROSINE        ? 'C9 H11 N O3'    181.189 
UNK 'L-peptide linking' . UNKNOWN         ? 'C4 H9 N O2'     103.120 
VAL 'L-peptide linking' y VALINE          ? 'C5 H11 N O2'    117.146 
# 
loop_
_pdbx_poly_seq_scheme.asym_id 
_pdbx_poly_seq_scheme.entity_id 
_pdbx_poly_seq_scheme.seq_id 
_pdbx_poly_seq_scheme.mon_id 
_pdbx_poly_seq_scheme.ndb_seq_num 
_pdbx_poly_seq_scheme.pdb_seq_num 
_pdbx_poly_seq_scheme.auth_seq_num 
_pdbx_poly_seq_scheme.pdb_mon_id 
_pdbx_poly_seq_scheme.auth_mon_id 
_pdbx_poly_seq_scheme.pdb_strand_id 
_pdbx_poly_seq_scheme.pdb_ins_code 
_pdbx_poly_seq_scheme.hetero 
A 1 1   MET 1   1   ?   ?   ?   A . n 
A 1 2   ASP 2   2   ?   ?   ?   A . n 
A 1 3   VAL 3   3   ?   ?   ?   A . n 
A 1 4   PHE 4   4   ?   ?   ?   A . n 
A 1 5   MET 5   5   ?   ?   ?   A . n 
A 1 6   LYS 6   6   ?   ?   ?   A . n 
A 1 7   GLY 7   7   ?   ?   ?   A . n 
A 1 8   LEU 8   8   ?   ?   ?   A . n 
A 1 9   SER 9   9   ?   ?   ?   A . n 
A 1 10  LYS 10  10  ?   ?   ?   A . n 
A 1 11  ALA 11  11  ?   ?   ?   A . n 
A 1 12  LYS 12  12  ?   ?   ?   A . n 
A 1 13  GLU 13  13  ?   ?   ?   A . n 
A 1 14  GLY 14  14  14  GLY GLY A . n 
A 1 15  VAL 15  15  15  VAL VAL A . n 
A 1 16  VAL 16  16  16  VAL VAL A . n 
A 1 17  ALA 17  17  17  ALA ALA A . n 
A 1 18  ALA 18  18  18  ALA ALA A . n 
A 1 19  ALA 19  19  19  ALA ALA A . n 
A 1 20  GLU 20  20  20  GLU GLU A . n 
A 1 21  LYS 21  21  21  LYS LYS A . n 
A 1 22  THR 22  22  22  THR THR A . n 
A 1 23  LYS 23  23  23  LYS LYS A . n 
A 1 24  GLN 24  24  24  GLN GLN A . n 
A 1 25  GLY 25  25  25  GLY GLY A . n 
A 1 26  VAL 26  26  ?   ?   ?   A . n 
A 1 27  ALA 27  27  ?   ?   ?   A . n 
A 1 28  GLU 28  28  ?   ?   ?   A . n 
A 1 29  ALA 29  29  ?   ?   ?   A . n 
A 1 30  ALA 30  30  ?   ?   ?   A . n 
A 1 31  GLY 31  31  ?   ?   ?   A . n 
A 1 32  LYS 32  32  ?   ?   ?   A . n 
A 1 33  THR 33  33  ?   ?   ?   A . n 
A 1 34  LYS 34  34  ?   ?   ?   A . n 
A 1 35  GLU 35  35  ?   ?   ?   A . n 
A 1 36  GLY 36  36  36  GLY GLY A . n 
A 1 37  VAL 37  37  37  VAL VAL A . n 
A 1 38  LEU 38  38  38  LEU LEU A . n 
A 1 39  TYR 39  39  39  TYR TYR A . n 
A 1 40  VAL 40  40  40  VAL VAL A . n 
A 1 41  GLY 41  41  41  GLY GLY A . n 
A 1 42  SER 42  42  42  SER SER A . n 
A 1 43  LYS 43  43  43  LYS LYS A . n 
A 1 44  THR 44  44  44  THR THR A . n 
A 1 45  LYS 45  45  45  LYS LYS A . n 
A 1 46  GLU 46  46  46  GLU GLU A . n 
A 1 47  GLY 47  47  47  GLY GLY A . n 
A 1 48  VAL 48  48  48  VAL VAL A . n 
A 1 49  VAL 49  49  49  VAL VAL A . n 
A 1 50  HIS 50  50  50  HIS HIS A . n 
A 1 51  GLY 51  51  51  GLY GLY A . n 
A 1 52  VAL 52  52  52  VAL VAL A . n 
A 1 53  ALA 53  53  53  ALA ALA A . n 
A 1 54  THR 54  54  54  THR THR A . n 
A 1 55  VAL 55  55  55  VAL VAL A . n 
A 1 56  ALA 56  56  56  ALA ALA A . n 
A 1 57  GLU 57  57  57  GLU GLU A . n 
A 1 58  LYS 58  58  58  LYS LYS A . n 
A 1 59  THR 59  59  59  THR THR A . n 
A 1 60  LYS 60  60  60  LYS LYS A . n 
A 1 61  GLU 61  61  61  GLU GLU A . n 
A 1 62  GLN 62  62  62  GLN GLN A . n 
A 1 63  VAL 63  63  63  VAL VAL A . n 
A 1 64  THR 64  64  64  THR THR A . n 
A 1 65  ASN 65  65  65  ASN ASN A . n 
A 1 66  VAL 66  66  66  VAL VAL A . n 
A 1 67  GLY 67  67  67  GLY GLY A . n 
A 1 68  GLY 68  68  68  GLY GLY A . n 
A 1 69  ALA 69  69  69  ALA ALA A . n 
A 1 70  VAL 70  70  70  VAL VAL A . n 
A 1 71  VAL 71  71  71  VAL VAL A . n 
A 1 72  THR 72  72  72  THR THR A . n 
A 1 73  GLY 73  73  73  GLY GLY A . n 
A 1 74  VAL 74  74  74  VAL VAL A . n 
A 1 75  THR 75  75  75  THR THR A . n 
A 1 76  ALA 76  76  76  ALA ALA A . n 
A 1 77  VAL 77  77  77  VAL VAL A . n 
A 1 78  ALA 78  78  78  ALA ALA A . n 
A 1 79  GLN 79  79  79  GLN GLN A . n 
A 1 80  LYS 80  80  80  LYS LYS A . n 
A 1 81  THR 81  81  81  THR THR A . n 
A 1 82  VAL 82  82  82  VAL VAL A . n 
A 1 83  GLU 83  83  83  GLU GLU A . n 
A 1 84  GLY 84  84  84  GLY GLY A . n 
A 1 85  ALA 85  85  85  ALA ALA A . n 
A 1 86  GLY 86  86  86  GLY GLY A . n 
A 1 87  SER 87  87  87  SER SER A . n 
A 1 88  ILE 88  88  88  ILE ILE A . n 
A 1 89  ALA 89  89  89  ALA ALA A . n 
A 1 90  ALA 90  90  90  ALA ALA A . n 
A 1 91  ALA 91  91  91  ALA ALA A . n 
A 1 92  THR 92  92  92  THR THR A . n 
A 1 93  GLY 93  93  93  GLY GLY A . n 
A 1 94  PHE 94  94  94  PHE PHE A . n 
A 1 95  VAL 95  95  95  VAL VAL A . n 
A 1 96  LYS 96  96  96  LYS LYS A . n 
A 1 97  LYS 97  97  97  LYS LYS A . n 
A 1 98  ASP 98  98  98  ASP ASP A . n 
A 1 99  GLN 99  99  99  GLN GLN A . n 
A 1 100 LEU 100 100 100 LEU LEU A . n 
A 1 101 GLY 101 101 ?   ?   ?   A . n 
A 1 102 LYS 102 102 ?   ?   ?   A . n 
A 1 103 ASN 103 103 ?   ?   ?   A . n 
A 1 104 GLU 104 104 ?   ?   ?   A . n 
A 1 105 GLU 105 105 ?   ?   ?   A . n 
A 1 106 GLY 106 106 ?   ?   ?   A . n 
A 1 107 ALA 107 107 ?   ?   ?   A . n 
A 1 108 PRO 108 108 ?   ?   ?   A . n 
A 1 109 GLN 109 109 ?   ?   ?   A . n 
A 1 110 GLU 110 110 ?   ?   ?   A . n 
A 1 111 GLY 111 111 ?   ?   ?   A . n 
A 1 112 ILE 112 112 ?   ?   ?   A . n 
A 1 113 LEU 113 113 ?   ?   ?   A . n 
A 1 114 GLU 114 114 ?   ?   ?   A . n 
A 1 115 ASP 115 115 ?   ?   ?   A . n 
A 1 116 MET 116 116 ?   ?   ?   A . n 
A 1 117 PRO 117 117 ?   ?   ?   A . n 
A 1 118 VAL 118 118 ?   ?   ?   A . n 
A 1 119 ASP 119 119 ?   ?   ?   A . n 
A 1 120 PRO 120 120 ?   ?   ?   A . n 
A 1 121 ASP 121 121 ?   ?   ?   A . n 
A 1 122 ASN 122 122 ?   ?   ?   A . n 
A 1 123 GLU 123 123 ?   ?   ?   A . n 
A 1 124 ALA 124 124 ?   ?   ?   A . n 
A 1 125 TYR 125 125 ?   ?   ?   A . n 
A 1 126 GLU 126 126 ?   ?   ?   A . n 
A 1 127 MET 127 127 ?   ?   ?   A . n 
A 1 128 PRO 128 128 ?   ?   ?   A . n 
A 1 129 SER 129 129 ?   ?   ?   A . n 
A 1 130 GLU 130 130 ?   ?   ?   A . n 
A 1 131 GLU 131 131 ?   ?   ?   A . n 
A 1 132 GLY 132 132 ?   ?   ?   A . n 
A 1 133 TYR 133 133 ?   ?   ?   A . n 
A 1 134 GLN 134 134 ?   ?   ?   A . n 
A 1 135 ASP 135 135 ?   ?   ?   A . n 
A 1 136 TYR 136 136 ?   ?   ?   A . n 
A 1 137 GLU 137 137 ?   ?   ?   A . n 
A 1 138 PRO 138 138 ?   ?   ?   A . n 
A 1 139 GLU 139 139 ?   ?   ?   A . n 
A 1 140 ALA 140 140 ?   ?   ?   A . n 
B 1 1   MET 1   1   ?   ?   ?   C . n 
B 1 2   ASP 2   2   ?   ?   ?   C . n 
B 1 3   VAL 3   3   ?   ?   ?   C . n 
B 1 4   PHE 4   4   ?   ?   ?   C . n 
B 1 5   MET 5   5   ?   ?   ?   C . n 
B 1 6   LYS 6   6   ?   ?   ?   C . n 
B 1 7   GLY 7   7   ?   ?   ?   C . n 
B 1 8   LEU 8   8   ?   ?   ?   C . n 
B 1 9   SER 9   9   ?   ?   ?   C . n 
B 1 10  LYS 10  10  ?   ?   ?   C . n 
B 1 11  ALA 11  11  ?   ?   ?   C . n 
B 1 12  LYS 12  12  ?   ?   ?   C . n 
B 1 13  GLU 13  13  ?   ?   ?   C . n 
B 1 14  GLY 14  14  14  GLY GLY C . n 
B 1 15  VAL 15  15  15  VAL VAL C . n 
B 1 16  VAL 16  16  16  VAL VAL C . n 
B 1 17  ALA 17  17  17  ALA ALA C . n 
B 1 18  ALA 18  18  18  ALA ALA C . n 
B 1 19  ALA 19  19  19  ALA ALA C . n 
B 1 20  GLU 20  20  20  GLU GLU C . n 
B 1 21  LYS 21  21  21  LYS LYS C . n 
B 1 22  THR 22  22  22  THR THR C . n 
B 1 23  LYS 23  23  23  LYS LYS C . n 
B 1 24  GLN 24  24  24  GLN GLN C . n 
B 1 25  GLY 25  25  25  GLY GLY C . n 
B 1 26  VAL 26  26  ?   ?   ?   C . n 
B 1 27  ALA 27  27  ?   ?   ?   C . n 
B 1 28  GLU 28  28  ?   ?   ?   C . n 
B 1 29  ALA 29  29  ?   ?   ?   C . n 
B 1 30  ALA 30  30  ?   ?   ?   C . n 
B 1 31  GLY 31  31  ?   ?   ?   C . n 
B 1 32  LYS 32  32  ?   ?   ?   C . n 
B 1 33  THR 33  33  ?   ?   ?   C . n 
B 1 34  LYS 34  34  ?   ?   ?   C . n 
B 1 35  GLU 35  35  ?   ?   ?   C . n 
B 1 36  GLY 36  36  36  GLY GLY C . n 
B 1 37  VAL 37  37  37  VAL VAL C . n 
B 1 38  LEU 38  38  38  LEU LEU C . n 
B 1 39  TYR 39  39  39  TYR TYR C . n 
B 1 40  VAL 40  40  40  VAL VAL C . n 
B 1 41  GLY 41  41  41  GLY GLY C . n 
B 1 42  SER 42  42  42  SER SER C . n 
B 1 43  LYS 43  43  43  LYS LYS C . n 
B 1 44  THR 44  44  44  THR THR C . n 
B 1 45  LYS 45  45  45  LYS LYS C . n 
B 1 46  GLU 46  46  46  GLU GLU C . n 
B 1 47  GLY 47  47  47  GLY GLY C . n 
B 1 48  VAL 48  48  48  VAL VAL C . n 
B 1 49  VAL 49  49  49  VAL VAL C . n 
B 1 50  HIS 50  50  50  HIS HIS C . n 
B 1 51  GLY 51  51  51  GLY GLY C . n 
B 1 52  VAL 52  52  52  VAL VAL C . n 
B 1 53  ALA 53  53  53  ALA ALA C . n 
B 1 54  THR 54  54  54  THR THR C . n 
B 1 55  VAL 55  55  55  VAL VAL C . n 
B 1 56  ALA 56  56  56  ALA ALA C . n 
B 1 57  GLU 57  57  57  GLU GLU C . n 
B 1 58  LYS 58  58  58  LYS LYS C . n 
B 1 59  THR 59  59  59  THR THR C . n 
B 1 60  LYS 60  60  60  LYS LYS C . n 
B 1 61  GLU 61  61  61  GLU GLU C . n 
B 1 62  GLN 62  62  62  GLN GLN C . n 
B 1 63  VAL 63  63  63  VAL VAL C . n 
B 1 64  THR 64  64  64  THR THR C . n 
B 1 65  ASN 65  65  65  ASN ASN C . n 
B 1 66  VAL 66  66  66  VAL VAL C . n 
B 1 67  GLY 67  67  67  GLY GLY C . n 
B 1 68  GLY 68  68  68  GLY GLY C . n 
B 1 69  ALA 69  69  69  ALA ALA C . n 
B 1 70  VAL 70  70  70  VAL VAL C . n 
B 1 71  VAL 71  71  71  VAL VAL C . n 
B 1 72  THR 72  72  72  THR THR C . n 
B 1 73  GLY 73  73  73  GLY GLY C . n 
B 1 74  VAL 74  74  74  VAL VAL C . n 
B 1 75  THR 75  75  75  THR THR C . n 
B 1 76  ALA 76  76  76  ALA ALA C . n 
B 1 77  VAL 77  77  77  VAL VAL C . n 
B 1 78  ALA 78  78  78  ALA ALA C . n 
B 1 79  GLN 79  79  79  GLN GLN C . n 
B 1 80  LYS 80  80  80  LYS LYS C . n 
B 1 81  THR 81  81  81  THR THR C . n 
B 1 82  VAL 82  82  82  VAL VAL C . n 
B 1 83  GLU 83  83  83  GLU GLU C . n 
B 1 84  GLY 84  84  84  GLY GLY C . n 
B 1 85  ALA 85  85  85  ALA ALA C . n 
B 1 86  GLY 86  86  86  GLY GLY C . n 
B 1 87  SER 87  87  87  SER SER C . n 
B 1 88  ILE 88  88  88  ILE ILE C . n 
B 1 89  ALA 89  89  89  ALA ALA C . n 
B 1 90  ALA 90  90  90  ALA ALA C . n 
B 1 91  ALA 91  91  91  ALA ALA C . n 
B 1 92  THR 92  92  92  THR THR C . n 
B 1 93  GLY 93  93  93  GLY GLY C . n 
B 1 94  PHE 94  94  94  PHE PHE C . n 
B 1 95  VAL 95  95  95  VAL VAL C . n 
B 1 96  LYS 96  96  96  LYS LYS C . n 
B 1 97  LYS 97  97  97  LYS LYS C . n 
B 1 98  ASP 98  98  98  ASP ASP C . n 
B 1 99  GLN 99  99  99  GLN GLN C . n 
B 1 100 LEU 100 100 100 LEU LEU C . n 
B 1 101 GLY 101 101 ?   ?   ?   C . n 
B 1 102 LYS 102 102 ?   ?   ?   C . n 
B 1 103 ASN 103 103 ?   ?   ?   C . n 
B 1 104 GLU 104 104 ?   ?   ?   C . n 
B 1 105 GLU 105 105 ?   ?   ?   C . n 
B 1 106 GLY 106 106 ?   ?   ?   C . n 
B 1 107 ALA 107 107 ?   ?   ?   C . n 
B 1 108 PRO 108 108 ?   ?   ?   C . n 
B 1 109 GLN 109 109 ?   ?   ?   C . n 
B 1 110 GLU 110 110 ?   ?   ?   C . n 
B 1 111 GLY 111 111 ?   ?   ?   C . n 
B 1 112 ILE 112 112 ?   ?   ?   C . n 
B 1 113 LEU 113 113 ?   ?   ?   C . n 
B 1 114 GLU 114 114 ?   ?   ?   C . n 
B 1 115 ASP 115 115 ?   ?   ?   C . n 
B 1 116 MET 116 116 ?   ?   ?   C . n 
B 1 117 PRO 117 117 ?   ?   ?   C . n 
B 1 118 VAL 118 118 ?   ?   ?   C . n 
B 1 119 ASP 119 119 ?   ?   ?   C . n 
B 1 120 PRO 120 120 ?   ?   ?   C . n 
B 1 121 ASP 121 121 ?   ?   ?   C . n 
B 1 122 ASN 122 122 ?   ?   ?   C . n 
B 1 123 GLU 123 123 ?   ?   ?   C . n 
B 1 124 ALA 124 124 ?   ?   ?   C . n 
B 1 125 TYR 125 125 ?   ?   ?   C . n 
B 1 126 GLU 126 126 ?   ?   ?   C . n 
B 1 127 MET 127 127 ?   ?   ?   C . n 
B 1 128 PRO 128 128 ?   ?   ?   C . n 
B 1 129 SER 129 129 ?   ?   ?   C . n 
B 1 130 GLU 130 130 ?   ?   ?   C . n 
B 1 131 GLU 131 131 ?   ?   ?   C . n 
B 1 132 GLY 132 132 ?   ?   ?   C . n 
B 1 133 TYR 133 133 ?   ?   ?   C . n 
B 1 134 GLN 134 134 ?   ?   ?   C . n 
B 1 135 ASP 135 135 ?   ?   ?   C . n 
B 1 136 TYR 136 136 ?   ?   ?   C . n 
B 1 137 GLU 137 137 ?   ?   ?   C . n 
B 1 138 PRO 138 138 ?   ?   ?   C . n 
B 1 139 GLU 139 139 ?   ?   ?   C . n 
B 1 140 ALA 140 140 ?   ?   ?   C . n 
C 2 1   UNK 1   1   1   UNK ALA B . n 
C 2 2   UNK 2   2   2   UNK ALA B . n 
C 2 3   UNK 3   3   3   UNK ALA B . n 
C 2 4   UNK 4   4   4   UNK ALA B . n 
C 2 5   UNK 5   5   5   UNK ALA B . n 
C 2 6   UNK 6   6   6   UNK ALA B . n 
C 2 7   UNK 7   7   7   UNK ALA B . n 
C 2 8   UNK 8   8   8   UNK ALA B . n 
C 2 9   UNK 9   9   9   UNK ALA B . n 
D 2 1   UNK 1   1   1   UNK ALA D . n 
D 2 2   UNK 2   2   2   UNK ALA D . n 
D 2 3   UNK 3   3   3   UNK ALA D . n 
D 2 4   UNK 4   4   4   UNK ALA D . n 
D 2 5   UNK 5   5   5   UNK ALA D . n 
D 2 6   UNK 6   6   6   UNK ALA D . n 
D 2 7   UNK 7   7   7   UNK ALA D . n 
D 2 8   UNK 8   8   8   UNK ALA D . n 
D 2 9   UNK 9   9   9   UNK ALA D . n 
# 
loop_
_pdbx_nonpoly_scheme.asym_id 
_pdbx_nonpoly_scheme.entity_id 
_pdbx_nonpoly_scheme.mon_id 
_pdbx_nonpoly_scheme.ndb_seq_num 
_pdbx_nonpoly_scheme.pdb_seq_num 
_pdbx_nonpoly_scheme.auth_seq_num 
_pdbx_nonpoly_scheme.pdb_mon_id 
_pdbx_nonpoly_scheme.auth_mon_id 
_pdbx_nonpoly_scheme.pdb_strand_id 
_pdbx_nonpoly_scheme.pdb_ins_code 
E 3 HOH 1 201 4 HOH HOH A . 
E 3 HOH 2 202 1 HOH HOH A . 
E 3 HOH 3 203 2 HOH HOH A . 
E 3 HOH 4 204 5 HOH HOH A . 
E 3 HOH 5 205 3 HOH HOH A . 
F 3 HOH 1 201 7 HOH HOH C . 
F 3 HOH 2 202 8 HOH HOH C . 
F 3 HOH 3 203 9 HOH HOH C . 
F 3 HOH 4 204 6 HOH HOH C . 
# 
_software.citation_id            ? 
_software.classification         refinement 
_software.compiler_name          ? 
_software.compiler_version       ? 
_software.contact_author         ? 
_software.contact_author_email   ? 
_software.date                   ? 
_software.description            ? 
_software.dependencies           ? 
_software.hardware               ? 
_software.language               ? 
_software.location               ? 
_software.mods                   ? 
_software.name                   REFMAC 
_software.os                     ? 
_software.os_version             ? 
_software.type                   ? 
_software.version                5.8.0352 
_software.pdbx_ordinal           1 
# 
_cell.angle_alpha                  90.00 
_cell.angle_alpha_esd              ? 
_cell.angle_beta                   90.00 
_cell.angle_beta_esd               ? 
_cell.angle_gamma                  90.00 
_cell.angle_gamma_esd              ? 
_cell.entry_id                     8BQW 
_cell.details                      ? 
_cell.formula_units_Z              ? 
_cell.length_a                     1.00 
_cell.length_a_esd                 ? 
_cell.length_b                     1.00 
_cell.length_b_esd                 ? 
_cell.length_c                     1.00 
_cell.length_c_esd                 ? 
_cell.volume                       ? 
_cell.volume_esd                   ? 
_cell.Z_PDB                        ? 
_cell.reciprocal_angle_alpha       ? 
_cell.reciprocal_angle_beta        ? 
_cell.reciprocal_angle_gamma       ? 
_cell.reciprocal_angle_alpha_esd   ? 
_cell.reciprocal_angle_beta_esd    ? 
_cell.reciprocal_angle_gamma_esd   ? 
_cell.reciprocal_length_a          ? 
_cell.reciprocal_length_b          ? 
_cell.reciprocal_length_c          ? 
_cell.reciprocal_length_a_esd      ? 
_cell.reciprocal_length_b_esd      ? 
_cell.reciprocal_length_c_esd      ? 
_cell.pdbx_unique_axis             ? 
_cell.pdbx_esd_method              ? 
# 
_symmetry.entry_id                         8BQW 
_symmetry.cell_setting                     ? 
_symmetry.Int_Tables_number                1 
_symmetry.space_group_name_Hall            ? 
_symmetry.space_group_name_H-M             'P 1' 
_symmetry.pdbx_full_space_group_name_H-M   ? 
# 
_exptl.absorpt_coefficient_mu     ? 
_exptl.absorpt_correction_T_max   ? 
_exptl.absorpt_correction_T_min   ? 
_exptl.absorpt_correction_type    ? 
_exptl.absorpt_process_details    ? 
_exptl.entry_id                   8BQW 
_exptl.crystals_number            ? 
_exptl.details                    ? 
_exptl.method                     'ELECTRON MICROSCOPY' 
_exptl.method_details             ? 
# 
_refine.aniso_B[1][1]                            ? 
_refine.aniso_B[1][2]                            ? 
_refine.aniso_B[1][3]                            ? 
_refine.aniso_B[2][2]                            ? 
_refine.aniso_B[2][3]                            ? 
_refine.aniso_B[3][3]                            ? 
_refine.B_iso_max                                ? 
_refine.B_iso_mean                               52.265 
_refine.B_iso_min                                ? 
_refine.correlation_coeff_Fo_to_Fc               0.707 
_refine.correlation_coeff_Fo_to_Fc_free          ? 
_refine.details                                  'HYDROGENS HAVE BEEN ADDED IN THE RIDING POSITIONS' 
_refine.diff_density_max                         ? 
_refine.diff_density_max_esd                     ? 
_refine.diff_density_min                         ? 
_refine.diff_density_min_esd                     ? 
_refine.diff_density_rms                         ? 
_refine.diff_density_rms_esd                     ? 
_refine.entry_id                                 8BQW 
_refine.pdbx_refine_id                           'ELECTRON MICROSCOPY' 
_refine.ls_abs_structure_details                 ? 
_refine.ls_abs_structure_Flack                   ? 
_refine.ls_abs_structure_Flack_esd               ? 
_refine.ls_abs_structure_Rogers                  ? 
_refine.ls_abs_structure_Rogers_esd              ? 
_refine.ls_d_res_high                            2.30 
_refine.ls_d_res_low                             149.76 
_refine.ls_extinction_coef                       ? 
_refine.ls_extinction_coef_esd                   ? 
_refine.ls_extinction_expression                 ? 
_refine.ls_extinction_method                     ? 
_refine.ls_goodness_of_fit_all                   ? 
_refine.ls_goodness_of_fit_all_esd               ? 
_refine.ls_goodness_of_fit_obs                   ? 
_refine.ls_goodness_of_fit_obs_esd               ? 
_refine.ls_hydrogen_treatment                    ? 
_refine.ls_matrix_type                           ? 
_refine.ls_number_constraints                    ? 
_refine.ls_number_parameters                     ? 
_refine.ls_number_reflns_all                     ? 
_refine.ls_number_reflns_obs                     113357 
_refine.ls_number_reflns_R_free                  ? 
_refine.ls_number_reflns_R_work                  ? 
_refine.ls_number_restraints                     ? 
_refine.ls_percent_reflns_obs                    100.00 
_refine.ls_percent_reflns_R_free                 ? 
_refine.ls_R_factor_all                          ? 
_refine.ls_R_factor_obs                          0.46273 
_refine.ls_R_factor_R_free                       ? 
_refine.ls_R_factor_R_free_error                 ? 
_refine.ls_R_factor_R_free_error_details         ? 
_refine.ls_R_factor_R_work                       0.46273 
_refine.ls_R_Fsqd_factor_obs                     ? 
_refine.ls_R_I_factor_obs                        ? 
_refine.ls_redundancy_reflns_all                 ? 
_refine.ls_redundancy_reflns_obs                 ? 
_refine.ls_restrained_S_all                      ? 
_refine.ls_restrained_S_obs                      ? 
_refine.ls_shift_over_esd_max                    ? 
_refine.ls_shift_over_esd_mean                   ? 
_refine.ls_structure_factor_coef                 ? 
_refine.ls_weighting_details                     ? 
_refine.ls_weighting_scheme                      ? 
_refine.ls_wR_factor_all                         ? 
_refine.ls_wR_factor_obs                         ? 
_refine.ls_wR_factor_R_free                      ? 
_refine.ls_wR_factor_R_work                      ? 
_refine.occupancy_max                            ? 
_refine.occupancy_min                            ? 
_refine.solvent_model_details                    'PARAMETERS FOR MASK CACLULATION' 
_refine.solvent_model_param_bsol                 ? 
_refine.solvent_model_param_ksol                 ? 
_refine.pdbx_R_complete                          ? 
_refine.ls_R_factor_gt                           ? 
_refine.ls_goodness_of_fit_gt                    ? 
_refine.ls_goodness_of_fit_ref                   ? 
_refine.ls_shift_over_su_max                     ? 
_refine.ls_shift_over_su_max_lt                  ? 
_refine.ls_shift_over_su_mean                    ? 
_refine.ls_shift_over_su_mean_lt                 ? 
_refine.pdbx_ls_sigma_I                          ? 
_refine.pdbx_ls_sigma_F                          ? 
_refine.pdbx_ls_sigma_Fsqd                       ? 
_refine.pdbx_data_cutoff_high_absF               ? 
_refine.pdbx_data_cutoff_high_rms_absF           ? 
_refine.pdbx_data_cutoff_low_absF                ? 
_refine.pdbx_isotropic_thermal_model             ? 
_refine.pdbx_ls_cross_valid_method               ? 
_refine.pdbx_method_to_determine_struct          ? 
_refine.pdbx_starting_model                      ? 
_refine.pdbx_stereochemistry_target_values       'MAXIMUM LIKELIHOOD WITH PHASES' 
_refine.pdbx_R_Free_selection_details            ? 
_refine.pdbx_stereochem_target_val_spec_case     ? 
_refine.pdbx_overall_ESU_R                       0.110 
_refine.pdbx_overall_ESU_R_Free                  ? 
_refine.pdbx_solvent_vdw_probe_radii             ? 
_refine.pdbx_solvent_ion_probe_radii             ? 
_refine.pdbx_solvent_shrinkage_radii             ? 
_refine.pdbx_real_space_R                        ? 
_refine.pdbx_density_correlation                 ? 
_refine.pdbx_pd_number_of_powder_patterns        ? 
_refine.pdbx_pd_number_of_points                 ? 
_refine.pdbx_pd_meas_number_of_points            ? 
_refine.pdbx_pd_proc_ls_prof_R_factor            ? 
_refine.pdbx_pd_proc_ls_prof_wR_factor           ? 
_refine.pdbx_pd_Marquardt_correlation_coeff      ? 
_refine.pdbx_pd_Fsqrd_R_factor                   ? 
_refine.pdbx_pd_ls_matrix_band_width             ? 
_refine.pdbx_overall_phase_error                 ? 
_refine.pdbx_overall_SU_R_free_Cruickshank_DPI   ? 
_refine.pdbx_overall_SU_R_free_Blow_DPI          ? 
_refine.pdbx_overall_SU_R_Blow_DPI               ? 
_refine.pdbx_TLS_residual_ADP_flag               ? 
_refine.pdbx_diffrn_id                           ? 
_refine.overall_SU_B                             5.166 
_refine.overall_SU_ML                            0.121 
_refine.overall_SU_R_Cruickshank_DPI             ? 
_refine.overall_SU_R_free                        ? 
_refine.overall_FOM_free_R_set                   ? 
_refine.overall_FOM_work_R_set                   ? 
_refine.pdbx_average_fsc_overall                 ? 
_refine.pdbx_average_fsc_work                    ? 
_refine.pdbx_average_fsc_free                    ? 
# 
_refine_hist.pdbx_refine_id                   'ELECTRON MICROSCOPY' 
_refine_hist.cycle_id                         1 
_refine_hist.details                          ? 
_refine_hist.d_res_high                       . 
_refine_hist.d_res_low                        . 
_refine_hist.number_atoms_solvent             ? 
_refine_hist.number_atoms_total               1159 
_refine_hist.number_reflns_all                ? 
_refine_hist.number_reflns_obs                ? 
_refine_hist.number_reflns_R_free             ? 
_refine_hist.number_reflns_R_work             ? 
_refine_hist.R_factor_all                     ? 
_refine_hist.R_factor_obs                     ? 
_refine_hist.R_factor_R_free                  ? 
_refine_hist.R_factor_R_work                  ? 
_refine_hist.pdbx_number_residues_total       ? 
_refine_hist.pdbx_B_iso_mean_ligand           ? 
_refine_hist.pdbx_B_iso_mean_solvent          ? 
_refine_hist.pdbx_number_atoms_protein        ? 
_refine_hist.pdbx_number_atoms_nucleic_acid   ? 
_refine_hist.pdbx_number_atoms_ligand         ? 
_refine_hist.pdbx_number_atoms_lipid          ? 
_refine_hist.pdbx_number_atoms_carb           ? 
_refine_hist.pdbx_pseudo_atom_details         ? 
# 
loop_
_refine_ls_restr.pdbx_refine_id 
_refine_ls_restr.criterion 
_refine_ls_restr.dev_ideal 
_refine_ls_restr.dev_ideal_target 
_refine_ls_restr.number 
_refine_ls_restr.rejects 
_refine_ls_restr.type 
_refine_ls_restr.weight 
_refine_ls_restr.pdbx_restraint_function 
'ELECTRON MICROSCOPY' ? 0.003 0.012  1150 ? r_bond_refined_d             ? ? 
'ELECTRON MICROSCOPY' ? 0.000 0.016  1176 ? r_bond_other_d               ? ? 
'ELECTRON MICROSCOPY' ? 0.783 1.630  1550 ? r_angle_refined_deg          ? ? 
'ELECTRON MICROSCOPY' ? 0.284 1.575  2708 ? r_angle_other_deg            ? ? 
'ELECTRON MICROSCOPY' ? 6.289 5.000  166  ? r_dihedral_angle_1_deg       ? ? 
'ELECTRON MICROSCOPY' ? ?     ?      ?    ? r_dihedral_angle_2_deg       ? ? 
'ELECTRON MICROSCOPY' ? 8.423 10.000 184  ? r_dihedral_angle_3_deg       ? ? 
'ELECTRON MICROSCOPY' ? ?     ?      ?    ? r_dihedral_angle_4_deg       ? ? 
'ELECTRON MICROSCOPY' ? 0.034 0.200  204  ? r_chiral_restr               ? ? 
'ELECTRON MICROSCOPY' ? 0.003 0.020  1292 ? r_gen_planes_refined         ? ? 
'ELECTRON MICROSCOPY' ? 0.001 0.020  188  ? r_gen_planes_other           ? ? 
'ELECTRON MICROSCOPY' ? ?     ?      ?    ? r_nbd_refined                ? ? 
'ELECTRON MICROSCOPY' ? ?     ?      ?    ? r_nbd_other                  ? ? 
'ELECTRON MICROSCOPY' ? ?     ?      ?    ? r_nbtor_refined              ? ? 
'ELECTRON MICROSCOPY' ? ?     ?      ?    ? r_nbtor_other                ? ? 
'ELECTRON MICROSCOPY' ? ?     ?      ?    ? r_xyhbond_nbd_refined        ? ? 
'ELECTRON MICROSCOPY' ? ?     ?      ?    ? r_xyhbond_nbd_other          ? ? 
'ELECTRON MICROSCOPY' ? ?     ?      ?    ? r_metal_ion_refined          ? ? 
'ELECTRON MICROSCOPY' ? ?     ?      ?    ? r_metal_ion_other            ? ? 
'ELECTRON MICROSCOPY' ? ?     ?      ?    ? r_symmetry_vdw_refined       ? ? 
'ELECTRON MICROSCOPY' ? ?     ?      ?    ? r_symmetry_vdw_other         ? ? 
'ELECTRON MICROSCOPY' ? ?     ?      ?    ? r_symmetry_hbond_refined     ? ? 
'ELECTRON MICROSCOPY' ? ?     ?      ?    ? r_symmetry_hbond_other       ? ? 
'ELECTRON MICROSCOPY' ? ?     ?      ?    ? r_symmetry_metal_ion_refined ? ? 
'ELECTRON MICROSCOPY' ? ?     ?      ?    ? r_symmetry_metal_ion_other   ? ? 
'ELECTRON MICROSCOPY' ? 2.433 5.258  682  ? r_mcbond_it                  ? ? 
'ELECTRON MICROSCOPY' ? 2.433 5.258  682  ? r_mcbond_other               ? ? 
'ELECTRON MICROSCOPY' ? 4.112 7.802  842  ? r_mcangle_it                 ? ? 
'ELECTRON MICROSCOPY' ? 4.110 7.821  843  ? r_mcangle_other              ? ? 
'ELECTRON MICROSCOPY' ? 2.918 5.350  468  ? r_scbond_it                  ? ? 
'ELECTRON MICROSCOPY' ? 2.915 5.372  469  ? r_scbond_other               ? ? 
'ELECTRON MICROSCOPY' ? ?     ?      ?    ? r_scangle_it                 ? ? 
'ELECTRON MICROSCOPY' ? 4.992 7.921  709  ? r_scangle_other              ? ? 
'ELECTRON MICROSCOPY' ? 8.809 58.200 1016 ? r_long_range_B_refined       ? ? 
'ELECTRON MICROSCOPY' ? 8.805 58.373 1017 ? r_long_range_B_other         ? ? 
'ELECTRON MICROSCOPY' ? ?     ?      ?    ? r_rigid_bond_restr           ? ? 
'ELECTRON MICROSCOPY' ? ?     ?      ?    ? r_sphericity_free            ? ? 
'ELECTRON MICROSCOPY' ? ?     ?      ?    ? r_sphericity_bonded          ? ? 
# 
_refine_ls_shell.pdbx_refine_id                   'ELECTRON MICROSCOPY' 
_refine_ls_shell.d_res_high                       2.300 
_refine_ls_shell.d_res_low                        2.360 
_refine_ls_shell.number_reflns_all                ? 
_refine_ls_shell.number_reflns_obs                ? 
_refine_ls_shell.number_reflns_R_free             0 
_refine_ls_shell.number_reflns_R_work             8333 
_refine_ls_shell.percent_reflns_obs               100.00 
_refine_ls_shell.percent_reflns_R_free            ? 
_refine_ls_shell.R_factor_all                     ? 
_refine_ls_shell.R_factor_obs                     ? 
_refine_ls_shell.R_factor_R_free_error            ? 
_refine_ls_shell.R_factor_R_work                  1.066 
_refine_ls_shell.redundancy_reflns_all            ? 
_refine_ls_shell.redundancy_reflns_obs            ? 
_refine_ls_shell.wR_factor_all                    ? 
_refine_ls_shell.wR_factor_obs                    ? 
_refine_ls_shell.wR_factor_R_free                 ? 
_refine_ls_shell.wR_factor_R_work                 ? 
_refine_ls_shell.pdbx_R_complete                  ? 
_refine_ls_shell.pdbx_total_number_of_bins_used   20 
_refine_ls_shell.pdbx_phase_error                 ? 
_refine_ls_shell.pdbx_fsc_work                    ? 
_refine_ls_shell.pdbx_fsc_free                    ? 
_refine_ls_shell.R_factor_R_free                  0.000 
# 
loop_
_struct_ncs_oper.id 
_struct_ncs_oper.code 
_struct_ncs_oper.details 
_struct_ncs_oper.matrix[1][1] 
_struct_ncs_oper.matrix[1][2] 
_struct_ncs_oper.matrix[1][3] 
_struct_ncs_oper.matrix[2][1] 
_struct_ncs_oper.matrix[2][2] 
_struct_ncs_oper.matrix[2][3] 
_struct_ncs_oper.matrix[3][1] 
_struct_ncs_oper.matrix[3][2] 
_struct_ncs_oper.matrix[3][3] 
_struct_ncs_oper.vector[1] 
_struct_ncs_oper.vector[2] 
_struct_ncs_oper.vector[3] 
1 given    ? 1.000000   0.000000    0.000000    0.000000    1.000000   0.000000    0.000000    0.000000    1.000000   0.00000  0.00000  0.00000  
2 generate ? 0.99991556 0.01065377  0.00744163  -0.01050529 0.99975047 -0.01971371 -0.00764980 0.01963386  0.99977797 -3.97477 -1.51675 2.13341  
3 generate ? 0.99991556 -0.01050529 -0.00764980 0.01065377  0.99975047 0.01963386  0.00744163  -0.01971371 0.99977797 3.97483  1.51682  -2.13326  
# 
_struct.entry_id                     8BQW 
_struct.title                        'Cryo-EM structure of alpha-synuclein filaments doublet from Juvenile-onset synucleinopathy' 
_struct.pdbx_model_details           ? 
_struct.pdbx_formula_weight          ? 
_struct.pdbx_formula_weight_method   ? 
_struct.pdbx_model_type_details      ? 
_struct.pdbx_CASP_flag               N 
# 
_struct_keywords.entry_id        8BQW 
_struct_keywords.text            
'alpha-synuclein, amyloid, fibril, insertion, juvenile-onset synucleinopathy (JOS), synucleinopathy, PROTEIN FIBRIL' 
_struct_keywords.pdbx_keywords   'PROTEIN FIBRIL' 
# 
loop_
_struct_asym.id 
_struct_asym.pdbx_blank_PDB_chainid_flag 
_struct_asym.pdbx_modified 
_struct_asym.entity_id 
_struct_asym.details 
A N N 1 ? 
B N N 1 ? 
C N N 2 ? 
D N N 2 ? 
E N N 3 ? 
F N N 3 ? 
# 
loop_
_struct_ref.id 
_struct_ref.db_name 
_struct_ref.db_code 
_struct_ref.pdbx_db_accession 
_struct_ref.pdbx_db_isoform 
_struct_ref.entity_id 
_struct_ref.pdbx_seq_one_letter_code 
_struct_ref.pdbx_align_begin 
1 UNP SYUA_HUMAN P37840 ? 1 
;MDVFMKGLSKAKEGVVAAAEKTKQGVAEAAGKTKEGVLYVGSKTKEGVVHGVATVAEKTKEQVTNVGGAVVTGVTAVAQK
TVEGAGSIAAATGFVKKDQLGKNEEGAPQEGILEDMPVDPDNEAYEMPSEEGYQDYEPEA
;
1 
2 PDB 8BQW       8BQW   ? 2 ? 1 
# 
loop_
_struct_ref_seq.align_id 
_struct_ref_seq.ref_id 
_struct_ref_seq.pdbx_PDB_id_code 
_struct_ref_seq.pdbx_strand_id 
_struct_ref_seq.seq_align_beg 
_struct_ref_seq.pdbx_seq_align_beg_ins_code 
_struct_ref_seq.seq_align_end 
_struct_ref_seq.pdbx_seq_align_end_ins_code 
_struct_ref_seq.pdbx_db_accession 
_struct_ref_seq.db_align_beg 
_struct_ref_seq.pdbx_db_align_beg_ins_code 
_struct_ref_seq.db_align_end 
_struct_ref_seq.pdbx_db_align_end_ins_code 
_struct_ref_seq.pdbx_auth_seq_align_beg 
_struct_ref_seq.pdbx_auth_seq_align_end 
1 1 8BQW A 1 ? 140 ? P37840 1 ? 140 ? 1 140 
2 1 8BQW C 1 ? 140 ? P37840 1 ? 140 ? 1 140 
3 2 8BQW B 1 ? 9   ? 8BQW   1 ? 9   ? 1 9   
4 2 8BQW D 1 ? 9   ? 8BQW   1 ? 9   ? 1 9   
# 
_pdbx_struct_assembly.id                   1 
_pdbx_struct_assembly.details              author_defined_assembly 
_pdbx_struct_assembly.method_details       ? 
_pdbx_struct_assembly.oligomeric_details   Eicosameric 
_pdbx_struct_assembly.oligomeric_count     20 
# 
_pdbx_struct_assembly_gen.assembly_id       1 
_pdbx_struct_assembly_gen.oper_expression   1,2,3,4,5 
_pdbx_struct_assembly_gen.asym_id_list      A,B,C,D,E,F 
# 
_pdbx_struct_assembly_auth_evidence.id                     1 
_pdbx_struct_assembly_auth_evidence.assembly_id            1 
_pdbx_struct_assembly_auth_evidence.experimental_support   'electron microscopy' 
_pdbx_struct_assembly_auth_evidence.details                ? 
# 
loop_
_pdbx_struct_oper_list.id 
_pdbx_struct_oper_list.type 
_pdbx_struct_oper_list.name 
_pdbx_struct_oper_list.symmetry_operation 
_pdbx_struct_oper_list.matrix[1][1] 
_pdbx_struct_oper_list.matrix[1][2] 
_pdbx_struct_oper_list.matrix[1][3] 
_pdbx_struct_oper_list.vector[1] 
_pdbx_struct_oper_list.matrix[2][1] 
_pdbx_struct_oper_list.matrix[2][2] 
_pdbx_struct_oper_list.matrix[2][3] 
_pdbx_struct_oper_list.vector[2] 
_pdbx_struct_oper_list.matrix[3][1] 
_pdbx_struct_oper_list.matrix[3][2] 
_pdbx_struct_oper_list.matrix[3][3] 
_pdbx_struct_oper_list.vector[3] 
1 'point symmetry operation' ?     ?     0.99977370 0.01751261  0.01206983  -7.86681 -0.01711473 0.99933130 -0.03230363 -3.00457 -0.01262769 0.03208967  0.99940499 4.22385  
2 'point symmetry operation' ?     ?     0.99994350 0.00870830  0.00610602  -3.93340 -0.00860896 0.99983305 -0.01612837 -1.50229 -0.00624530 0.01607495  0.99985145 2.11194  
3 'identity operation'       1_555 x,y,z 1          0           0           0        0           1          0           0        0           0           1          0        
4 'point symmetry operation' ?     ?     0.99994350 -0.00860896 -0.00624530 3.93343  0.00870830  0.99983305 0.01607495  1.50240  0.00610602  -0.01612837 0.99985145 -2.11180 
5 'point symmetry operation' ?     ?     0.99977370 -0.01711473 -0.01262769 7.86695  0.01751261  0.99933130 0.03208967  3.00472  0.01206983  -0.03230363 0.99940499 -4.22348  
# 
_em_3d_fitting.id                1 
_em_3d_fitting.entry_id          8BQW 
_em_3d_fitting.method            ? 
_em_3d_fitting.target_criteria   ? 
_em_3d_fitting.details           servalcat 
_em_3d_fitting.overall_b_value   ? 
_em_3d_fitting.ref_space         ? 
_em_3d_fitting.ref_protocol      ? 
# 
_em_3d_reconstruction.entry_id                    8BQW 
_em_3d_reconstruction.id                          1 
_em_3d_reconstruction.method                      ? 
_em_3d_reconstruction.algorithm                   ? 
_em_3d_reconstruction.citation_id                 ? 
_em_3d_reconstruction.details                     ? 
_em_3d_reconstruction.resolution                  2.3 
_em_3d_reconstruction.resolution_method           'FSC 0.143 CUT-OFF' 
_em_3d_reconstruction.magnification_calibration   ? 
_em_3d_reconstruction.nominal_pixel_size          ? 
_em_3d_reconstruction.actual_pixel_size           ? 
_em_3d_reconstruction.num_particles               45038 
_em_3d_reconstruction.euler_angles_details        ? 
_em_3d_reconstruction.num_class_averages          ? 
_em_3d_reconstruction.refinement_type             ? 
_em_3d_reconstruction.image_processing_id         1 
_em_3d_reconstruction.symmetry_type               HELICAL 
# 
_em_buffer.id            1 
_em_buffer.specimen_id   1 
_em_buffer.name          ? 
_em_buffer.details       ? 
_em_buffer.pH            7.5 
# 
_em_entity_assembly.id                   1 
_em_entity_assembly.parent_id            0 
_em_entity_assembly.source               NATURAL 
_em_entity_assembly.type                 TISSUE 
_em_entity_assembly.name                 'Alpha-synuclein doublet filament extracted from the human brain with JOS' 
_em_entity_assembly.details              ? 
_em_entity_assembly.synonym              ? 
_em_entity_assembly.oligomeric_details   ? 
_em_entity_assembly.entity_id_list       1,2 
# 
_em_imaging.entry_id                        8BQW 
_em_imaging.id                              1 
_em_imaging.astigmatism                     ? 
_em_imaging.electron_beam_tilt_params       ? 
_em_imaging.residual_tilt                   ? 
_em_imaging.microscope_model                'FEI TITAN KRIOS' 
_em_imaging.specimen_holder_type            ? 
_em_imaging.specimen_holder_model           ? 
_em_imaging.details                         ? 
_em_imaging.date                            ? 
_em_imaging.accelerating_voltage            300 
_em_imaging.illumination_mode               'FLOOD BEAM' 
_em_imaging.mode                            'BRIGHT FIELD' 
_em_imaging.nominal_cs                      ? 
_em_imaging.nominal_defocus_min             600 
_em_imaging.nominal_defocus_max             1400 
_em_imaging.calibrated_defocus_min          ? 
_em_imaging.calibrated_defocus_max          ? 
_em_imaging.tilt_angle_min                  ? 
_em_imaging.tilt_angle_max                  ? 
_em_imaging.nominal_magnification           ? 
_em_imaging.calibrated_magnification        ? 
_em_imaging.electron_source                 'FIELD EMISSION GUN' 
_em_imaging.citation_id                     ? 
_em_imaging.temperature                     ? 
_em_imaging.detector_distance               ? 
_em_imaging.recording_temperature_minimum   ? 
_em_imaging.recording_temperature_maximum   ? 
_em_imaging.alignment_procedure             ? 
_em_imaging.c2_aperture_diameter            ? 
_em_imaging.specimen_id                     1 
_em_imaging.cryogen                         ? 
# 
_em_vitrification.entry_id              8BQW 
_em_vitrification.id                    1 
_em_vitrification.specimen_id           1 
_em_vitrification.cryogen_name          ETHANE 
_em_vitrification.humidity              ? 
_em_vitrification.temp                  ? 
_em_vitrification.chamber_temperature   ? 
_em_vitrification.instrument            ? 
_em_vitrification.method                ? 
_em_vitrification.time_resolved_state   ? 
_em_vitrification.citation_id           ? 
_em_vitrification.details               ? 
# 
_em_experiment.entry_id                8BQW 
_em_experiment.id                      1 
_em_experiment.reconstruction_method   HELICAL 
_em_experiment.aggregation_state       FILAMENT 
_em_experiment.entity_assembly_id      1 
# 
loop_
_pdbx_unobs_or_zero_occ_residues.id 
_pdbx_unobs_or_zero_occ_residues.PDB_model_num 
_pdbx_unobs_or_zero_occ_residues.polymer_flag 
_pdbx_unobs_or_zero_occ_residues.occupancy_flag 
_pdbx_unobs_or_zero_occ_residues.auth_asym_id 
_pdbx_unobs_or_zero_occ_residues.auth_comp_id 
_pdbx_unobs_or_zero_occ_residues.auth_seq_id 
_pdbx_unobs_or_zero_occ_residues.PDB_ins_code 
_pdbx_unobs_or_zero_occ_residues.label_asym_id 
_pdbx_unobs_or_zero_occ_residues.label_comp_id 
_pdbx_unobs_or_zero_occ_residues.label_seq_id 
1   1 Y 1 A MET 1   ? A MET 1   
2   1 Y 1 A ASP 2   ? A ASP 2   
3   1 Y 1 A VAL 3   ? A VAL 3   
4   1 Y 1 A PHE 4   ? A PHE 4   
5   1 Y 1 A MET 5   ? A MET 5   
6   1 Y 1 A LYS 6   ? A LYS 6   
7   1 Y 1 A GLY 7   ? A GLY 7   
8   1 Y 1 A LEU 8   ? A LEU 8   
9   1 Y 1 A SER 9   ? A SER 9   
10  1 Y 1 A LYS 10  ? A LYS 10  
11  1 Y 1 A ALA 11  ? A ALA 11  
12  1 Y 1 A LYS 12  ? A LYS 12  
13  1 Y 1 A GLU 13  ? A GLU 13  
14  1 Y 1 A VAL 26  ? A VAL 26  
15  1 Y 1 A ALA 27  ? A ALA 27  
16  1 Y 1 A GLU 28  ? A GLU 28  
17  1 Y 1 A ALA 29  ? A ALA 29  
18  1 Y 1 A ALA 30  ? A ALA 30  
19  1 Y 1 A GLY 31  ? A GLY 31  
20  1 Y 1 A LYS 32  ? A LYS 32  
21  1 Y 1 A THR 33  ? A THR 33  
22  1 Y 1 A LYS 34  ? A LYS 34  
23  1 Y 1 A GLU 35  ? A GLU 35  
24  1 Y 1 A GLY 101 ? A GLY 101 
25  1 Y 1 A LYS 102 ? A LYS 102 
26  1 Y 1 A ASN 103 ? A ASN 103 
27  1 Y 1 A GLU 104 ? A GLU 104 
28  1 Y 1 A GLU 105 ? A GLU 105 
29  1 Y 1 A GLY 106 ? A GLY 106 
30  1 Y 1 A ALA 107 ? A ALA 107 
31  1 Y 1 A PRO 108 ? A PRO 108 
32  1 Y 1 A GLN 109 ? A GLN 109 
33  1 Y 1 A GLU 110 ? A GLU 110 
34  1 Y 1 A GLY 111 ? A GLY 111 
35  1 Y 1 A ILE 112 ? A ILE 112 
36  1 Y 1 A LEU 113 ? A LEU 113 
37  1 Y 1 A GLU 114 ? A GLU 114 
38  1 Y 1 A ASP 115 ? A ASP 115 
39  1 Y 1 A MET 116 ? A MET 116 
40  1 Y 1 A PRO 117 ? A PRO 117 
41  1 Y 1 A VAL 118 ? A VAL 118 
42  1 Y 1 A ASP 119 ? A ASP 119 
43  1 Y 1 A PRO 120 ? A PRO 120 
44  1 Y 1 A ASP 121 ? A ASP 121 
45  1 Y 1 A ASN 122 ? A ASN 122 
46  1 Y 1 A GLU 123 ? A GLU 123 
47  1 Y 1 A ALA 124 ? A ALA 124 
48  1 Y 1 A TYR 125 ? A TYR 125 
49  1 Y 1 A GLU 126 ? A GLU 126 
50  1 Y 1 A MET 127 ? A MET 127 
51  1 Y 1 A PRO 128 ? A PRO 128 
52  1 Y 1 A SER 129 ? A SER 129 
53  1 Y 1 A GLU 130 ? A GLU 130 
54  1 Y 1 A GLU 131 ? A GLU 131 
55  1 Y 1 A GLY 132 ? A GLY 132 
56  1 Y 1 A TYR 133 ? A TYR 133 
57  1 Y 1 A GLN 134 ? A GLN 134 
58  1 Y 1 A ASP 135 ? A ASP 135 
59  1 Y 1 A TYR 136 ? A TYR 136 
60  1 Y 1 A GLU 137 ? A GLU 137 
61  1 Y 1 A PRO 138 ? A PRO 138 
62  1 Y 1 A GLU 139 ? A GLU 139 
63  1 Y 1 A ALA 140 ? A ALA 140 
64  1 Y 1 C MET 1   ? B MET 1   
65  1 Y 1 C ASP 2   ? B ASP 2   
66  1 Y 1 C VAL 3   ? B VAL 3   
67  1 Y 1 C PHE 4   ? B PHE 4   
68  1 Y 1 C MET 5   ? B MET 5   
69  1 Y 1 C LYS 6   ? B LYS 6   
70  1 Y 1 C GLY 7   ? B GLY 7   
71  1 Y 1 C LEU 8   ? B LEU 8   
72  1 Y 1 C SER 9   ? B SER 9   
73  1 Y 1 C LYS 10  ? B LYS 10  
74  1 Y 1 C ALA 11  ? B ALA 11  
75  1 Y 1 C LYS 12  ? B LYS 12  
76  1 Y 1 C GLU 13  ? B GLU 13  
77  1 Y 1 C VAL 26  ? B VAL 26  
78  1 Y 1 C ALA 27  ? B ALA 27  
79  1 Y 1 C GLU 28  ? B GLU 28  
80  1 Y 1 C ALA 29  ? B ALA 29  
81  1 Y 1 C ALA 30  ? B ALA 30  
82  1 Y 1 C GLY 31  ? B GLY 31  
83  1 Y 1 C LYS 32  ? B LYS 32  
84  1 Y 1 C THR 33  ? B THR 33  
85  1 Y 1 C LYS 34  ? B LYS 34  
86  1 Y 1 C GLU 35  ? B GLU 35  
87  1 Y 1 C GLY 101 ? B GLY 101 
88  1 Y 1 C LYS 102 ? B LYS 102 
89  1 Y 1 C ASN 103 ? B ASN 103 
90  1 Y 1 C GLU 104 ? B GLU 104 
91  1 Y 1 C GLU 105 ? B GLU 105 
92  1 Y 1 C GLY 106 ? B GLY 106 
93  1 Y 1 C ALA 107 ? B ALA 107 
94  1 Y 1 C PRO 108 ? B PRO 108 
95  1 Y 1 C GLN 109 ? B GLN 109 
96  1 Y 1 C GLU 110 ? B GLU 110 
97  1 Y 1 C GLY 111 ? B GLY 111 
98  1 Y 1 C ILE 112 ? B ILE 112 
99  1 Y 1 C LEU 113 ? B LEU 113 
100 1 Y 1 C GLU 114 ? B GLU 114 
101 1 Y 1 C ASP 115 ? B ASP 115 
102 1 Y 1 C MET 116 ? B MET 116 
103 1 Y 1 C PRO 117 ? B PRO 117 
104 1 Y 1 C VAL 118 ? B VAL 118 
105 1 Y 1 C ASP 119 ? B ASP 119 
106 1 Y 1 C PRO 120 ? B PRO 120 
107 1 Y 1 C ASP 121 ? B ASP 121 
108 1 Y 1 C ASN 122 ? B ASN 122 
109 1 Y 1 C GLU 123 ? B GLU 123 
110 1 Y 1 C ALA 124 ? B ALA 124 
111 1 Y 1 C TYR 125 ? B TYR 125 
112 1 Y 1 C GLU 126 ? B GLU 126 
113 1 Y 1 C MET 127 ? B MET 127 
114 1 Y 1 C PRO 128 ? B PRO 128 
115 1 Y 1 C SER 129 ? B SER 129 
116 1 Y 1 C GLU 130 ? B GLU 130 
117 1 Y 1 C GLU 131 ? B GLU 131 
118 1 Y 1 C GLY 132 ? B GLY 132 
119 1 Y 1 C TYR 133 ? B TYR 133 
120 1 Y 1 C GLN 134 ? B GLN 134 
121 1 Y 1 C ASP 135 ? B ASP 135 
122 1 Y 1 C TYR 136 ? B TYR 136 
123 1 Y 1 C GLU 137 ? B GLU 137 
124 1 Y 1 C PRO 138 ? B PRO 138 
125 1 Y 1 C GLU 139 ? B GLU 139 
126 1 Y 1 C ALA 140 ? B ALA 140 
# 
loop_
_chem_comp_atom.comp_id 
_chem_comp_atom.atom_id 
_chem_comp_atom.type_symbol 
_chem_comp_atom.pdbx_aromatic_flag 
_chem_comp_atom.pdbx_stereo_config 
_chem_comp_atom.pdbx_ordinal 
ALA N    N N N 1   
ALA CA   C N S 2   
ALA C    C N N 3   
ALA O    O N N 4   
ALA CB   C N N 5   
ALA OXT  O N N 6   
ALA H    H N N 7   
ALA H2   H N N 8   
ALA HA   H N N 9   
ALA HB1  H N N 10  
ALA HB2  H N N 11  
ALA HB3  H N N 12  
ALA HXT  H N N 13  
ASN N    N N N 14  
ASN CA   C N S 15  
ASN C    C N N 16  
ASN O    O N N 17  
ASN CB   C N N 18  
ASN CG   C N N 19  
ASN OD1  O N N 20  
ASN ND2  N N N 21  
ASN OXT  O N N 22  
ASN H    H N N 23  
ASN H2   H N N 24  
ASN HA   H N N 25  
ASN HB2  H N N 26  
ASN HB3  H N N 27  
ASN HD21 H N N 28  
ASN HD22 H N N 29  
ASN HXT  H N N 30  
ASP N    N N N 31  
ASP CA   C N S 32  
ASP C    C N N 33  
ASP O    O N N 34  
ASP CB   C N N 35  
ASP CG   C N N 36  
ASP OD1  O N N 37  
ASP OD2  O N N 38  
ASP OXT  O N N 39  
ASP H    H N N 40  
ASP H2   H N N 41  
ASP HA   H N N 42  
ASP HB2  H N N 43  
ASP HB3  H N N 44  
ASP HD2  H N N 45  
ASP HXT  H N N 46  
GLN N    N N N 47  
GLN CA   C N S 48  
GLN C    C N N 49  
GLN O    O N N 50  
GLN CB   C N N 51  
GLN CG   C N N 52  
GLN CD   C N N 53  
GLN OE1  O N N 54  
GLN NE2  N N N 55  
GLN OXT  O N N 56  
GLN H    H N N 57  
GLN H2   H N N 58  
GLN HA   H N N 59  
GLN HB2  H N N 60  
GLN HB3  H N N 61  
GLN HG2  H N N 62  
GLN HG3  H N N 63  
GLN HE21 H N N 64  
GLN HE22 H N N 65  
GLN HXT  H N N 66  
GLU N    N N N 67  
GLU CA   C N S 68  
GLU C    C N N 69  
GLU O    O N N 70  
GLU CB   C N N 71  
GLU CG   C N N 72  
GLU CD   C N N 73  
GLU OE1  O N N 74  
GLU OE2  O N N 75  
GLU OXT  O N N 76  
GLU H    H N N 77  
GLU H2   H N N 78  
GLU HA   H N N 79  
GLU HB2  H N N 80  
GLU HB3  H N N 81  
GLU HG2  H N N 82  
GLU HG3  H N N 83  
GLU HE2  H N N 84  
GLU HXT  H N N 85  
GLY N    N N N 86  
GLY CA   C N N 87  
GLY C    C N N 88  
GLY O    O N N 89  
GLY OXT  O N N 90  
GLY H    H N N 91  
GLY H2   H N N 92  
GLY HA2  H N N 93  
GLY HA3  H N N 94  
GLY HXT  H N N 95  
HIS N    N N N 96  
HIS CA   C N S 97  
HIS C    C N N 98  
HIS O    O N N 99  
HIS CB   C N N 100 
HIS CG   C Y N 101 
HIS ND1  N Y N 102 
HIS CD2  C Y N 103 
HIS CE1  C Y N 104 
HIS NE2  N Y N 105 
HIS OXT  O N N 106 
HIS H    H N N 107 
HIS H2   H N N 108 
HIS HA   H N N 109 
HIS HB2  H N N 110 
HIS HB3  H N N 111 
HIS HD1  H N N 112 
HIS HD2  H N N 113 
HIS HE1  H N N 114 
HIS HE2  H N N 115 
HIS HXT  H N N 116 
HOH O    O N N 117 
HOH H1   H N N 118 
HOH H2   H N N 119 
ILE N    N N N 120 
ILE CA   C N S 121 
ILE C    C N N 122 
ILE O    O N N 123 
ILE CB   C N S 124 
ILE CG1  C N N 125 
ILE CG2  C N N 126 
ILE CD1  C N N 127 
ILE OXT  O N N 128 
ILE H    H N N 129 
ILE H2   H N N 130 
ILE HA   H N N 131 
ILE HB   H N N 132 
ILE HG12 H N N 133 
ILE HG13 H N N 134 
ILE HG21 H N N 135 
ILE HG22 H N N 136 
ILE HG23 H N N 137 
ILE HD11 H N N 138 
ILE HD12 H N N 139 
ILE HD13 H N N 140 
ILE HXT  H N N 141 
LEU N    N N N 142 
LEU CA   C N S 143 
LEU C    C N N 144 
LEU O    O N N 145 
LEU CB   C N N 146 
LEU CG   C N N 147 
LEU CD1  C N N 148 
LEU CD2  C N N 149 
LEU OXT  O N N 150 
LEU H    H N N 151 
LEU H2   H N N 152 
LEU HA   H N N 153 
LEU HB2  H N N 154 
LEU HB3  H N N 155 
LEU HG   H N N 156 
LEU HD11 H N N 157 
LEU HD12 H N N 158 
LEU HD13 H N N 159 
LEU HD21 H N N 160 
LEU HD22 H N N 161 
LEU HD23 H N N 162 
LEU HXT  H N N 163 
LYS N    N N N 164 
LYS CA   C N S 165 
LYS C    C N N 166 
LYS O    O N N 167 
LYS CB   C N N 168 
LYS CG   C N N 169 
LYS CD   C N N 170 
LYS CE   C N N 171 
LYS NZ   N N N 172 
LYS OXT  O N N 173 
LYS H    H N N 174 
LYS H2   H N N 175 
LYS HA   H N N 176 
LYS HB2  H N N 177 
LYS HB3  H N N 178 
LYS HG2  H N N 179 
LYS HG3  H N N 180 
LYS HD2  H N N 181 
LYS HD3  H N N 182 
LYS HE2  H N N 183 
LYS HE3  H N N 184 
LYS HZ1  H N N 185 
LYS HZ2  H N N 186 
LYS HZ3  H N N 187 
LYS HXT  H N N 188 
MET N    N N N 189 
MET CA   C N S 190 
MET C    C N N 191 
MET O    O N N 192 
MET CB   C N N 193 
MET CG   C N N 194 
MET SD   S N N 195 
MET CE   C N N 196 
MET OXT  O N N 197 
MET H    H N N 198 
MET H2   H N N 199 
MET HA   H N N 200 
MET HB2  H N N 201 
MET HB3  H N N 202 
MET HG2  H N N 203 
MET HG3  H N N 204 
MET HE1  H N N 205 
MET HE2  H N N 206 
MET HE3  H N N 207 
MET HXT  H N N 208 
PHE N    N N N 209 
PHE CA   C N S 210 
PHE C    C N N 211 
PHE O    O N N 212 
PHE CB   C N N 213 
PHE CG   C Y N 214 
PHE CD1  C Y N 215 
PHE CD2  C Y N 216 
PHE CE1  C Y N 217 
PHE CE2  C Y N 218 
PHE CZ   C Y N 219 
PHE OXT  O N N 220 
PHE H    H N N 221 
PHE H2   H N N 222 
PHE HA   H N N 223 
PHE HB2  H N N 224 
PHE HB3  H N N 225 
PHE HD1  H N N 226 
PHE HD2  H N N 227 
PHE HE1  H N N 228 
PHE HE2  H N N 229 
PHE HZ   H N N 230 
PHE HXT  H N N 231 
PRO N    N N N 232 
PRO CA   C N S 233 
PRO C    C N N 234 
PRO O    O N N 235 
PRO CB   C N N 236 
PRO CG   C N N 237 
PRO CD   C N N 238 
PRO OXT  O N N 239 
PRO H    H N N 240 
PRO HA   H N N 241 
PRO HB2  H N N 242 
PRO HB3  H N N 243 
PRO HG2  H N N 244 
PRO HG3  H N N 245 
PRO HD2  H N N 246 
PRO HD3  H N N 247 
PRO HXT  H N N 248 
SER N    N N N 249 
SER CA   C N S 250 
SER C    C N N 251 
SER O    O N N 252 
SER CB   C N N 253 
SER OG   O N N 254 
SER OXT  O N N 255 
SER H    H N N 256 
SER H2   H N N 257 
SER HA   H N N 258 
SER HB2  H N N 259 
SER HB3  H N N 260 
SER HG   H N N 261 
SER HXT  H N N 262 
THR N    N N N 263 
THR CA   C N S 264 
THR C    C N N 265 
THR O    O N N 266 
THR CB   C N R 267 
THR OG1  O N N 268 
THR CG2  C N N 269 
THR OXT  O N N 270 
THR H    H N N 271 
THR H2   H N N 272 
THR HA   H N N 273 
THR HB   H N N 274 
THR HG1  H N N 275 
THR HG21 H N N 276 
THR HG22 H N N 277 
THR HG23 H N N 278 
THR HXT  H N N 279 
TYR N    N N N 280 
TYR CA   C N S 281 
TYR C    C N N 282 
TYR O    O N N 283 
TYR CB   C N N 284 
TYR CG   C Y N 285 
TYR CD1  C Y N 286 
TYR CD2  C Y N 287 
TYR CE1  C Y N 288 
TYR CE2  C Y N 289 
TYR CZ   C Y N 290 
TYR OH   O N N 291 
TYR OXT  O N N 292 
TYR H    H N N 293 
TYR H2   H N N 294 
TYR HA   H N N 295 
TYR HB2  H N N 296 
TYR HB3  H N N 297 
TYR HD1  H N N 298 
TYR HD2  H N N 299 
TYR HE1  H N N 300 
TYR HE2  H N N 301 
TYR HH   H N N 302 
TYR HXT  H N N 303 
VAL N    N N N 304 
VAL CA   C N S 305 
VAL C    C N N 306 
VAL O    O N N 307 
VAL CB   C N N 308 
VAL CG1  C N N 309 
VAL CG2  C N N 310 
VAL OXT  O N N 311 
VAL H    H N N 312 
VAL H2   H N N 313 
VAL HA   H N N 314 
VAL HB   H N N 315 
VAL HG11 H N N 316 
VAL HG12 H N N 317 
VAL HG13 H N N 318 
VAL HG21 H N N 319 
VAL HG22 H N N 320 
VAL HG23 H N N 321 
VAL HXT  H N N 322 
# 
loop_
_chem_comp_bond.comp_id 
_chem_comp_bond.atom_id_1 
_chem_comp_bond.atom_id_2 
_chem_comp_bond.value_order 
_chem_comp_bond.pdbx_aromatic_flag 
_chem_comp_bond.pdbx_stereo_config 
_chem_comp_bond.pdbx_ordinal 
ALA N   CA   sing N N 1   
ALA N   H    sing N N 2   
ALA N   H2   sing N N 3   
ALA CA  C    sing N N 4   
ALA CA  CB   sing N N 5   
ALA CA  HA   sing N N 6   
ALA C   O    doub N N 7   
ALA C   OXT  sing N N 8   
ALA CB  HB1  sing N N 9   
ALA CB  HB2  sing N N 10  
ALA CB  HB3  sing N N 11  
ALA OXT HXT  sing N N 12  
ASN N   CA   sing N N 13  
ASN N   H    sing N N 14  
ASN N   H2   sing N N 15  
ASN CA  C    sing N N 16  
ASN CA  CB   sing N N 17  
ASN CA  HA   sing N N 18  
ASN C   O    doub N N 19  
ASN C   OXT  sing N N 20  
ASN CB  CG   sing N N 21  
ASN CB  HB2  sing N N 22  
ASN CB  HB3  sing N N 23  
ASN CG  OD1  doub N N 24  
ASN CG  ND2  sing N N 25  
ASN ND2 HD21 sing N N 26  
ASN ND2 HD22 sing N N 27  
ASN OXT HXT  sing N N 28  
ASP N   CA   sing N N 29  
ASP N   H    sing N N 30  
ASP N   H2   sing N N 31  
ASP CA  C    sing N N 32  
ASP CA  CB   sing N N 33  
ASP CA  HA   sing N N 34  
ASP C   O    doub N N 35  
ASP C   OXT  sing N N 36  
ASP CB  CG   sing N N 37  
ASP CB  HB2  sing N N 38  
ASP CB  HB3  sing N N 39  
ASP CG  OD1  doub N N 40  
ASP CG  OD2  sing N N 41  
ASP OD2 HD2  sing N N 42  
ASP OXT HXT  sing N N 43  
GLN N   CA   sing N N 44  
GLN N   H    sing N N 45  
GLN N   H2   sing N N 46  
GLN CA  C    sing N N 47  
GLN CA  CB   sing N N 48  
GLN CA  HA   sing N N 49  
GLN C   O    doub N N 50  
GLN C   OXT  sing N N 51  
GLN CB  CG   sing N N 52  
GLN CB  HB2  sing N N 53  
GLN CB  HB3  sing N N 54  
GLN CG  CD   sing N N 55  
GLN CG  HG2  sing N N 56  
GLN CG  HG3  sing N N 57  
GLN CD  OE1  doub N N 58  
GLN CD  NE2  sing N N 59  
GLN NE2 HE21 sing N N 60  
GLN NE2 HE22 sing N N 61  
GLN OXT HXT  sing N N 62  
GLU N   CA   sing N N 63  
GLU N   H    sing N N 64  
GLU N   H2   sing N N 65  
GLU CA  C    sing N N 66  
GLU CA  CB   sing N N 67  
GLU CA  HA   sing N N 68  
GLU C   O    doub N N 69  
GLU C   OXT  sing N N 70  
GLU CB  CG   sing N N 71  
GLU CB  HB2  sing N N 72  
GLU CB  HB3  sing N N 73  
GLU CG  CD   sing N N 74  
GLU CG  HG2  sing N N 75  
GLU CG  HG3  sing N N 76  
GLU CD  OE1  doub N N 77  
GLU CD  OE2  sing N N 78  
GLU OE2 HE2  sing N N 79  
GLU OXT HXT  sing N N 80  
GLY N   CA   sing N N 81  
GLY N   H    sing N N 82  
GLY N   H2   sing N N 83  
GLY CA  C    sing N N 84  
GLY CA  HA2  sing N N 85  
GLY CA  HA3  sing N N 86  
GLY C   O    doub N N 87  
GLY C   OXT  sing N N 88  
GLY OXT HXT  sing N N 89  
HIS N   CA   sing N N 90  
HIS N   H    sing N N 91  
HIS N   H2   sing N N 92  
HIS CA  C    sing N N 93  
HIS CA  CB   sing N N 94  
HIS CA  HA   sing N N 95  
HIS C   O    doub N N 96  
HIS C   OXT  sing N N 97  
HIS CB  CG   sing N N 98  
HIS CB  HB2  sing N N 99  
HIS CB  HB3  sing N N 100 
HIS CG  ND1  sing Y N 101 
HIS CG  CD2  doub Y N 102 
HIS ND1 CE1  doub Y N 103 
HIS ND1 HD1  sing N N 104 
HIS CD2 NE2  sing Y N 105 
HIS CD2 HD2  sing N N 106 
HIS CE1 NE2  sing Y N 107 
HIS CE1 HE1  sing N N 108 
HIS NE2 HE2  sing N N 109 
HIS OXT HXT  sing N N 110 
HOH O   H1   sing N N 111 
HOH O   H2   sing N N 112 
ILE N   CA   sing N N 113 
ILE N   H    sing N N 114 
ILE N   H2   sing N N 115 
ILE CA  C    sing N N 116 
ILE CA  CB   sing N N 117 
ILE CA  HA   sing N N 118 
ILE C   O    doub N N 119 
ILE C   OXT  sing N N 120 
ILE CB  CG1  sing N N 121 
ILE CB  CG2  sing N N 122 
ILE CB  HB   sing N N 123 
ILE CG1 CD1  sing N N 124 
ILE CG1 HG12 sing N N 125 
ILE CG1 HG13 sing N N 126 
ILE CG2 HG21 sing N N 127 
ILE CG2 HG22 sing N N 128 
ILE CG2 HG23 sing N N 129 
ILE CD1 HD11 sing N N 130 
ILE CD1 HD12 sing N N 131 
ILE CD1 HD13 sing N N 132 
ILE OXT HXT  sing N N 133 
LEU N   CA   sing N N 134 
LEU N   H    sing N N 135 
LEU N   H2   sing N N 136 
LEU CA  C    sing N N 137 
LEU CA  CB   sing N N 138 
LEU CA  HA   sing N N 139 
LEU C   O    doub N N 140 
LEU C   OXT  sing N N 141 
LEU CB  CG   sing N N 142 
LEU CB  HB2  sing N N 143 
LEU CB  HB3  sing N N 144 
LEU CG  CD1  sing N N 145 
LEU CG  CD2  sing N N 146 
LEU CG  HG   sing N N 147 
LEU CD1 HD11 sing N N 148 
LEU CD1 HD12 sing N N 149 
LEU CD1 HD13 sing N N 150 
LEU CD2 HD21 sing N N 151 
LEU CD2 HD22 sing N N 152 
LEU CD2 HD23 sing N N 153 
LEU OXT HXT  sing N N 154 
LYS N   CA   sing N N 155 
LYS N   H    sing N N 156 
LYS N   H2   sing N N 157 
LYS CA  C    sing N N 158 
LYS CA  CB   sing N N 159 
LYS CA  HA   sing N N 160 
LYS C   O    doub N N 161 
LYS C   OXT  sing N N 162 
LYS CB  CG   sing N N 163 
LYS CB  HB2  sing N N 164 
LYS CB  HB3  sing N N 165 
LYS CG  CD   sing N N 166 
LYS CG  HG2  sing N N 167 
LYS CG  HG3  sing N N 168 
LYS CD  CE   sing N N 169 
LYS CD  HD2  sing N N 170 
LYS CD  HD3  sing N N 171 
LYS CE  NZ   sing N N 172 
LYS CE  HE2  sing N N 173 
LYS CE  HE3  sing N N 174 
LYS NZ  HZ1  sing N N 175 
LYS NZ  HZ2  sing N N 176 
LYS NZ  HZ3  sing N N 177 
LYS OXT HXT  sing N N 178 
MET N   CA   sing N N 179 
MET N   H    sing N N 180 
MET N   H2   sing N N 181 
MET CA  C    sing N N 182 
MET CA  CB   sing N N 183 
MET CA  HA   sing N N 184 
MET C   O    doub N N 185 
MET C   OXT  sing N N 186 
MET CB  CG   sing N N 187 
MET CB  HB2  sing N N 188 
MET CB  HB3  sing N N 189 
MET CG  SD   sing N N 190 
MET CG  HG2  sing N N 191 
MET CG  HG3  sing N N 192 
MET SD  CE   sing N N 193 
MET CE  HE1  sing N N 194 
MET CE  HE2  sing N N 195 
MET CE  HE3  sing N N 196 
MET OXT HXT  sing N N 197 
PHE N   CA   sing N N 198 
PHE N   H    sing N N 199 
PHE N   H2   sing N N 200 
PHE CA  C    sing N N 201 
PHE CA  CB   sing N N 202 
PHE CA  HA   sing N N 203 
PHE C   O    doub N N 204 
PHE C   OXT  sing N N 205 
PHE CB  CG   sing N N 206 
PHE CB  HB2  sing N N 207 
PHE CB  HB3  sing N N 208 
PHE CG  CD1  doub Y N 209 
PHE CG  CD2  sing Y N 210 
PHE CD1 CE1  sing Y N 211 
PHE CD1 HD1  sing N N 212 
PHE CD2 CE2  doub Y N 213 
PHE CD2 HD2  sing N N 214 
PHE CE1 CZ   doub Y N 215 
PHE CE1 HE1  sing N N 216 
PHE CE2 CZ   sing Y N 217 
PHE CE2 HE2  sing N N 218 
PHE CZ  HZ   sing N N 219 
PHE OXT HXT  sing N N 220 
PRO N   CA   sing N N 221 
PRO N   CD   sing N N 222 
PRO N   H    sing N N 223 
PRO CA  C    sing N N 224 
PRO CA  CB   sing N N 225 
PRO CA  HA   sing N N 226 
PRO C   O    doub N N 227 
PRO C   OXT  sing N N 228 
PRO CB  CG   sing N N 229 
PRO CB  HB2  sing N N 230 
PRO CB  HB3  sing N N 231 
PRO CG  CD   sing N N 232 
PRO CG  HG2  sing N N 233 
PRO CG  HG3  sing N N 234 
PRO CD  HD2  sing N N 235 
PRO CD  HD3  sing N N 236 
PRO OXT HXT  sing N N 237 
SER N   CA   sing N N 238 
SER N   H    sing N N 239 
SER N   H2   sing N N 240 
SER CA  C    sing N N 241 
SER CA  CB   sing N N 242 
SER CA  HA   sing N N 243 
SER C   O    doub N N 244 
SER C   OXT  sing N N 245 
SER CB  OG   sing N N 246 
SER CB  HB2  sing N N 247 
SER CB  HB3  sing N N 248 
SER OG  HG   sing N N 249 
SER OXT HXT  sing N N 250 
THR N   CA   sing N N 251 
THR N   H    sing N N 252 
THR N   H2   sing N N 253 
THR CA  C    sing N N 254 
THR CA  CB   sing N N 255 
THR CA  HA   sing N N 256 
THR C   O    doub N N 257 
THR C   OXT  sing N N 258 
THR CB  OG1  sing N N 259 
THR CB  CG2  sing N N 260 
THR CB  HB   sing N N 261 
THR OG1 HG1  sing N N 262 
THR CG2 HG21 sing N N 263 
THR CG2 HG22 sing N N 264 
THR CG2 HG23 sing N N 265 
THR OXT HXT  sing N N 266 
TYR N   CA   sing N N 267 
TYR N   H    sing N N 268 
TYR N   H2   sing N N 269 
TYR CA  C    sing N N 270 
TYR CA  CB   sing N N 271 
TYR CA  HA   sing N N 272 
TYR C   O    doub N N 273 
TYR C   OXT  sing N N 274 
TYR CB  CG   sing N N 275 
TYR CB  HB2  sing N N 276 
TYR CB  HB3  sing N N 277 
TYR CG  CD1  doub Y N 278 
TYR CG  CD2  sing Y N 279 
TYR CD1 CE1  sing Y N 280 
TYR CD1 HD1  sing N N 281 
TYR CD2 CE2  doub Y N 282 
TYR CD2 HD2  sing N N 283 
TYR CE1 CZ   doub Y N 284 
TYR CE1 HE1  sing N N 285 
TYR CE2 CZ   sing Y N 286 
TYR CE2 HE2  sing N N 287 
TYR CZ  OH   sing N N 288 
TYR OH  HH   sing N N 289 
TYR OXT HXT  sing N N 290 
VAL N   CA   sing N N 291 
VAL N   H    sing N N 292 
VAL N   H2   sing N N 293 
VAL CA  C    sing N N 294 
VAL CA  CB   sing N N 295 
VAL CA  HA   sing N N 296 
VAL C   O    doub N N 297 
VAL C   OXT  sing N N 298 
VAL CB  CG1  sing N N 299 
VAL CB  CG2  sing N N 300 
VAL CB  HB   sing N N 301 
VAL CG1 HG11 sing N N 302 
VAL CG1 HG12 sing N N 303 
VAL CG1 HG13 sing N N 304 
VAL CG2 HG21 sing N N 305 
VAL CG2 HG22 sing N N 306 
VAL CG2 HG23 sing N N 307 
VAL OXT HXT  sing N N 308 
# 
_em_admin.current_status     REL 
_em_admin.deposition_date    2023-01-18 
_em_admin.deposition_site    PDBE 
_em_admin.entry_id           8BQW 
_em_admin.last_update        2024-07-24 
_em_admin.map_release_date   2023-02-22 
_em_admin.title              'Cryo-EM structure of alpha-synuclein filaments doublet from Juvenile-onset synucleinopathy' 
# 
_em_ctf_correction.details                  ? 
_em_ctf_correction.em_image_processing_id   1 
_em_ctf_correction.id                       1 
_em_ctf_correction.type                     'PHASE FLIPPING AND AMPLITUDE CORRECTION' 
# 
_em_entity_assembly_naturalsource.cell                 ? 
_em_entity_assembly_naturalsource.cellular_location    ? 
_em_entity_assembly_naturalsource.entity_assembly_id   1 
_em_entity_assembly_naturalsource.id                   2 
_em_entity_assembly_naturalsource.ncbi_tax_id          9606 
_em_entity_assembly_naturalsource.organism             'Homo sapiens' 
_em_entity_assembly_naturalsource.organelle            ? 
_em_entity_assembly_naturalsource.organ                ? 
_em_entity_assembly_naturalsource.strain               ? 
_em_entity_assembly_naturalsource.tissue               ? 
# 
_em_helical_entity.id                             1 
_em_helical_entity.image_processing_id            1 
_em_helical_entity.details                        ? 
_em_helical_entity.axial_symmetry                 C2 
_em_helical_entity.angular_rotation_per_subunit   -1.11 
_em_helical_entity.axial_rise_per_subunit         4.71 
# 
_em_image_processing.details              ? 
_em_image_processing.id                   1 
_em_image_processing.image_recording_id   1 
# 
_em_image_recording.average_exposure_time               ? 
_em_image_recording.avg_electron_dose_per_subtomogram   ? 
_em_image_recording.avg_electron_dose_per_image         40 
_em_image_recording.details                             ? 
_em_image_recording.detector_mode                       ? 
_em_image_recording.film_or_detector_model              'FEI FALCON IV (4k x 4k)' 
_em_image_recording.id                                  1 
_em_image_recording.imaging_id                          1 
_em_image_recording.num_diffraction_images              ? 
_em_image_recording.num_grids_imaged                    ? 
_em_image_recording.num_real_images                     ? 
# 
loop_
_em_software.category 
_em_software.details 
_em_software.id 
_em_software.image_processing_id 
_em_software.fitting_id 
_em_software.imaging_id 
_em_software.name 
_em_software.version 
'PARTICLE SELECTION'            ? 1  1 ? ? RELION ?   
'IMAGE ACQUISITION'             ? 2  ? ? 1 EPU    ?   
MASKING                         ? 3  ? ? ? ?      ?   
'CTF CORRECTION'                ? 4  1 ? ? RELION ?   
'LAYERLINE INDEXING'            ? 5  ? ? ? ?      ?   
'DIFFRACTION INDEXING'          ? 6  ? ? ? ?      ?   
'MODEL FITTING'                 ? 7  ? 1 ? Coot   ?   
OTHER                           ? 8  ? ? ? ?      ?   
'INITIAL EULER ASSIGNMENT'      ? 9  1 ? ? RELION 4.0 
'FINAL EULER ASSIGNMENT'        ? 10 1 ? ? RELION ?   
CLASSIFICATION                  ? 11 1 ? ? RELION ?   
RECONSTRUCTION                  ? 12 1 ? ? RELION 4.0 
'MODEL REFINEMENT'              ? 13 ? 1 ? REFMAC ?   
'VOLUME SELECTION'              ? 14 1 1 1 ?      ?   
'SERIES ALIGNMENT'              ? 15 1 1 1 ?      ?   
'MOLECULAR REPLACEMENT'         ? 16 1 1 1 ?      ?   
'LATTICE DISTORTION CORRECTION' ? 17 1 1 1 ?      ?   
'SYMMETRY DETERMINATION'        ? 18 1 1 1 ?      ?   
'CRYSTALLOGRAPHY MERGING'       ? 19 1 1 1 ?      ?   
# 
_em_specimen.concentration           ? 
_em_specimen.details                 ? 
_em_specimen.embedding_applied       NO 
_em_specimen.experiment_id           1 
_em_specimen.id                      1 
_em_specimen.shadowing_applied       NO 
_em_specimen.staining_applied        NO 
_em_specimen.vitrification_applied   YES 
# 
loop_
_pdbx_audit_support.funding_organization 
_pdbx_audit_support.country 
_pdbx_audit_support.grant_number 
_pdbx_audit_support.ordinal 
'Medical Research Council (MRC, United Kingdom)'                                                    'United Kingdom' 
MC_UP_A025_1013         1 
'Medical Research Council (MRC, United Kingdom)'                                                    'United Kingdom' 
'MC_U105184291 to M.G.' 2 
'Alzheimers Research UK (ARUK)'                                                                     'United Kingdom' ? 3 
'National Institutes of Health/National Institute of Neurological Disorders and Stroke (NIH/NINDS)' 'United States'  ? 4 
# 
_atom_sites.entry_id                    8BQW 
_atom_sites.Cartn_transf_matrix[1][1]   ? 
_atom_sites.Cartn_transf_matrix[1][2]   ? 
_atom_sites.Cartn_transf_matrix[1][3]   ? 
_atom_sites.Cartn_transf_matrix[2][1]   ? 
_atom_sites.Cartn_transf_matrix[2][2]   ? 
_atom_sites.Cartn_transf_matrix[2][3]   ? 
_atom_sites.Cartn_transf_matrix[3][1]   ? 
_atom_sites.Cartn_transf_matrix[3][2]   ? 
_atom_sites.Cartn_transf_matrix[3][3]   ? 
_atom_sites.Cartn_transf_vector[1]      ? 
_atom_sites.Cartn_transf_vector[2]      ? 
_atom_sites.Cartn_transf_vector[3]      ? 
_atom_sites.fract_transf_matrix[1][1]   1.000000 
_atom_sites.fract_transf_matrix[1][2]   0.000000 
_atom_sites.fract_transf_matrix[1][3]   0.000000 
_atom_sites.fract_transf_matrix[2][1]   0.000000 
_atom_sites.fract_transf_matrix[2][2]   1.000000 
_atom_sites.fract_transf_matrix[2][3]   0.000000 
_atom_sites.fract_transf_matrix[3][1]   0.000000 
_atom_sites.fract_transf_matrix[3][2]   0.000000 
_atom_sites.fract_transf_matrix[3][3]   1.000000 
_atom_sites.fract_transf_vector[1]      0.00000 
_atom_sites.fract_transf_vector[2]      0.00000 
_atom_sites.fract_transf_vector[3]      0.00000 
_atom_sites.solution_primary            ? 
_atom_sites.solution_secondary          ? 
_atom_sites.solution_hydrogens          ? 
_atom_sites.special_details             ? 
# 
loop_
_atom_type.symbol 
C 
N 
O 
# 
loop_
_atom_site.group_PDB 
_atom_site.id 
_atom_site.type_symbol 
_atom_site.label_atom_id 
_atom_site.label_alt_id 
_atom_site.label_comp_id 
_atom_site.label_asym_id 
_atom_site.label_entity_id 
_atom_site.label_seq_id 
_atom_site.pdbx_PDB_ins_code 
_atom_site.Cartn_x 
_atom_site.Cartn_y 
_atom_site.Cartn_z 
_atom_site.occupancy 
_atom_site.B_iso_or_equiv 
_atom_site.pdbx_formal_charge 
_atom_site.auth_seq_id 
_atom_site.auth_comp_id 
_atom_site.auth_asym_id 
_atom_site.auth_atom_id 
_atom_site.pdbx_PDB_model_num 
ATOM   1    N N   . GLY A 1 14  ? -10.791 5.757   -21.669 1.00 61.19  ? 14  GLY A N   1 
ATOM   2    C CA  . GLY A 1 14  ? -10.028 5.523   -20.428 1.00 61.78  ? 14  GLY A CA  1 
ATOM   3    C C   . GLY A 1 14  ? -9.396  6.810   -19.906 1.00 60.14  ? 14  GLY A C   1 
ATOM   4    O O   . GLY A 1 14  ? -8.261  7.126   -20.260 1.00 63.89  ? 14  GLY A O   1 
ATOM   5    N N   . VAL A 1 15  ? -10.130 7.525   -19.040 1.00 55.12  ? 15  VAL A N   1 
ATOM   6    C CA  . VAL A 1 15  ? -9.816  8.906   -18.709 1.00 52.94  ? 15  VAL A CA  1 
ATOM   7    C C   . VAL A 1 15  ? -9.788  9.093   -17.197 1.00 48.98  ? 15  VAL A C   1 
ATOM   8    O O   . VAL A 1 15  ? -10.557 8.457   -16.481 1.00 57.20  ? 15  VAL A O   1 
ATOM   9    C CB  . VAL A 1 15  ? -10.835 9.862   -19.345 1.00 55.20  ? 15  VAL A CB  1 
ATOM   10   C CG1 . VAL A 1 15  ? -10.400 11.294  -19.159 1.00 58.48  ? 15  VAL A CG1 1 
ATOM   11   C CG2 . VAL A 1 15  ? -11.046 9.581   -20.821 1.00 55.99  ? 15  VAL A CG2 1 
ATOM   12   N N   . VAL A 1 16  ? -8.926  9.997   -16.721 1.00 42.64  ? 16  VAL A N   1 
ATOM   13   C CA  . VAL A 1 16  ? -8.753  10.183  -15.293 1.00 39.36  ? 16  VAL A CA  1 
ATOM   14   C C   . VAL A 1 16  ? -8.087  11.530  -14.997 1.00 35.10  ? 16  VAL A C   1 
ATOM   15   O O   . VAL A 1 16  ? -7.276  12.016  -15.772 1.00 34.66  ? 16  VAL A O   1 
ATOM   16   C CB  . VAL A 1 16  ? -7.945  9.009   -14.709 1.00 41.87  ? 16  VAL A CB  1 
ATOM   17   C CG1 . VAL A 1 16  ? -6.685  8.750   -15.515 1.00 45.62  ? 16  VAL A CG1 1 
ATOM   18   C CG2 . VAL A 1 16  ? -7.616  9.202   -13.233 1.00 42.72  ? 16  VAL A CG2 1 
ATOM   19   N N   . ALA A 1 17  ? -8.421  12.111  -13.842 1.00 32.90  ? 17  ALA A N   1 
ATOM   20   C CA  . ALA A 1 17  ? -7.776  13.320  -13.360 1.00 31.27  ? 17  ALA A CA  1 
ATOM   21   C C   . ALA A 1 17  ? -7.669  13.250  -11.841 1.00 30.03  ? 17  ALA A C   1 
ATOM   22   O O   . ALA A 1 17  ? -8.665  13.012  -11.172 1.00 32.51  ? 17  ALA A O   1 
ATOM   23   C CB  . ALA A 1 17  ? -8.566  14.528  -13.807 1.00 32.37  ? 17  ALA A CB  1 
ATOM   24   N N   . ALA A 1 18  ? -6.473  13.478  -11.297 1.00 31.32  ? 18  ALA A N   1 
ATOM   25   C CA  . ALA A 1 18  ? -6.217  13.193  -9.896  1.00 33.02  ? 18  ALA A CA  1 
ATOM   26   C C   . ALA A 1 18  ? -5.300  14.244  -9.282  1.00 33.36  ? 18  ALA A C   1 
ATOM   27   O O   . ALA A 1 18  ? -4.478  14.839  -9.965  1.00 35.37  ? 18  ALA A O   1 
ATOM   28   C CB  . ALA A 1 18  ? -5.626  11.812  -9.765  1.00 34.53  ? 18  ALA A CB  1 
ATOM   29   N N   . ALA A 1 19  ? -5.457  14.449  -7.975  1.00 35.74  ? 19  ALA A N   1 
ATOM   30   C CA  . ALA A 1 19  ? -4.595  15.328  -7.211  1.00 37.94  ? 19  ALA A CA  1 
ATOM   31   C C   . ALA A 1 19  ? -4.375  14.730  -5.823  1.00 41.29  ? 19  ALA A C   1 
ATOM   32   O O   . ALA A 1 19  ? -5.317  14.591  -5.050  1.00 42.38  ? 19  ALA A O   1 
ATOM   33   C CB  . ALA A 1 19  ? -5.220  16.694  -7.146  1.00 39.42  ? 19  ALA A CB  1 
ATOM   34   N N   . GLU A 1 20  ? -3.120  14.390  -5.508  1.00 45.93  ? 20  GLU A N   1 
ATOM   35   C CA  . GLU A 1 20  ? -2.800  13.579  -4.344  1.00 49.66  ? 20  GLU A CA  1 
ATOM   36   C C   . GLU A 1 20  ? -1.802  14.312  -3.457  1.00 47.00  ? 20  GLU A C   1 
ATOM   37   O O   . GLU A 1 20  ? -1.139  15.245  -3.895  1.00 51.92  ? 20  GLU A O   1 
ATOM   38   C CB  . GLU A 1 20  ? -2.252  12.223  -4.799  1.00 56.49  ? 20  GLU A CB  1 
ATOM   39   C CG  . GLU A 1 20  ? -3.261  11.408  -5.597  1.00 62.49  ? 20  GLU A CG  1 
ATOM   40   C CD  . GLU A 1 20  ? -2.754  10.099  -6.186  1.00 69.00  ? 20  GLU A CD  1 
ATOM   41   O OE1 . GLU A 1 20  ? -1.545  9.805   -6.037  1.00 69.73  ? 20  GLU A OE1 1 
ATOM   42   O OE2 . GLU A 1 20  ? -3.575  9.373   -6.799  1.00 69.15  ? 20  GLU A OE2 1 
ATOM   43   N N   . LYS A 1 21  ? -1.705  13.874  -2.202  1.00 48.49  ? 21  LYS A N   1 
ATOM   44   C CA  . LYS A 1 21  ? -0.769  14.454  -1.257  1.00 51.11  ? 21  LYS A CA  1 
ATOM   45   C C   . LYS A 1 21  ? -0.453  13.420  -0.173  1.00 52.82  ? 21  LYS A C   1 
ATOM   46   O O   . LYS A 1 21  ? -1.204  13.269  0.789   1.00 51.67  ? 21  LYS A O   1 
ATOM   47   C CB  . LYS A 1 21  ? -1.341  15.758  -0.692  1.00 50.76  ? 21  LYS A CB  1 
ATOM   48   C CG  . LYS A 1 21  ? -0.392  16.541  0.202   1.00 54.46  ? 21  LYS A CG  1 
ATOM   49   C CD  . LYS A 1 21  ? -1.065  17.645  0.986   1.00 58.68  ? 21  LYS A CD  1 
ATOM   50   C CE  . LYS A 1 21  ? -0.135  18.298  1.988   1.00 62.59  ? 21  LYS A CE  1 
ATOM   51   N NZ  . LYS A 1 21  ? -0.846  19.292  2.826   1.00 66.32  ? 21  LYS A NZ  1 
ATOM   52   N N   . THR A 1 22  ? 0.677   12.721  -0.342  1.00 55.14  ? 22  THR A N   1 
ATOM   53   C CA  . THR A 1 22  ? 1.082   11.641  0.544   1.00 56.99  ? 22  THR A CA  1 
ATOM   54   C C   . THR A 1 22  ? 2.161   12.134  1.503   1.00 56.58  ? 22  THR A C   1 
ATOM   55   O O   . THR A 1 22  ? 2.979   12.977  1.145   1.00 63.33  ? 22  THR A O   1 
ATOM   56   C CB  . THR A 1 22  ? 1.575   10.440  -0.270  1.00 60.19  ? 22  THR A CB  1 
ATOM   57   O OG1 . THR A 1 22  ? 0.531   10.054  -1.165  1.00 60.68  ? 22  THR A OG1 1 
ATOM   58   C CG2 . THR A 1 22  ? 1.970   9.260   0.593   1.00 65.52  ? 22  THR A CG2 1 
ATOM   59   N N   . LYS A 1 23  ? 2.164   11.589  2.721   1.00 59.35  ? 23  LYS A N   1 
ATOM   60   C CA  . LYS A 1 23  ? 3.164   11.932  3.718   1.00 62.82  ? 23  LYS A CA  1 
ATOM   61   C C   . LYS A 1 23  ? 3.469   10.692  4.558   1.00 65.70  ? 23  LYS A C   1 
ATOM   62   O O   . LYS A 1 23  ? 2.894   10.496  5.627   1.00 66.24  ? 23  LYS A O   1 
ATOM   63   C CB  . LYS A 1 23  ? 2.672   13.121  4.549   1.00 64.13  ? 23  LYS A CB  1 
ATOM   64   C CG  . LYS A 1 23  ? 3.663   13.648  5.579   1.00 66.82  ? 23  LYS A CG  1 
ATOM   65   C CD  . LYS A 1 23  ? 3.146   14.825  6.386   1.00 70.88  ? 23  LYS A CD  1 
ATOM   66   C CE  . LYS A 1 23  ? 2.941   16.081  5.562   1.00 72.67  ? 23  LYS A CE  1 
ATOM   67   N NZ  . LYS A 1 23  ? 2.618   17.250  6.417   1.00 75.28  ? 23  LYS A NZ  1 
ATOM   68   N N   . GLN A 1 24  ? 4.379   9.859   4.038   1.00 70.15  ? 24  GLN A N   1 
ATOM   69   C CA  . GLN A 1 24  ? 4.780   8.615   4.676   1.00 70.98  ? 24  GLN A CA  1 
ATOM   70   C C   . GLN A 1 24  ? 5.941   8.904   5.623   1.00 68.72  ? 24  GLN A C   1 
ATOM   71   O O   . GLN A 1 24  ? 7.092   8.609   5.308   1.00 70.22  ? 24  GLN A O   1 
ATOM   72   C CB  . GLN A 1 24  ? 5.155   7.596   3.598   1.00 75.73  ? 24  GLN A CB  1 
ATOM   73   C CG  . GLN A 1 24  ? 5.395   6.188   4.125   1.00 82.15  ? 24  GLN A CG  1 
ATOM   74   C CD  . GLN A 1 24  ? 5.691   5.186   3.032   1.00 87.90  ? 24  GLN A CD  1 
ATOM   75   O OE1 . GLN A 1 24  ? 5.798   3.987   3.282   1.00 90.54  ? 24  GLN A OE1 1 
ATOM   76   N NE2 . GLN A 1 24  ? 5.820   5.666   1.804   1.00 89.52  ? 24  GLN A NE2 1 
ATOM   77   N N   . GLY A 1 25  ? 5.621   9.487   6.784   1.00 68.61  ? 25  GLY A N   1 
ATOM   78   C CA  . GLY A 1 25  ? 6.622   9.876   7.765   1.00 69.77  ? 25  GLY A CA  1 
ATOM   79   C C   . GLY A 1 25  ? 7.069   8.708   8.629   1.00 67.49  ? 25  GLY A C   1 
ATOM   80   O O   . GLY A 1 25  ? 7.237   7.605   8.064   1.00 66.82  ? 25  GLY A O   1 
ATOM   81   N N   . GLY A 1 36  ? 11.132  24.807  22.783  1.00 100.86 ? 36  GLY A N   1 
ATOM   82   C CA  . GLY A 1 36  ? 10.328  26.022  23.027  1.00 100.02 ? 36  GLY A CA  1 
ATOM   83   C C   . GLY A 1 36  ? 9.815   26.640  21.728  1.00 98.44  ? 36  GLY A C   1 
ATOM   84   O O   . GLY A 1 36  ? 10.111  27.796  21.430  1.00 98.73  ? 36  GLY A O   1 
ATOM   85   N N   . VAL A 1 37  ? 9.041   25.852  20.971  1.00 94.28  ? 37  VAL A N   1 
ATOM   86   C CA  . VAL A 1 37  ? 8.456   26.298  19.715  1.00 91.11  ? 37  VAL A CA  1 
ATOM   87   C C   . VAL A 1 37  ? 7.325   27.276  20.028  1.00 85.86  ? 37  VAL A C   1 
ATOM   88   O O   . VAL A 1 37  ? 6.678   27.170  21.068  1.00 88.67  ? 37  VAL A O   1 
ATOM   89   C CB  . VAL A 1 37  ? 7.958   25.110  18.866  1.00 92.42  ? 37  VAL A CB  1 
ATOM   90   C CG1 . VAL A 1 37  ? 7.360   25.567  17.542  1.00 91.64  ? 37  VAL A CG1 1 
ATOM   91   C CG2 . VAL A 1 37  ? 9.058   24.084  18.626  1.00 94.91  ? 37  VAL A CG2 1 
ATOM   92   N N   . LEU A 1 38  ? 7.100   28.231  19.119  1.00 80.89  ? 38  LEU A N   1 
ATOM   93   C CA  . LEU A 1 38  ? 6.060   29.232  19.293  1.00 78.83  ? 38  LEU A CA  1 
ATOM   94   C C   . LEU A 1 38  ? 5.580   29.710  17.923  1.00 76.03  ? 38  LEU A C   1 
ATOM   95   O O   . LEU A 1 38  ? 6.218   30.550  17.293  1.00 75.52  ? 38  LEU A O   1 
ATOM   96   C CB  . LEU A 1 38  ? 6.622   30.373  20.148  1.00 78.88  ? 38  LEU A CB  1 
ATOM   97   C CG  . LEU A 1 38  ? 5.787   31.653  20.222  1.00 81.55  ? 38  LEU A CG  1 
ATOM   98   C CD1 . LEU A 1 38  ? 4.358   31.358  20.637  1.00 83.44  ? 38  LEU A CD1 1 
ATOM   99   C CD2 . LEU A 1 38  ? 6.418   32.647  21.186  1.00 83.20  ? 38  LEU A CD2 1 
ATOM   100  N N   . TYR A 1 39  ? 4.458   29.134  17.470  1.00 71.29  ? 39  TYR A N   1 
ATOM   101  C CA  . TYR A 1 39  ? 3.753   29.593  16.286  1.00 66.26  ? 39  TYR A CA  1 
ATOM   102  C C   . TYR A 1 39  ? 2.812   30.730  16.672  1.00 61.15  ? 39  TYR A C   1 
ATOM   103  O O   . TYR A 1 39  ? 2.056   30.600  17.631  1.00 63.91  ? 39  TYR A O   1 
ATOM   104  C CB  . TYR A 1 39  ? 2.948   28.446  15.674  1.00 68.38  ? 39  TYR A CB  1 
ATOM   105  C CG  . TYR A 1 39  ? 3.770   27.335  15.077  1.00 71.39  ? 39  TYR A CG  1 
ATOM   106  C CD1 . TYR A 1 39  ? 4.193   27.389  13.759  1.00 75.21  ? 39  TYR A CD1 1 
ATOM   107  C CD2 . TYR A 1 39  ? 4.137   26.233  15.830  1.00 75.07  ? 39  TYR A CD2 1 
ATOM   108  C CE1 . TYR A 1 39  ? 4.944   26.369  13.198  1.00 76.76  ? 39  TYR A CE1 1 
ATOM   109  C CE2 . TYR A 1 39  ? 4.888   25.204  15.286  1.00 77.08  ? 39  TYR A CE2 1 
ATOM   110  C CZ  . TYR A 1 39  ? 5.293   25.271  13.963  1.00 78.30  ? 39  TYR A CZ  1 
ATOM   111  O OH  . TYR A 1 39  ? 6.044   24.261  13.410  1.00 82.53  ? 39  TYR A OH  1 
ATOM   112  N N   . VAL A 1 40  ? 2.859   31.837  15.921  1.00 58.83  ? 40  VAL A N   1 
ATOM   113  C CA  . VAL A 1 40  ? 1.962   32.961  16.140  1.00 56.54  ? 40  VAL A CA  1 
ATOM   114  C C   . VAL A 1 40  ? 1.489   33.472  14.781  1.00 54.85  ? 40  VAL A C   1 
ATOM   115  O O   . VAL A 1 40  ? 2.258   34.089  14.051  1.00 59.06  ? 40  VAL A O   1 
ATOM   116  C CB  . VAL A 1 40  ? 2.631   34.079  16.966  1.00 55.89  ? 40  VAL A CB  1 
ATOM   117  C CG1 . VAL A 1 40  ? 1.674   35.232  17.232  1.00 54.83  ? 40  VAL A CG1 1 
ATOM   118  C CG2 . VAL A 1 40  ? 3.211   33.552  18.270  1.00 55.89  ? 40  VAL A CG2 1 
ATOM   119  N N   . GLY A 1 41  ? 0.221   33.200  14.452  1.00 52.13  ? 41  GLY A N   1 
ATOM   120  C CA  . GLY A 1 41  ? -0.360  33.606  13.184  1.00 49.00  ? 41  GLY A CA  1 
ATOM   121  C C   . GLY A 1 41  ? 0.252   32.851  12.006  1.00 47.90  ? 41  GLY A C   1 
ATOM   122  O O   . GLY A 1 41  ? 0.382   33.412  10.921  1.00 49.47  ? 41  GLY A O   1 
ATOM   123  N N   . SER A 1 42  ? 0.587   31.572  12.221  1.00 43.41  ? 42  SER A N   1 
ATOM   124  C CA  . SER A 1 42  ? 1.417   30.823  11.291  1.00 43.20  ? 42  SER A CA  1 
ATOM   125  C C   . SER A 1 42  ? 0.700   29.563  10.810  1.00 40.70  ? 42  SER A C   1 
ATOM   126  O O   . SER A 1 42  ? -0.324  29.181  11.357  1.00 44.12  ? 42  SER A O   1 
ATOM   127  C CB  . SER A 1 42  ? 2.742   30.494  11.928  1.00 44.20  ? 42  SER A CB  1 
ATOM   128  O OG  . SER A 1 42  ? 3.416   31.681  12.318  1.00 44.91  ? 42  SER A OG  1 
ATOM   129  N N   . LYS A 1 43  ? 1.256   28.940  9.766   1.00 42.45  ? 43  LYS A N   1 
ATOM   130  C CA  . LYS A 1 43  ? 0.667   27.786  9.101   1.00 45.18  ? 43  LYS A CA  1 
ATOM   131  C C   . LYS A 1 43  ? -0.802  28.057  8.755   1.00 45.96  ? 43  LYS A C   1 
ATOM   132  O O   . LYS A 1 43  ? -1.642  27.164  8.839   1.00 45.37  ? 43  LYS A O   1 
ATOM   133  C CB  . LYS A 1 43  ? 0.861   26.532  9.957   1.00 46.26  ? 43  LYS A CB  1 
ATOM   134  C CG  . LYS A 1 43  ? 2.311   26.225  10.311  1.00 50.68  ? 43  LYS A CG  1 
ATOM   135  C CD  . LYS A 1 43  ? 2.530   24.881  10.970  1.00 52.36  ? 43  LYS A CD  1 
ATOM   136  C CE  . LYS A 1 43  ? 2.789   23.772  9.973   1.00 56.31  ? 43  LYS A CE  1 
ATOM   137  N NZ  . LYS A 1 43  ? 1.640   23.522  9.070   1.00 57.94  ? 43  LYS A NZ  1 
ATOM   138  N N   . THR A 1 44  ? -1.092  29.288  8.314   1.00 46.99  ? 44  THR A N   1 
ATOM   139  C CA  . THR A 1 44  ? -2.453  29.721  8.038   1.00 47.20  ? 44  THR A CA  1 
ATOM   140  C C   . THR A 1 44  ? -2.743  29.557  6.548   1.00 46.28  ? 44  THR A C   1 
ATOM   141  O O   . THR A 1 44  ? -1.886  29.853  5.721   1.00 49.87  ? 44  THR A O   1 
ATOM   142  C CB  . THR A 1 44  ? -2.670  31.171  8.490   1.00 49.08  ? 44  THR A CB  1 
ATOM   143  O OG1 . THR A 1 44  ? -2.185  31.345  9.822   1.00 46.66  ? 44  THR A OG1 1 
ATOM   144  C CG2 . THR A 1 44  ? -4.126  31.583  8.454   1.00 54.60  ? 44  THR A CG2 1 
ATOM   145  N N   . LYS A 1 45  ? -3.946  29.064  6.226   1.00 45.40  ? 45  LYS A N   1 
ATOM   146  C CA  . LYS A 1 45  ? -4.482  29.104  4.875   1.00 45.58  ? 45  LYS A CA  1 
ATOM   147  C C   . LYS A 1 45  ? -5.585  30.159  4.810   1.00 45.48  ? 45  LYS A C   1 
ATOM   148  O O   . LYS A 1 45  ? -6.526  30.103  5.601   1.00 48.96  ? 45  LYS A O   1 
ATOM   149  C CB  . LYS A 1 45  ? -5.061  27.749  4.467   1.00 45.54  ? 45  LYS A CB  1 
ATOM   150  C CG  . LYS A 1 45  ? -4.041  26.667  4.164   1.00 46.53  ? 45  LYS A CG  1 
ATOM   151  C CD  . LYS A 1 45  ? -4.646  25.502  3.419   1.00 49.34  ? 45  LYS A CD  1 
ATOM   152  C CE  . LYS A 1 45  ? -3.644  24.405  3.130   1.00 52.91  ? 45  LYS A CE  1 
ATOM   153  N NZ  . LYS A 1 45  ? -4.207  23.384  2.215   1.00 55.71  ? 45  LYS A NZ  1 
ATOM   154  N N   . GLU A 1 46  ? -5.458  31.109  3.872   1.00 41.75  ? 46  GLU A N   1 
ATOM   155  C CA  . GLU A 1 46  ? -6.419  32.191  3.725   1.00 41.43  ? 46  GLU A CA  1 
ATOM   156  C C   . GLU A 1 46  ? -6.720  32.404  2.246   1.00 36.68  ? 46  GLU A C   1 
ATOM   157  O O   . GLU A 1 46  ? -5.881  32.916  1.516   1.00 40.95  ? 46  GLU A O   1 
ATOM   158  C CB  . GLU A 1 46  ? -5.887  33.499  4.320   1.00 44.64  ? 46  GLU A CB  1 
ATOM   159  C CG  . GLU A 1 46  ? -5.557  33.430  5.796   1.00 48.07  ? 46  GLU A CG  1 
ATOM   160  C CD  . GLU A 1 46  ? -5.179  34.764  6.426   1.00 54.80  ? 46  GLU A CD  1 
ATOM   161  O OE1 . GLU A 1 46  ? -5.027  35.757  5.679   1.00 58.74  ? 46  GLU A OE1 1 
ATOM   162  O OE2 . GLU A 1 46  ? -5.047  34.818  7.669   1.00 58.03  ? 46  GLU A OE2 1 
ATOM   163  N N   . GLY A 1 47  ? -7.925  32.030  1.811   1.00 33.44  ? 47  GLY A N   1 
ATOM   164  C CA  . GLY A 1 47  ? -8.315  32.192  0.421   1.00 30.78  ? 47  GLY A CA  1 
ATOM   165  C C   . GLY A 1 47  ? -7.584  31.199  -0.478  1.00 29.35  ? 47  GLY A C   1 
ATOM   166  O O   . GLY A 1 47  ? -6.836  31.611  -1.362  1.00 28.87  ? 47  GLY A O   1 
ATOM   167  N N   . VAL A 1 48  ? -7.802  29.898  -0.241  1.00 26.02  ? 48  VAL A N   1 
ATOM   168  C CA  . VAL A 1 48  ? -7.038  28.857  -0.905  1.00 25.39  ? 48  VAL A CA  1 
ATOM   169  C C   . VAL A 1 48  ? -7.995  27.901  -1.605  1.00 24.57  ? 48  VAL A C   1 
ATOM   170  O O   . VAL A 1 48  ? -8.979  27.469  -1.017  1.00 25.58  ? 48  VAL A O   1 
ATOM   171  C CB  . VAL A 1 48  ? -6.139  28.096  0.099   1.00 26.42  ? 48  VAL A CB  1 
ATOM   172  C CG1 . VAL A 1 48  ? -5.458  26.889  -0.532  1.00 25.38  ? 48  VAL A CG1 1 
ATOM   173  C CG2 . VAL A 1 48  ? -5.111  29.007  0.743   1.00 25.80  ? 48  VAL A CG2 1 
ATOM   174  N N   . VAL A 1 49  ? -7.673  27.547  -2.851  1.00 26.43  ? 49  VAL A N   1 
ATOM   175  C CA  . VAL A 1 49  ? -8.361  26.481  -3.566  1.00 26.24  ? 49  VAL A CA  1 
ATOM   176  C C   . VAL A 1 49  ? -7.347  25.381  -3.835  1.00 27.79  ? 49  VAL A C   1 
ATOM   177  O O   . VAL A 1 49  ? -6.283  25.640  -4.389  1.00 27.48  ? 49  VAL A O   1 
ATOM   178  C CB  . VAL A 1 49  ? -8.989  26.935  -4.895  1.00 24.87  ? 49  VAL A CB  1 
ATOM   179  C CG1 . VAL A 1 49  ? -9.615  25.757  -5.636  1.00 24.98  ? 49  VAL A CG1 1 
ATOM   180  C CG2 . VAL A 1 49  ? -10.005 28.044  -4.705  1.00 25.01  ? 49  VAL A CG2 1 
ATOM   181  N N   . HIS A 1 50  ? -7.735  24.151  -3.495  1.00 31.31  ? 50  HIS A N   1 
ATOM   182  C CA  . HIS A 1 50  ? -6.834  23.020  -3.497  1.00 32.64  ? 50  HIS A CA  1 
ATOM   183  C C   . HIS A 1 50  ? -7.595  21.809  -4.027  1.00 31.04  ? 50  HIS A C   1 
ATOM   184  O O   . HIS A 1 50  ? -8.723  21.561  -3.621  1.00 31.69  ? 50  HIS A O   1 
ATOM   185  C CB  . HIS A 1 50  ? -6.248  22.884  -2.088  1.00 39.25  ? 50  HIS A CB  1 
ATOM   186  C CG  . HIS A 1 50  ? -5.203  21.839  -1.948  1.00 47.82  ? 50  HIS A CG  1 
ATOM   187  N ND1 . HIS A 1 50  ? -5.022  21.116  -0.787  1.00 54.15  ? 50  HIS A ND1 1 
ATOM   188  C CD2 . HIS A 1 50  ? -4.263  21.417  -2.806  1.00 53.12  ? 50  HIS A CD2 1 
ATOM   189  C CE1 . HIS A 1 50  ? -4.011  20.269  -0.957  1.00 56.23  ? 50  HIS A CE1 1 
ATOM   190  N NE2 . HIS A 1 50  ? -3.533  20.437  -2.175  1.00 55.91  ? 50  HIS A NE2 1 
ATOM   191  N N   . GLY A 1 51  ? -6.986  21.080  -4.967  1.00 30.20  ? 51  GLY A N   1 
ATOM   192  C CA  . GLY A 1 51  ? -7.495  19.789  -5.387  1.00 28.08  ? 51  GLY A CA  1 
ATOM   193  C C   . GLY A 1 51  ? -8.837  19.902  -6.100  1.00 28.01  ? 51  GLY A C   1 
ATOM   194  O O   . GLY A 1 51  ? -9.870  19.606  -5.515  1.00 31.67  ? 51  GLY A O   1 
ATOM   195  N N   . VAL A 1 52  ? -8.806  20.305  -7.371  1.00 26.76  ? 52  VAL A N   1 
ATOM   196  C CA  . VAL A 1 52  ? -9.989  20.313  -8.207  1.00 26.28  ? 52  VAL A CA  1 
ATOM   197  C C   . VAL A 1 52  ? -9.723  19.420  -9.416  1.00 26.84  ? 52  VAL A C   1 
ATOM   198  O O   . VAL A 1 52  ? -8.891  19.752  -10.253 1.00 28.70  ? 52  VAL A O   1 
ATOM   199  C CB  . VAL A 1 52  ? -10.350 21.747  -8.632  1.00 26.83  ? 52  VAL A CB  1 
ATOM   200  C CG1 . VAL A 1 52  ? -11.635 21.782  -9.450  1.00 27.32  ? 52  VAL A CG1 1 
ATOM   201  C CG2 . VAL A 1 52  ? -10.435 22.685  -7.437  1.00 26.68  ? 52  VAL A CG2 1 
ATOM   202  N N   . ALA A 1 53  ? -10.437 18.290  -9.499  1.00 26.50  ? 53  ALA A N   1 
ATOM   203  C CA  . ALA A 1 53  ? -10.261 17.322  -10.571 1.00 26.15  ? 53  ALA A CA  1 
ATOM   204  C C   . ALA A 1 53  ? -11.530 17.272  -11.403 1.00 24.82  ? 53  ALA A C   1 
ATOM   205  O O   . ALA A 1 53  ? -12.611 17.187  -10.838 1.00 29.02  ? 53  ALA A O   1 
ATOM   206  C CB  . ALA A 1 53  ? -9.942  15.966  -9.995  1.00 26.46  ? 53  ALA A CB  1 
ATOM   207  N N   . THR A 1 54  ? -11.399 17.325  -12.729 1.00 24.03  ? 54  THR A N   1 
ATOM   208  C CA  . THR A 1 54  ? -12.559 17.342  -13.600 1.00 25.65  ? 54  THR A CA  1 
ATOM   209  C C   . THR A 1 54  ? -12.286 16.514  -14.853 1.00 24.94  ? 54  THR A C   1 
ATOM   210  O O   . THR A 1 54  ? -11.201 16.584  -15.417 1.00 26.88  ? 54  THR A O   1 
ATOM   211  C CB  . THR A 1 54  ? -12.944 18.783  -13.958 1.00 28.15  ? 54  THR A CB  1 
ATOM   212  O OG1 . THR A 1 54  ? -13.199 19.523  -12.760 1.00 29.82  ? 54  THR A OG1 1 
ATOM   213  C CG2 . THR A 1 54  ? -14.161 18.859  -14.851 1.00 29.61  ? 54  THR A CG2 1 
ATOM   214  N N   . VAL A 1 55  ? -13.291 15.757  -15.297 1.00 25.06  ? 55  VAL A N   1 
ATOM   215  C CA  . VAL A 1 55  ? -13.188 14.968  -16.510 1.00 25.53  ? 55  VAL A CA  1 
ATOM   216  C C   . VAL A 1 55  ? -14.443 15.156  -17.351 1.00 25.70  ? 55  VAL A C   1 
ATOM   217  O O   . VAL A 1 55  ? -15.547 15.171  -16.818 1.00 27.32  ? 55  VAL A O   1 
ATOM   218  C CB  . VAL A 1 55  ? -13.005 13.467  -16.222 1.00 26.28  ? 55  VAL A CB  1 
ATOM   219  C CG1 . VAL A 1 55  ? -12.819 12.704  -17.522 1.00 27.20  ? 55  VAL A CG1 1 
ATOM   220  C CG2 . VAL A 1 55  ? -11.856 13.191  -15.273 1.00 27.55  ? 55  VAL A CG2 1 
ATOM   221  N N   . ALA A 1 56  ? -14.249 15.239  -18.666 1.00 26.22  ? 56  ALA A N   1 
ATOM   222  C CA  . ALA A 1 56  ? -15.329 15.149  -19.627 1.00 29.15  ? 56  ALA A CA  1 
ATOM   223  C C   . ALA A 1 56  ? -14.938 14.138  -20.702 1.00 32.13  ? 56  ALA A C   1 
ATOM   224  O O   . ALA A 1 56  ? -13.841 14.227  -21.247 1.00 34.36  ? 56  ALA A O   1 
ATOM   225  C CB  . ALA A 1 56  ? -15.592 16.511  -20.212 1.00 28.68  ? 56  ALA A CB  1 
ATOM   226  N N   . GLU A 1 57  ? -15.810 13.160  -20.973 1.00 35.86  ? 57  GLU A N   1 
ATOM   227  C CA  . GLU A 1 57  ? -15.563 12.196  -22.035 1.00 40.96  ? 57  GLU A CA  1 
ATOM   228  C C   . GLU A 1 57  ? -16.796 12.092  -22.923 1.00 40.83  ? 57  GLU A C   1 
ATOM   229  O O   . GLU A 1 57  ? -17.909 11.969  -22.425 1.00 43.87  ? 57  GLU A O   1 
ATOM   230  C CB  . GLU A 1 57  ? -15.191 10.813  -21.494 1.00 45.15  ? 57  GLU A CB  1 
ATOM   231  C CG  . GLU A 1 57  ? -15.018 9.790   -22.610 1.00 51.75  ? 57  GLU A CG  1 
ATOM   232  C CD  . GLU A 1 57  ? -14.227 8.525   -22.316 1.00 58.14  ? 57  GLU A CD  1 
ATOM   233  O OE1 . GLU A 1 57  ? -13.873 8.293   -21.145 1.00 59.45  ? 57  GLU A OE1 1 
ATOM   234  O OE2 . GLU A 1 57  ? -13.961 7.767   -23.279 1.00 62.76  ? 57  GLU A OE2 1 
ATOM   235  N N   . LYS A 1 58  ? -16.572 12.136  -24.240 1.00 42.37  ? 58  LYS A N   1 
ATOM   236  C CA  . LYS A 1 58  ? -17.611 11.903  -25.229 1.00 45.95  ? 58  LYS A CA  1 
ATOM   237  C C   . LYS A 1 58  ? -18.823 12.790  -24.954 1.00 44.69  ? 58  LYS A C   1 
ATOM   238  O O   . LYS A 1 58  ? -19.958 12.389  -25.207 1.00 44.35  ? 58  LYS A O   1 
ATOM   239  C CB  . LYS A 1 58  ? -17.983 10.417  -25.268 1.00 50.41  ? 58  LYS A CB  1 
ATOM   240  C CG  . LYS A 1 58  ? -16.872 9.491   -25.746 1.00 55.79  ? 58  LYS A CG  1 
ATOM   241  C CD  . LYS A 1 58  ? -17.231 8.019   -25.649 1.00 60.21  ? 58  LYS A CD  1 
ATOM   242  C CE  . LYS A 1 58  ? -16.214 7.115   -26.313 1.00 63.53  ? 58  LYS A CE  1 
ATOM   243  N NZ  . LYS A 1 58  ? -16.602 5.689   -26.201 1.00 66.39  ? 58  LYS A NZ  1 
ATOM   244  N N   . THR A 1 59  ? -18.566 14.014  -24.475 1.00 42.25  ? 59  THR A N   1 
ATOM   245  C CA  . THR A 1 59  ? -19.615 14.993  -24.249 1.00 40.92  ? 59  THR A CA  1 
ATOM   246  C C   . THR A 1 59  ? -19.845 15.759  -25.553 1.00 40.92  ? 59  THR A C   1 
ATOM   247  O O   . THR A 1 59  ? -18.904 15.987  -26.305 1.00 42.05  ? 59  THR A O   1 
ATOM   248  C CB  . THR A 1 59  ? -19.253 15.900  -23.063 1.00 39.64  ? 59  THR A CB  1 
ATOM   249  O OG1 . THR A 1 59  ? -18.082 16.657  -23.373 1.00 38.36  ? 59  THR A OG1 1 
ATOM   250  C CG2 . THR A 1 59  ? -19.001 15.122  -21.790 1.00 41.45  ? 59  THR A CG2 1 
ATOM   251  N N   . LYS A 1 60  ? -21.098 16.150  -25.815 1.00 42.84  ? 60  LYS A N   1 
ATOM   252  C CA  . LYS A 1 60  ? -21.423 17.027  -26.929 1.00 44.56  ? 60  LYS A CA  1 
ATOM   253  C C   . LYS A 1 60  ? -22.045 18.309  -26.384 1.00 43.65  ? 60  LYS A C   1 
ATOM   254  O O   . LYS A 1 60  ? -22.871 18.261  -25.477 1.00 44.93  ? 60  LYS A O   1 
ATOM   255  C CB  . LYS A 1 60  ? -22.371 16.338  -27.914 1.00 48.12  ? 60  LYS A CB  1 
ATOM   256  C CG  . LYS A 1 60  ? -21.819 15.072  -28.553 1.00 54.62  ? 60  LYS A CG  1 
ATOM   257  C CD  . LYS A 1 60  ? -22.727 14.477  -29.610 1.00 59.21  ? 60  LYS A CD  1 
ATOM   258  C CE  . LYS A 1 60  ? -22.214 13.158  -30.149 1.00 64.80  ? 60  LYS A CE  1 
ATOM   259  N NZ  . LYS A 1 60  ? -23.048 12.662  -31.272 1.00 67.78  ? 60  LYS A NZ  1 
ATOM   260  N N   . GLU A 1 61  ? -21.638 19.449  -26.953 1.00 43.26  ? 61  GLU A N   1 
ATOM   261  C CA  . GLU A 1 61  ? -22.139 20.747  -26.540 1.00 44.58  ? 61  GLU A CA  1 
ATOM   262  C C   . GLU A 1 61  ? -22.408 21.608  -27.769 1.00 42.27  ? 61  GLU A C   1 
ATOM   263  O O   . GLU A 1 61  ? -21.562 21.707  -28.652 1.00 44.96  ? 61  GLU A O   1 
ATOM   264  C CB  . GLU A 1 61  ? -21.131 21.423  -25.614 1.00 49.71  ? 61  GLU A CB  1 
ATOM   265  C CG  . GLU A 1 61  ? -20.946 20.709  -24.293 1.00 55.50  ? 61  GLU A CG  1 
ATOM   266  C CD  . GLU A 1 61  ? -19.934 21.345  -23.354 1.00 63.15  ? 61  GLU A CD  1 
ATOM   267  O OE1 . GLU A 1 61  ? -19.516 22.498  -23.610 1.00 64.93  ? 61  GLU A OE1 1 
ATOM   268  O OE2 . GLU A 1 61  ? -19.559 20.678  -22.365 1.00 68.14  ? 61  GLU A OE2 1 
ATOM   269  N N   . GLN A 1 62  ? -23.602 22.209  -27.829 1.00 42.13  ? 62  GLN A N   1 
ATOM   270  C CA  . GLN A 1 62  ? -23.901 23.250  -28.796 1.00 42.36  ? 62  GLN A CA  1 
ATOM   271  C C   . GLN A 1 62  ? -24.357 24.495  -28.041 1.00 40.68  ? 62  GLN A C   1 
ATOM   272  O O   . GLN A 1 62  ? -25.450 24.514  -27.476 1.00 43.26  ? 62  GLN A O   1 
ATOM   273  C CB  . GLN A 1 62  ? -24.979 22.807  -29.787 1.00 46.12  ? 62  GLN A CB  1 
ATOM   274  C CG  . GLN A 1 62  ? -24.610 21.583  -30.608 1.00 52.59  ? 62  GLN A CG  1 
ATOM   275  C CD  . GLN A 1 62  ? -25.659 21.237  -31.640 1.00 57.68  ? 62  GLN A CD  1 
ATOM   276  O OE1 . GLN A 1 62  ? -26.658 21.935  -31.808 1.00 60.57  ? 62  GLN A OE1 1 
ATOM   277  N NE2 . GLN A 1 62  ? -25.435 20.145  -32.353 1.00 61.26  ? 62  GLN A NE2 1 
ATOM   278  N N   . VAL A 1 63  ? -23.496 25.520  -28.038 1.00 37.25  ? 63  VAL A N   1 
ATOM   279  C CA  . VAL A 1 63  ? -23.806 26.821  -27.478 1.00 35.51  ? 63  VAL A CA  1 
ATOM   280  C C   . VAL A 1 63  ? -24.106 27.774  -28.632 1.00 35.61  ? 63  VAL A C   1 
ATOM   281  O O   . VAL A 1 63  ? -23.341 27.850  -29.586 1.00 36.90  ? 63  VAL A O   1 
ATOM   282  C CB  . VAL A 1 63  ? -22.647 27.342  -26.606 1.00 35.36  ? 63  VAL A CB  1 
ATOM   283  C CG1 . VAL A 1 63  ? -22.952 28.716  -26.027 1.00 35.16  ? 63  VAL A CG1 1 
ATOM   284  C CG2 . VAL A 1 63  ? -22.280 26.358  -25.503 1.00 35.13  ? 63  VAL A CG2 1 
ATOM   285  N N   . THR A 1 64  ? -25.237 28.481  -28.542 1.00 37.65  ? 64  THR A N   1 
ATOM   286  C CA  . THR A 1 64  ? -25.509 29.638  -29.377 1.00 38.16  ? 64  THR A CA  1 
ATOM   287  C C   . THR A 1 64  ? -25.861 30.805  -28.458 1.00 38.27  ? 64  THR A C   1 
ATOM   288  O O   . THR A 1 64  ? -26.967 30.878  -27.930 1.00 40.40  ? 64  THR A O   1 
ATOM   289  C CB  . THR A 1 64  ? -26.565 29.345  -30.454 1.00 40.86  ? 64  THR A CB  1 
ATOM   290  O OG1 . THR A 1 64  ? -26.937 30.595  -31.037 1.00 40.56  ? 64  THR A OG1 1 
ATOM   291  C CG2 . THR A 1 64  ? -27.804 28.649  -29.942 1.00 45.07  ? 64  THR A CG2 1 
ATOM   292  N N   . ASN A 1 65  ? -24.888 31.708  -28.283 1.00 37.05  ? 65  ASN A N   1 
ATOM   293  C CA  . ASN A 1 65  ? -24.966 32.798  -27.331 1.00 34.92  ? 65  ASN A CA  1 
ATOM   294  C C   . ASN A 1 65  ? -25.077 34.113  -28.092 1.00 36.94  ? 65  ASN A C   1 
ATOM   295  O O   . ASN A 1 65  ? -24.377 34.321  -29.077 1.00 38.02  ? 65  ASN A O   1 
ATOM   296  C CB  . ASN A 1 65  ? -23.748 32.796  -26.405 1.00 35.66  ? 65  ASN A CB  1 
ATOM   297  C CG  . ASN A 1 65  ? -23.678 34.002  -25.496 1.00 34.23  ? 65  ASN A CG  1 
ATOM   298  O OD1 . ASN A 1 65  ? -22.647 34.660  -25.408 1.00 32.96  ? 65  ASN A OD1 1 
ATOM   299  N ND2 . ASN A 1 65  ? -24.767 34.287  -24.804 1.00 36.14  ? 65  ASN A ND2 1 
ATOM   300  N N   . VAL A 1 66  ? -25.958 34.996  -27.605 1.00 39.31  ? 66  VAL A N   1 
ATOM   301  C CA  . VAL A 1 66  ? -26.195 36.297  -28.208 1.00 38.98  ? 66  VAL A CA  1 
ATOM   302  C C   . VAL A 1 66  ? -26.253 37.336  -27.090 1.00 37.52  ? 66  VAL A C   1 
ATOM   303  O O   . VAL A 1 66  ? -27.263 37.453  -26.401 1.00 39.54  ? 66  VAL A O   1 
ATOM   304  C CB  . VAL A 1 66  ? -27.484 36.296  -29.053 1.00 38.68  ? 66  VAL A CB  1 
ATOM   305  C CG1 . VAL A 1 66  ? -27.730 37.640  -29.713 1.00 38.25  ? 66  VAL A CG1 1 
ATOM   306  C CG2 . VAL A 1 66  ? -27.471 35.186  -30.091 1.00 39.10  ? 66  VAL A CG2 1 
ATOM   307  N N   . GLY A 1 67  ? -25.142 38.054  -26.896 1.00 36.00  ? 67  GLY A N   1 
ATOM   308  C CA  . GLY A 1 67  ? -25.093 39.185  -25.985 1.00 35.20  ? 67  GLY A CA  1 
ATOM   309  C C   . GLY A 1 67  ? -25.053 38.777  -24.515 1.00 34.14  ? 67  GLY A C   1 
ATOM   310  O O   . GLY A 1 67  ? -25.114 39.640  -23.640 1.00 35.97  ? 67  GLY A O   1 
ATOM   311  N N   . GLY A 1 68  ? -24.924 37.468  -24.260 1.00 31.82  ? 68  GLY A N   1 
ATOM   312  C CA  . GLY A 1 68  ? -24.924 36.923  -22.919 1.00 29.43  ? 68  GLY A CA  1 
ATOM   313  C C   . GLY A 1 68  ? -23.581 36.290  -22.581 1.00 28.34  ? 68  GLY A C   1 
ATOM   314  O O   . GLY A 1 68  ? -22.603 36.485  -23.292 1.00 29.26  ? 68  GLY A O   1 
ATOM   315  N N   . ALA A 1 69  ? -23.566 35.538  -21.477 1.00 28.16  ? 69  ALA A N   1 
ATOM   316  C CA  . ALA A 1 69  ? -22.372 34.899  -20.955 1.00 27.96  ? 69  ALA A CA  1 
ATOM   317  C C   . ALA A 1 69  ? -22.674 33.422  -20.709 1.00 27.00  ? 69  ALA A C   1 
ATOM   318  O O   . ALA A 1 69  ? -23.640 33.098  -20.026 1.00 27.02  ? 69  ALA A O   1 
ATOM   319  C CB  . ALA A 1 69  ? -21.920 35.600  -19.696 1.00 27.20  ? 69  ALA A CB  1 
ATOM   320  N N   . VAL A 1 70  ? -21.863 32.546  -21.311 1.00 25.64  ? 70  VAL A N   1 
ATOM   321  C CA  . VAL A 1 70  ? -21.960 31.111  -21.115 1.00 25.25  ? 70  VAL A CA  1 
ATOM   322  C C   . VAL A 1 70  ? -20.609 30.617  -20.613 1.00 25.21  ? 70  VAL A C   1 
ATOM   323  O O   . VAL A 1 70  ? -19.587 30.958  -21.197 1.00 27.38  ? 70  VAL A O   1 
ATOM   324  C CB  . VAL A 1 70  ? -22.347 30.392  -22.421 1.00 25.04  ? 70  VAL A CB  1 
ATOM   325  C CG1 . VAL A 1 70  ? -22.580 28.905  -22.177 1.00 24.28  ? 70  VAL A CG1 1 
ATOM   326  C CG2 . VAL A 1 70  ? -23.548 31.035  -23.115 1.00 23.72  ? 70  VAL A CG2 1 
ATOM   327  N N   . VAL A 1 71  ? -20.611 29.820  -19.542 1.00 25.46  ? 71  VAL A N   1 
ATOM   328  C CA  . VAL A 1 71  ? -19.381 29.277  -18.988 1.00 26.77  ? 71  VAL A CA  1 
ATOM   329  C C   . VAL A 1 71  ? -19.563 27.773  -18.815 1.00 27.00  ? 71  VAL A C   1 
ATOM   330  O O   . VAL A 1 71  ? -20.389 27.349  -18.015 1.00 28.06  ? 71  VAL A O   1 
ATOM   331  C CB  . VAL A 1 71  ? -19.000 29.943  -17.652 1.00 26.96  ? 71  VAL A CB  1 
ATOM   332  C CG1 . VAL A 1 71  ? -17.696 29.376  -17.113 1.00 28.92  ? 71  VAL A CG1 1 
ATOM   333  C CG2 . VAL A 1 71  ? -18.922 31.455  -17.768 1.00 26.72  ? 71  VAL A CG2 1 
ATOM   334  N N   . THR A 1 72  ? -18.774 26.990  -19.563 1.00 27.73  ? 72  THR A N   1 
ATOM   335  C CA  . THR A 1 72  ? -18.866 25.541  -19.552 1.00 29.34  ? 72  THR A CA  1 
ATOM   336  C C   . THR A 1 72  ? -17.612 24.919  -18.931 1.00 30.04  ? 72  THR A C   1 
ATOM   337  O O   . THR A 1 72  ? -17.586 23.709  -18.714 1.00 30.87  ? 72  THR A O   1 
ATOM   338  C CB  . THR A 1 72  ? -19.109 24.993  -20.968 1.00 30.60  ? 72  THR A CB  1 
ATOM   339  O OG1 . THR A 1 72  ? -17.943 25.197  -21.767 1.00 31.14  ? 72  THR A OG1 1 
ATOM   340  C CG2 . THR A 1 72  ? -20.291 25.636  -21.661 1.00 30.91  ? 72  THR A CG2 1 
ATOM   341  N N   . GLY A 1 73  ? -16.594 25.732  -18.624 1.00 29.59  ? 73  GLY A N   1 
ATOM   342  C CA  . GLY A 1 73  ? -15.283 25.223  -18.244 1.00 29.46  ? 73  GLY A CA  1 
ATOM   343  C C   . GLY A 1 73  ? -15.090 25.116  -16.730 1.00 29.24  ? 73  GLY A C   1 
ATOM   344  O O   . GLY A 1 73  ? -16.052 25.046  -15.976 1.00 32.17  ? 73  GLY A O   1 
ATOM   345  N N   . VAL A 1 74  ? -13.827 25.092  -16.299 1.00 29.44  ? 74  VAL A N   1 
ATOM   346  C CA  . VAL A 1 74  ? -13.470 25.001  -14.892 1.00 28.38  ? 74  VAL A CA  1 
ATOM   347  C C   . VAL A 1 74  ? -12.878 26.340  -14.454 1.00 26.89  ? 74  VAL A C   1 
ATOM   348  O O   . VAL A 1 74  ? -11.967 26.841  -15.104 1.00 28.29  ? 74  VAL A O   1 
ATOM   349  C CB  . VAL A 1 74  ? -12.478 23.849  -14.652 1.00 27.76  ? 74  VAL A CB  1 
ATOM   350  C CG1 . VAL A 1 74  ? -12.016 23.789  -13.204 1.00 27.29  ? 74  VAL A CG1 1 
ATOM   351  C CG2 . VAL A 1 74  ? -13.059 22.517  -15.091 1.00 28.85  ? 74  VAL A CG2 1 
ATOM   352  N N   . THR A 1 75  ? -13.399 26.906  -13.362 1.00 26.61  ? 75  THR A N   1 
ATOM   353  C CA  . THR A 1 75  ? -12.921 28.167  -12.817 1.00 26.98  ? 75  THR A CA  1 
ATOM   354  C C   . THR A 1 75  ? -12.518 27.957  -11.362 1.00 26.51  ? 75  THR A C   1 
ATOM   355  O O   . THR A 1 75  ? -13.258 27.347  -10.594 1.00 27.48  ? 75  THR A O   1 
ATOM   356  C CB  . THR A 1 75  ? -13.993 29.260  -12.884 1.00 31.60  ? 75  THR A CB  1 
ATOM   357  O OG1 . THR A 1 75  ? -14.478 29.390  -14.225 1.00 33.63  ? 75  THR A OG1 1 
ATOM   358  C CG2 . THR A 1 75  ? -13.480 30.604  -12.407 1.00 32.66  ? 75  THR A CG2 1 
ATOM   359  N N   . ALA A 1 76  ? -11.331 28.444  -11.001 1.00 25.44  ? 76  ALA A N   1 
ATOM   360  C CA  . ALA A 1 76  ? -10.820 28.329  -9.651  1.00 23.97  ? 76  ALA A CA  1 
ATOM   361  C C   . ALA A 1 76  ? -10.263 29.683  -9.231  1.00 24.40  ? 76  ALA A C   1 
ATOM   362  O O   . ALA A 1 76  ? -9.246  30.111  -9.763  1.00 26.97  ? 76  ALA A O   1 
ATOM   363  C CB  . ALA A 1 76  ? -9.771  27.258  -9.595  1.00 23.78  ? 76  ALA A CB  1 
ATOM   364  N N   . VAL A 1 77  ? -10.942 30.350  -8.291  1.00 23.72  ? 77  VAL A N   1 
ATOM   365  C CA  . VAL A 1 77  ? -10.565 31.682  -7.857  1.00 23.51  ? 77  VAL A CA  1 
ATOM   366  C C   . VAL A 1 77  ? -10.250 31.611  -6.374  1.00 24.04  ? 77  VAL A C   1 
ATOM   367  O O   . VAL A 1 77  ? -11.061 31.128  -5.597  1.00 25.69  ? 77  VAL A O   1 
ATOM   368  C CB  . VAL A 1 77  ? -11.674 32.713  -8.141  1.00 23.88  ? 77  VAL A CB  1 
ATOM   369  C CG1 . VAL A 1 77  ? -11.287 34.103  -7.665  1.00 23.29  ? 77  VAL A CG1 1 
ATOM   370  C CG2 . VAL A 1 77  ? -12.071 32.736  -9.613  1.00 22.97  ? 77  VAL A CG2 1 
ATOM   371  N N   . ALA A 1 78  ? -9.061  32.086  -6.006  1.00 25.23  ? 78  ALA A N   1 
ATOM   372  C CA  . ALA A 1 78  ? -8.616  32.105  -4.629  1.00 25.88  ? 78  ALA A CA  1 
ATOM   373  C C   . ALA A 1 78  ? -8.102  33.506  -4.324  1.00 27.31  ? 78  ALA A C   1 
ATOM   374  O O   . ALA A 1 78  ? -7.179  33.973  -4.983  1.00 29.10  ? 78  ALA A O   1 
ATOM   375  C CB  . ALA A 1 78  ? -7.569  31.046  -4.413  1.00 25.33  ? 78  ALA A CB  1 
ATOM   376  N N   . GLN A 1 79  ? -8.740  34.173  -3.355  1.00 27.67  ? 79  GLN A N   1 
ATOM   377  C CA  . GLN A 1 79  ? -8.505  35.579  -3.082  1.00 28.40  ? 79  GLN A CA  1 
ATOM   378  C C   . GLN A 1 79  ? -8.442  35.771  -1.573  1.00 30.63  ? 79  GLN A C   1 
ATOM   379  O O   . GLN A 1 79  ? -9.328  35.301  -0.873  1.00 32.57  ? 79  GLN A O   1 
ATOM   380  C CB  . GLN A 1 79  ? -9.632  36.431  -3.673  1.00 28.74  ? 79  GLN A CB  1 
ATOM   381  C CG  . GLN A 1 79  ? -9.862  36.225  -5.169  1.00 27.68  ? 79  GLN A CG  1 
ATOM   382  C CD  . GLN A 1 79  ? -11.035 37.005  -5.709  1.00 25.90  ? 79  GLN A CD  1 
ATOM   383  O OE1 . GLN A 1 79  ? -10.948 37.675  -6.736  1.00 26.02  ? 79  GLN A OE1 1 
ATOM   384  N NE2 . GLN A 1 79  ? -12.156 36.918  -5.019  1.00 26.89  ? 79  GLN A NE2 1 
ATOM   385  N N   . LYS A 1 80  ? -7.404  36.447  -1.065  1.00 33.69  ? 80  LYS A N   1 
ATOM   386  C CA  . LYS A 1 80  ? -7.361  36.736  0.358   1.00 36.49  ? 80  LYS A CA  1 
ATOM   387  C C   . LYS A 1 80  ? -8.288  37.906  0.655   1.00 35.19  ? 80  LYS A C   1 
ATOM   388  O O   . LYS A 1 80  ? -9.170  37.785  1.495   1.00 38.94  ? 80  LYS A O   1 
ATOM   389  C CB  . LYS A 1 80  ? -5.954  37.018  0.896   1.00 40.32  ? 80  LYS A CB  1 
ATOM   390  C CG  . LYS A 1 80  ? -5.961  37.591  2.309   1.00 44.50  ? 80  LYS A CG  1 
ATOM   391  C CD  . LYS A 1 80  ? -4.618  37.746  2.974   1.00 48.21  ? 80  LYS A CD  1 
ATOM   392  C CE  . LYS A 1 80  ? -4.700  38.647  4.188   1.00 51.26  ? 80  LYS A CE  1 
ATOM   393  N NZ  . LYS A 1 80  ? -3.378  38.837  4.833   1.00 54.39  ? 80  LYS A NZ  1 
ATOM   394  N N   . THR A 1 81  ? -8.089  39.028  -0.037  1.00 35.60  ? 81  THR A N   1 
ATOM   395  C CA  . THR A 1 81  ? -8.842  40.234  0.259   1.00 37.57  ? 81  THR A CA  1 
ATOM   396  C C   . THR A 1 81  ? -9.242  40.940  -1.034  1.00 34.61  ? 81  THR A C   1 
ATOM   397  O O   . THR A 1 81  ? -8.449  41.040  -1.961  1.00 34.61  ? 81  THR A O   1 
ATOM   398  C CB  . THR A 1 81  ? -8.048  41.152  1.200   1.00 38.72  ? 81  THR A CB  1 
ATOM   399  O OG1 . THR A 1 81  ? -7.915  40.494  2.460   1.00 40.20  ? 81  THR A OG1 1 
ATOM   400  C CG2 . THR A 1 81  ? -8.714  42.491  1.422   1.00 41.42  ? 81  THR A CG2 1 
ATOM   401  N N   . VAL A 1 82  ? -10.489 41.420  -1.065  1.00 36.82  ? 82  VAL A N   1 
ATOM   402  C CA  . VAL A 1 82  ? -10.992 42.267  -2.130  1.00 39.04  ? 82  VAL A CA  1 
ATOM   403  C C   . VAL A 1 82  ? -11.789 43.395  -1.485  1.00 43.55  ? 82  VAL A C   1 
ATOM   404  O O   . VAL A 1 82  ? -12.945 43.204  -1.118  1.00 46.53  ? 82  VAL A O   1 
ATOM   405  C CB  . VAL A 1 82  ? -11.857 41.479  -3.134  1.00 38.50  ? 82  VAL A CB  1 
ATOM   406  C CG1 . VAL A 1 82  ? -12.408 42.380  -4.233  1.00 36.99  ? 82  VAL A CG1 1 
ATOM   407  C CG2 . VAL A 1 82  ? -11.110 40.295  -3.730  1.00 39.45  ? 82  VAL A CG2 1 
ATOM   408  N N   . GLU A 1 83  ? -11.146 44.559  -1.325  1.00 51.27  ? 83  GLU A N   1 
ATOM   409  C CA  . GLU A 1 83  ? -11.805 45.750  -0.813  1.00 54.15  ? 83  GLU A CA  1 
ATOM   410  C C   . GLU A 1 83  ? -12.227 46.626  -1.986  1.00 53.92  ? 83  GLU A C   1 
ATOM   411  O O   . GLU A 1 83  ? -11.555 46.660  -3.014  1.00 57.22  ? 83  GLU A O   1 
ATOM   412  C CB  . GLU A 1 83  ? -10.882 46.527  0.125   1.00 57.94  ? 83  GLU A CB  1 
ATOM   413  C CG  . GLU A 1 83  ? -10.406 45.710  1.310   1.00 64.77  ? 83  GLU A CG  1 
ATOM   414  C CD  . GLU A 1 83  ? -9.774  46.500  2.448   1.00 70.95  ? 83  GLU A CD  1 
ATOM   415  O OE1 . GLU A 1 83  ? -9.181  45.859  3.347   1.00 73.05  ? 83  GLU A OE1 1 
ATOM   416  O OE2 . GLU A 1 83  ? -9.890  47.747  2.451   1.00 71.12  ? 83  GLU A OE2 1 
ATOM   417  N N   . GLY A 1 84  ? -13.354 47.324  -1.819  1.00 54.11  ? 84  GLY A N   1 
ATOM   418  C CA  . GLY A 1 84  ? -13.848 48.235  -2.835  1.00 53.18  ? 84  GLY A CA  1 
ATOM   419  C C   . GLY A 1 84  ? -15.365 48.361  -2.782  1.00 52.14  ? 84  GLY A C   1 
ATOM   420  O O   . GLY A 1 84  ? -16.068 47.365  -2.930  1.00 54.90  ? 84  GLY A O   1 
ATOM   421  N N   . ALA A 1 85  ? -15.856 49.587  -2.576  1.00 51.31  ? 85  ALA A N   1 
ATOM   422  C CA  . ALA A 1 85  ? -17.278 49.867  -2.670  1.00 48.69  ? 85  ALA A CA  1 
ATOM   423  C C   . ALA A 1 85  ? -17.749 49.560  -4.086  1.00 45.73  ? 85  ALA A C   1 
ATOM   424  O O   . ALA A 1 85  ? -17.217 50.111  -5.044  1.00 48.47  ? 85  ALA A O   1 
ATOM   425  C CB  . ALA A 1 85  ? -17.553 51.301  -2.299  1.00 48.19  ? 85  ALA A CB  1 
ATOM   426  N N   . GLY A 1 86  ? -18.736 48.664  -4.196  1.00 45.20  ? 86  GLY A N   1 
ATOM   427  C CA  . GLY A 1 86  ? -19.277 48.248  -5.479  1.00 44.21  ? 86  GLY A CA  1 
ATOM   428  C C   . GLY A 1 86  ? -18.319 47.347  -6.259  1.00 43.55  ? 86  GLY A C   1 
ATOM   429  O O   . GLY A 1 86  ? -18.373 47.325  -7.488  1.00 44.10  ? 86  GLY A O   1 
ATOM   430  N N   . SER A 1 87  ? -17.462 46.599  -5.545  1.00 40.95  ? 87  SER A N   1 
ATOM   431  C CA  . SER A 1 87  ? -16.522 45.690  -6.184  1.00 40.05  ? 87  SER A CA  1 
ATOM   432  C C   . SER A 1 87  ? -17.181 44.335  -6.455  1.00 38.13  ? 87  SER A C   1 
ATOM   433  O O   . SER A 1 87  ? -18.044 43.898  -5.703  1.00 39.36  ? 87  SER A O   1 
ATOM   434  C CB  . SER A 1 87  ? -15.267 45.536  -5.365  1.00 42.22  ? 87  SER A CB  1 
ATOM   435  O OG  . SER A 1 87  ? -15.559 45.001  -4.081  1.00 46.11  ? 87  SER A OG  1 
ATOM   436  N N   . ILE A 1 88  ? -16.776 43.695  -7.561  1.00 36.82  ? 88  ILE A N   1 
ATOM   437  C CA  . ILE A 1 88  ? -17.148 42.324  -7.876  1.00 33.70  ? 88  ILE A CA  1 
ATOM   438  C C   . ILE A 1 88  ? -15.901 41.466  -7.715  1.00 32.84  ? 88  ILE A C   1 
ATOM   439  O O   . ILE A 1 88  ? -14.966 41.601  -8.500  1.00 34.57  ? 88  ILE A O   1 
ATOM   440  C CB  . ILE A 1 88  ? -17.726 42.223  -9.298  1.00 33.98  ? 88  ILE A CB  1 
ATOM   441  C CG1 . ILE A 1 88  ? -18.867 43.223  -9.508  1.00 33.51  ? 88  ILE A CG1 1 
ATOM   442  C CG2 . ILE A 1 88  ? -18.150 40.789  -9.601  1.00 33.98  ? 88  ILE A CG2 1 
ATOM   443  C CD1 . ILE A 1 88  ? -19.397 43.265  -10.913 1.00 33.65  ? 88  ILE A CD1 1 
ATOM   444  N N   . ALA A 1 89  ? -15.883 40.604  -6.688  1.00 31.38  ? 89  ALA A N   1 
ATOM   445  C CA  . ALA A 1 89  ? -14.662 39.919  -6.300  1.00 29.11  ? 89  ALA A CA  1 
ATOM   446  C C   . ALA A 1 89  ? -14.423 38.685  -7.170  1.00 29.99  ? 89  ALA A C   1 
ATOM   447  O O   . ALA A 1 89  ? -13.277 38.401  -7.516  1.00 31.14  ? 89  ALA A O   1 
ATOM   448  C CB  . ALA A 1 89  ? -14.696 39.587  -4.842  1.00 29.89  ? 89  ALA A CB  1 
ATOM   449  N N   . ALA A 1 90  ? -15.484 37.951  -7.521  1.00 30.34  ? 90  ALA A N   1 
ATOM   450  C CA  . ALA A 1 90  ? -15.341 36.727  -8.297  1.00 30.31  ? 90  ALA A CA  1 
ATOM   451  C C   . ALA A 1 90  ? -16.640 36.427  -9.034  1.00 30.79  ? 90  ALA A C   1 
ATOM   452  O O   . ALA A 1 90  ? -17.581 35.917  -8.434  1.00 33.34  ? 90  ALA A O   1 
ATOM   453  C CB  . ALA A 1 90  ? -14.949 35.578  -7.405  1.00 28.36  ? 90  ALA A CB  1 
ATOM   454  N N   . ALA A 1 91  ? -16.652 36.704  -10.341 1.00 30.09  ? 91  ALA A N   1 
ATOM   455  C CA  . ALA A 1 91  ? -17.841 36.560  -11.156 1.00 30.87  ? 91  ALA A CA  1 
ATOM   456  C C   . ALA A 1 91  ? -17.577 35.568  -12.282 1.00 32.25  ? 91  ALA A C   1 
ATOM   457  O O   . ALA A 1 91  ? -16.588 35.693  -12.996 1.00 34.08  ? 91  ALA A O   1 
ATOM   458  C CB  . ALA A 1 91  ? -18.236 37.901  -11.704 1.00 32.06  ? 91  ALA A CB  1 
ATOM   459  N N   . THR A 1 92  ? -18.487 34.602  -12.443 1.00 32.86  ? 92  THR A N   1 
ATOM   460  C CA  . THR A 1 92  ? -18.387 33.607  -13.494 1.00 33.80  ? 92  THR A CA  1 
ATOM   461  C C   . THR A 1 92  ? -19.738 33.478  -14.187 1.00 33.68  ? 92  THR A C   1 
ATOM   462  O O   . THR A 1 92  ? -20.693 32.982  -13.592 1.00 35.24  ? 92  THR A O   1 
ATOM   463  C CB  . THR A 1 92  ? -17.925 32.261  -12.929 1.00 34.62  ? 92  THR A CB  1 
ATOM   464  O OG1 . THR A 1 92  ? -16.721 32.504  -12.200 1.00 38.21  ? 92  THR A OG1 1 
ATOM   465  C CG2 . THR A 1 92  ? -17.692 31.228  -14.009 1.00 35.81  ? 92  THR A CG2 1 
ATOM   466  N N   . GLY A 1 93  ? -19.808 33.910  -15.449 1.00 29.96  ? 93  GLY A N   1 
ATOM   467  C CA  . GLY A 1 93  ? -21.083 33.986  -16.134 1.00 30.44  ? 93  GLY A CA  1 
ATOM   468  C C   . GLY A 1 93  ? -21.901 35.144  -15.581 1.00 30.22  ? 93  GLY A C   1 
ATOM   469  O O   . GLY A 1 93  ? -22.855 34.948  -14.836 1.00 30.11  ? 93  GLY A O   1 
ATOM   470  N N   . PHE A 1 94  ? -21.479 36.356  -15.937 1.00 32.39  ? 94  PHE A N   1 
ATOM   471  C CA  . PHE A 1 94  ? -22.020 37.571  -15.356 1.00 33.33  ? 94  PHE A CA  1 
ATOM   472  C C   . PHE A 1 94  ? -22.376 38.528  -16.495 1.00 34.58  ? 94  PHE A C   1 
ATOM   473  O O   . PHE A 1 94  ? -21.544 38.794  -17.357 1.00 34.63  ? 94  PHE A O   1 
ATOM   474  C CB  . PHE A 1 94  ? -20.998 38.139  -14.376 1.00 33.24  ? 94  PHE A CB  1 
ATOM   475  C CG  . PHE A 1 94  ? -21.534 39.101  -13.347 1.00 35.22  ? 94  PHE A CG  1 
ATOM   476  C CD1 . PHE A 1 94  ? -22.058 40.329  -13.719 1.00 35.71  ? 94  PHE A CD1 1 
ATOM   477  C CD2 . PHE A 1 94  ? -21.481 38.791  -11.994 1.00 36.86  ? 94  PHE A CD2 1 
ATOM   478  C CE1 . PHE A 1 94  ? -22.539 41.214  -12.763 1.00 37.25  ? 94  PHE A CE1 1 
ATOM   479  C CE2 . PHE A 1 94  ? -21.964 39.675  -11.040 1.00 38.43  ? 94  PHE A CE2 1 
ATOM   480  C CZ  . PHE A 1 94  ? -22.492 40.887  -11.428 1.00 38.96  ? 94  PHE A CZ  1 
ATOM   481  N N   . VAL A 1 95  ? -23.620 39.020  -16.488 1.00 35.03  ? 95  VAL A N   1 
ATOM   482  C CA  . VAL A 1 95  ? -24.084 40.008  -17.444 1.00 36.78  ? 95  VAL A CA  1 
ATOM   483  C C   . VAL A 1 95  ? -24.492 41.265  -16.678 1.00 40.37  ? 95  VAL A C   1 
ATOM   484  O O   . VAL A 1 95  ? -25.566 41.306  -16.083 1.00 40.38  ? 95  VAL A O   1 
ATOM   485  C CB  . VAL A 1 95  ? -25.251 39.458  -18.285 1.00 37.15  ? 95  VAL A CB  1 
ATOM   486  C CG1 . VAL A 1 95  ? -25.794 40.508  -19.249 1.00 37.97  ? 95  VAL A CG1 1 
ATOM   487  C CG2 . VAL A 1 95  ? -24.853 38.193  -19.024 1.00 37.64  ? 95  VAL A CG2 1 
ATOM   488  N N   . LYS A 1 96  ? -23.620 42.283  -16.713 1.00 44.50  ? 96  LYS A N   1 
ATOM   489  C CA  . LYS A 1 96  ? -23.861 43.572  -16.083 1.00 46.56  ? 96  LYS A CA  1 
ATOM   490  C C   . LYS A 1 96  ? -24.280 44.578  -17.159 1.00 47.76  ? 96  LYS A C   1 
ATOM   491  O O   . LYS A 1 96  ? -23.516 44.840  -18.083 1.00 50.44  ? 96  LYS A O   1 
ATOM   492  C CB  . LYS A 1 96  ? -22.596 44.019  -15.345 1.00 45.65  ? 96  LYS A CB  1 
ATOM   493  C CG  . LYS A 1 96  ? -22.783 45.160  -14.352 1.00 46.30  ? 96  LYS A CG  1 
ATOM   494  C CD  . LYS A 1 96  ? -21.500 45.546  -13.652 1.00 46.58  ? 96  LYS A CD  1 
ATOM   495  C CE  . LYS A 1 96  ? -21.610 46.822  -12.843 1.00 48.27  ? 96  LYS A CE  1 
ATOM   496  N NZ  . LYS A 1 96  ? -22.591 46.696  -11.741 1.00 50.21  ? 96  LYS A NZ  1 
ATOM   497  N N   . LYS A 1 97  ? -25.510 45.099  -17.054 1.00 50.43  ? 97  LYS A N   1 
ATOM   498  C CA  . LYS A 1 97  ? -26.026 46.109  -17.968 1.00 53.87  ? 97  LYS A CA  1 
ATOM   499  C C   . LYS A 1 97  ? -26.862 47.116  -17.182 1.00 54.88  ? 97  LYS A C   1 
ATOM   500  O O   . LYS A 1 97  ? -28.066 47.241  -17.397 1.00 54.35  ? 97  LYS A O   1 
ATOM   501  C CB  . LYS A 1 97  ? -26.853 45.465  -19.087 1.00 55.14  ? 97  LYS A CB  1 
ATOM   502  C CG  . LYS A 1 97  ? -26.089 44.507  -19.989 1.00 59.05  ? 97  LYS A CG  1 
ATOM   503  C CD  . LYS A 1 97  ? -26.931 43.920  -21.102 1.00 61.72  ? 97  LYS A CD  1 
ATOM   504  C CE  . LYS A 1 97  ? -26.159 42.951  -21.972 1.00 64.48  ? 97  LYS A CE  1 
ATOM   505  N NZ  . LYS A 1 97  ? -27.060 42.115  -22.802 1.00 67.48  ? 97  LYS A NZ  1 
ATOM   506  N N   . ASP A 1 98  ? -26.198 47.832  -16.268 1.00 62.09  ? 98  ASP A N   1 
ATOM   507  C CA  . ASP A 1 98  ? -26.848 48.799  -15.399 1.00 69.50  ? 98  ASP A CA  1 
ATOM   508  C C   . ASP A 1 98  ? -27.096 50.103  -16.155 1.00 76.04  ? 98  ASP A C   1 
ATOM   509  O O   . ASP A 1 98  ? -26.467 50.361  -17.181 1.00 75.39  ? 98  ASP A O   1 
ATOM   510  C CB  . ASP A 1 98  ? -26.003 49.075  -14.154 1.00 71.04  ? 98  ASP A CB  1 
ATOM   511  C CG  . ASP A 1 98  ? -25.750 47.851  -13.288 1.00 73.37  ? 98  ASP A CG  1 
ATOM   512  O OD1 . ASP A 1 98  ? -26.386 46.807  -13.538 1.00 74.74  ? 98  ASP A OD1 1 
ATOM   513  O OD2 . ASP A 1 98  ? -24.908 47.952  -12.376 1.00 75.11  ? 98  ASP A OD2 1 
ATOM   514  N N   . GLN A 1 99  ? -28.024 50.909  -15.618 1.00 84.05  ? 99  GLN A N   1 
ATOM   515  C CA  . GLN A 1 99  ? -28.323 52.237  -16.129 1.00 87.75  ? 99  GLN A CA  1 
ATOM   516  C C   . GLN A 1 99  ? -28.289 53.224  -14.965 1.00 92.38  ? 99  GLN A C   1 
ATOM   517  O O   . GLN A 1 99  ? -29.220 53.270  -14.163 1.00 94.54  ? 99  GLN A O   1 
ATOM   518  C CB  . GLN A 1 99  ? -29.677 52.247  -16.842 1.00 87.80  ? 99  GLN A CB  1 
ATOM   519  C CG  . GLN A 1 99  ? -29.688 51.419  -18.120 1.00 91.55  ? 99  GLN A CG  1 
ATOM   520  C CD  . GLN A 1 99  ? -30.974 51.546  -18.902 1.00 94.63  ? 99  GLN A CD  1 
ATOM   521  O OE1 . GLN A 1 99  ? -31.939 52.170  -18.463 1.00 97.87  ? 99  GLN A OE1 1 
ATOM   522  N NE2 . GLN A 1 99  ? -30.996 50.944  -20.080 1.00 95.61  ? 99  GLN A NE2 1 
ATOM   523  N N   . LEU A 1 100 ? -27.200 54.001  -14.890 1.00 101.25 ? 100 LEU A N   1 
ATOM   524  C CA  . LEU A 1 100 ? -26.981 54.961  -13.820 1.00 107.79 ? 100 LEU A CA  1 
ATOM   525  C C   . LEU A 1 100 ? -27.422 56.353  -14.290 1.00 111.20 ? 100 LEU A C   1 
ATOM   526  O O   . LEU A 1 100 ? -28.575 56.463  -14.761 1.00 110.37 ? 100 LEU A O   1 
ATOM   527  C CB  . LEU A 1 100 ? -25.495 54.959  -13.440 1.00 112.21 ? 100 LEU A CB  1 
ATOM   528  C CG  . LEU A 1 100 ? -24.962 53.706  -12.740 1.00 115.58 ? 100 LEU A CG  1 
ATOM   529  C CD1 . LEU A 1 100 ? -25.723 53.431  -11.451 1.00 117.07 ? 100 LEU A CD1 1 
ATOM   530  C CD2 . LEU A 1 100 ? -24.999 52.485  -13.655 1.00 115.95 ? 100 LEU A CD2 1 
ATOM   531  N N   . GLY B 1 14  ? 11.410  -5.767  21.853  1.00 61.05  ? 14  GLY C N   1 
ATOM   532  C CA  . GLY B 1 14  ? 10.647  -5.506  20.616  1.00 61.66  ? 14  GLY C CA  1 
ATOM   533  C C   . GLY B 1 14  ? 11.175  -6.331  19.445  1.00 60.08  ? 14  GLY C C   1 
ATOM   534  O O   . GLY B 1 14  ? 12.053  -5.872  18.717  1.00 63.84  ? 14  GLY C O   1 
ATOM   535  N N   . VAL B 1 15  ? 10.608  -7.532  19.261  1.00 55.08  ? 15  VAL C N   1 
ATOM   536  C CA  . VAL B 1 15  ? 11.204  -8.551  18.413  1.00 52.93  ? 15  VAL C CA  1 
ATOM   537  C C   . VAL B 1 15  ? 10.170  -9.094  17.434  1.00 49.01  ? 15  VAL C C   1 
ATOM   538  O O   . VAL B 1 15  ? 8.994   -9.200  17.770  1.00 57.39  ? 15  VAL C O   1 
ATOM   539  C CB  . VAL B 1 15  ? 11.786  -9.691  19.260  1.00 55.22  ? 15  VAL C CB  1 
ATOM   540  C CG1 . VAL B 1 15  ? 12.564  -10.648 18.391  1.00 58.52  ? 15  VAL C CG1 1 
ATOM   541  C CG2 . VAL B 1 15  ? 12.673  -9.181  20.379  1.00 56.05  ? 15  VAL C CG2 1 
ATOM   542  N N   . VAL B 1 16  ? 10.624  -9.479  16.236  1.00 42.53  ? 16  VAL C N   1 
ATOM   543  C CA  . VAL B 1 16  ? 9.711   -9.922  15.200  1.00 39.28  ? 16  VAL C CA  1 
ATOM   544  C C   . VAL B 1 16  ? 10.458  -10.712 14.122  1.00 34.99  ? 16  VAL C C   1 
ATOM   545  O O   . VAL B 1 16  ? 11.616  -10.446 13.835  1.00 34.58  ? 16  VAL C O   1 
ATOM   546  C CB  . VAL B 1 16  ? 8.969   -8.711  14.606  1.00 41.79  ? 16  VAL C CB  1 
ATOM   547  C CG1 . VAL B 1 16  ? 9.935   -7.604  14.223  1.00 45.53  ? 16  VAL C CG1 1 
ATOM   548  C CG2 . VAL B 1 16  ? 8.082   -9.091  13.424  1.00 42.67  ? 16  VAL C CG2 1 
ATOM   549  N N   . ALA B 1 17  ? 9.762   -11.671 13.504  1.00 32.74  ? 17  ALA C N   1 
ATOM   550  C CA  . ALA B 1 17  ? 10.287  -12.412 12.370  1.00 31.08  ? 17  ALA C CA  1 
ATOM   551  C C   . ALA B 1 17  ? 9.147   -12.709 11.404  1.00 29.87  ? 17  ALA C C   1 
ATOM   552  O O   . ALA B 1 17  ? 8.126   -13.241 11.815  1.00 32.08  ? 17  ALA C O   1 
ATOM   553  C CB  . ALA B 1 17  ? 10.949  -13.679 12.860  1.00 32.17  ? 17  ALA C CB  1 
ATOM   554  N N   . ALA B 1 18  ? 9.327   -12.389 10.121  1.00 31.17  ? 18  ALA C N   1 
ATOM   555  C CA  . ALA B 1 18  ? 8.219   -12.401 9.182   1.00 32.90  ? 18  ALA C CA  1 
ATOM   556  C C   . ALA B 1 18  ? 8.666   -12.902 7.813   1.00 33.31  ? 18  ALA C C   1 
ATOM   557  O O   . ALA B 1 18  ? 9.818   -12.741 7.431   1.00 35.55  ? 18  ALA C O   1 
ATOM   558  C CB  . ALA B 1 18  ? 7.625   -11.017 9.088   1.00 34.49  ? 18  ALA C CB  1 
ATOM   559  N N   . ALA B 1 19  ? 7.725   -13.501 7.084   1.00 35.68  ? 19  ALA C N   1 
ATOM   560  C CA  . ALA B 1 19  ? 7.948   -13.936 5.721   1.00 37.88  ? 19  ALA C CA  1 
ATOM   561  C C   . ALA B 1 19  ? 6.670   -13.718 4.911   1.00 41.18  ? 19  ALA C C   1 
ATOM   562  O O   . ALA B 1 19  ? 5.647   -14.334 5.189   1.00 42.20  ? 19  ALA C O   1 
ATOM   563  C CB  . ALA B 1 19  ? 8.376   -15.377 5.726   1.00 39.29  ? 19  ALA C CB  1 
ATOM   564  N N   . GLU B 1 20  ? 6.742   -12.849 3.896   1.00 45.88  ? 20  GLU C N   1 
ATOM   565  C CA  . GLU B 1 20  ? 5.561   -12.349 3.213   1.00 49.55  ? 20  GLU C CA  1 
ATOM   566  C C   . GLU B 1 20  ? 5.666   -12.624 1.718   1.00 46.90  ? 20  GLU C C   1 
ATOM   567  O O   . GLU B 1 20  ? 6.747   -12.885 1.203   1.00 51.49  ? 20  GLU C O   1 
ATOM   568  C CB  . GLU B 1 20  ? 5.404   -10.851 3.494   1.00 56.44  ? 20  GLU C CB  1 
ATOM   569  C CG  . GLU B 1 20  ? 5.183   -10.538 4.968   1.00 62.50  ? 20  GLU C CG  1 
ATOM   570  C CD  . GLU B 1 20  ? 5.140   -9.065  5.345   1.00 69.03  ? 20  GLU C CD  1 
ATOM   571  O OE1 . GLU B 1 20  ? 5.345   -8.212  4.450   1.00 69.86  ? 20  GLU C OE1 1 
ATOM   572  O OE2 . GLU B 1 20  ? 4.899   -8.771  6.543   1.00 69.07  ? 20  GLU C OE2 1 
ATOM   573  N N   . LYS B 1 21  ? 4.526   -12.560 1.029   1.00 48.42  ? 21  LYS C N   1 
ATOM   574  C CA  . LYS B 1 21  ? 4.486   -12.763 -0.408  1.00 51.09  ? 21  LYS C CA  1 
ATOM   575  C C   . LYS B 1 21  ? 3.249   -12.062 -0.977  1.00 52.65  ? 21  LYS C C   1 
ATOM   576  O O   . LYS B 1 21  ? 2.149   -12.613 -0.955  1.00 51.37  ? 21  LYS C O   1 
ATOM   577  C CB  . LYS B 1 21  ? 4.522   -14.262 -0.720  1.00 50.60  ? 21  LYS C CB  1 
ATOM   578  C CG  . LYS B 1 21  ? 4.636   -14.607 -2.198  1.00 54.36  ? 21  LYS C CG  1 
ATOM   579  C CD  . LYS B 1 21  ? 4.351   -16.060 -2.507  1.00 58.46  ? 21  LYS C CD  1 
ATOM   580  C CE  . LYS B 1 21  ? 4.296   -16.338 -3.994  1.00 62.42  ? 21  LYS C CE  1 
ATOM   581  N NZ  . LYS B 1 21  ? 3.856   -17.725 -4.277  1.00 66.00  ? 21  LYS C NZ  1 
ATOM   582  N N   . THR B 1 22  ? 3.450   -10.843 -1.494  1.00 55.06  ? 22  THR C N   1 
ATOM   583  C CA  . THR B 1 22  ? 2.368   -9.999  -1.980  1.00 56.84  ? 22  THR C CA  1 
ATOM   584  C C   . THR B 1 22  ? 2.321   -10.042 -3.504  1.00 56.16  ? 22  THR C C   1 
ATOM   585  O O   . THR B 1 22  ? 3.354   -10.158 -4.156  1.00 62.42  ? 22  THR C O   1 
ATOM   586  C CB  . THR B 1 22  ? 2.543   -8.562  -1.475  1.00 60.42  ? 22  THR C CB  1 
ATOM   587  O OG1 . THR B 1 22  ? 2.618   -8.598  -0.049  1.00 61.02  ? 22  THR C OG1 1 
ATOM   588  C CG2 . THR B 1 22  ? 1.422   -7.641  -1.907  1.00 65.77  ? 22  THR C CG2 1 
ATOM   589  N N   . LYS B 1 23  ? 1.114   -9.936  -4.062  1.00 58.98  ? 23  LYS C N   1 
ATOM   590  C CA  . LYS B 1 23  ? 0.928   -9.947  -5.503  1.00 62.07  ? 23  LYS C CA  1 
ATOM   591  C C   . LYS B 1 23  ? -0.255  -9.045  -5.855  1.00 64.51  ? 23  LYS C C   1 
ATOM   592  O O   . LYS B 1 23  ? -1.383  -9.516  -5.994  1.00 65.10  ? 23  LYS C O   1 
ATOM   593  C CB  . LYS B 1 23  ? 0.751   -11.390 -5.989  1.00 63.52  ? 23  LYS C CB  1 
ATOM   594  C CG  . LYS B 1 23  ? 0.641   -11.559 -7.499  1.00 66.36  ? 23  LYS C CG  1 
ATOM   595  C CD  . LYS B 1 23  ? 0.455   -12.998 -7.947  1.00 70.18  ? 23  LYS C CD  1 
ATOM   596  C CE  . LYS B 1 23  ? 1.661   -13.876 -7.679  1.00 72.09  ? 23  LYS C CE  1 
ATOM   597  N NZ  . LYS B 1 23  ? 1.511   -15.215 -8.298  1.00 74.43  ? 23  LYS C NZ  1 
ATOM   598  N N   . GLN B 1 24  ? 0.028   -7.742  -5.994  1.00 67.93  ? 24  GLN C N   1 
ATOM   599  C CA  . GLN B 1 24  ? -0.960  -6.759  -6.407  1.00 68.04  ? 24  GLN C CA  1 
ATOM   600  C C   . GLN B 1 24  ? -1.007  -6.706  -7.932  1.00 66.77  ? 24  GLN C C   1 
ATOM   601  O O   . GLN B 1 24  ? -0.460  -5.790  -8.545  1.00 68.39  ? 24  GLN C O   1 
ATOM   602  C CB  . GLN B 1 24  ? -0.623  -5.386  -5.821  1.00 71.66  ? 24  GLN C CB  1 
ATOM   603  C CG  . GLN B 1 24  ? -0.659  -5.341  -4.299  1.00 76.77  ? 24  GLN C CG  1 
ATOM   604  C CD  . GLN B 1 24  ? -0.392  -3.966  -3.733  1.00 82.70  ? 24  GLN C CD  1 
ATOM   605  O OE1 . GLN B 1 24  ? -0.462  -3.750  -2.524  1.00 85.00  ? 24  GLN C OE1 1 
ATOM   606  N NE2 . GLN B 1 24  ? -0.086  -3.015  -4.603  1.00 83.70  ? 24  GLN C NE2 1 
ATOM   607  N N   . GLY B 1 25  ? -1.663  -7.704  -8.535  1.00 67.33  ? 25  GLY C N   1 
ATOM   608  C CA  . GLY B 1 25  ? -1.761  -7.814  -9.982  1.00 68.96  ? 25  GLY C CA  1 
ATOM   609  C C   . GLY B 1 25  ? -2.852  -6.924  -10.556 1.00 65.93  ? 25  GLY C C   1 
ATOM   610  O O   . GLY B 1 25  ? -2.966  -5.775  -10.079 1.00 66.45  ? 25  GLY C O   1 
ATOM   611  N N   . GLY B 1 36  ? -3.540  -21.085 -26.738 1.00 100.49 ? 36  GLY C N   1 
ATOM   612  C CA  . GLY B 1 36  ? -3.403  -22.553 -26.650 1.00 99.60  ? 36  GLY C CA  1 
ATOM   613  C C   . GLY B 1 36  ? -2.298  -22.967 -25.682 1.00 97.97  ? 36  GLY C C   1 
ATOM   614  O O   . GLY B 1 36  ? -1.350  -23.648 -26.073 1.00 98.18  ? 36  GLY C O   1 
ATOM   615  N N   . VAL B 1 37  ? -2.443  -22.553 -24.416 1.00 93.83  ? 37  VAL C N   1 
ATOM   616  C CA  . VAL B 1 37  ? -1.489  -22.883 -23.367 1.00 90.72  ? 37  VAL C CA  1 
ATOM   617  C C   . VAL B 1 37  ? -1.658  -24.358 -23.006 1.00 85.34  ? 37  VAL C C   1 
ATOM   618  O O   . VAL B 1 37  ? -2.754  -24.905 -23.112 1.00 87.97  ? 37  VAL C O   1 
ATOM   619  C CB  . VAL B 1 37  ? -1.666  -21.975 -22.133 1.00 92.16  ? 37  VAL C CB  1 
ATOM   620  C CG1 . VAL B 1 37  ? -0.661  -22.302 -21.036 1.00 91.44  ? 37  VAL C CG1 1 
ATOM   621  C CG2 . VAL B 1 37  ? -1.591  -20.498 -22.499 1.00 94.66  ? 37  VAL C CG2 1 
ATOM   622  N N   . LEU B 1 38  ? -0.558  -24.993 -22.585 1.00 80.45  ? 38  LEU C N   1 
ATOM   623  C CA  . LEU B 1 38  ? -0.572  -26.400 -22.222 1.00 78.42  ? 38  LEU C CA  1 
ATOM   624  C C   . LEU B 1 38  ? 0.524   -26.670 -21.192 1.00 75.71  ? 38  LEU C C   1 
ATOM   625  O O   . LEU B 1 38  ? 1.693   -26.822 -21.546 1.00 75.29  ? 38  LEU C O   1 
ATOM   626  C CB  . LEU B 1 38  ? -0.398  -27.234 -23.497 1.00 78.41  ? 38  LEU C CB  1 
ATOM   627  C CG  . LEU B 1 38  ? -0.112  -28.724 -23.309 1.00 80.99  ? 38  LEU C CG  1 
ATOM   628  C CD1 . LEU B 1 38  ? -1.140  -29.378 -22.408 1.00 82.90  ? 38  LEU C CD1 1 
ATOM   629  C CD2 . LEU B 1 38  ? -0.070  -29.433 -24.658 1.00 82.58  ? 38  LEU C CD2 1 
ATOM   630  N N   . TYR B 1 39  ? 0.123   -26.700 -19.915 1.00 71.00  ? 39  TYR C N   1 
ATOM   631  C CA  . TYR B 1 39  ? 0.981   -27.127 -18.822 1.00 66.05  ? 39  TYR C CA  1 
ATOM   632  C C   . TYR B 1 39  ? 0.918   -28.646 -18.700 1.00 61.06  ? 39  TYR C C   1 
ATOM   633  O O   . TYR B 1 39  ? -0.171  -29.213 -18.672 1.00 63.83  ? 39  TYR C O   1 
ATOM   634  C CB  . TYR B 1 39  ? 0.523   -26.486 -17.512 1.00 68.11  ? 39  TYR C CB  1 
ATOM   635  C CG  . TYR B 1 39  ? 0.715   -24.994 -17.429 1.00 71.16  ? 39  TYR C CG  1 
ATOM   636  C CD1 . TYR B 1 39  ? 1.903   -24.452 -16.966 1.00 75.00  ? 39  TYR C CD1 1 
ATOM   637  C CD2 . TYR B 1 39  ? -0.284  -24.120 -17.824 1.00 74.84  ? 39  TYR C CD2 1 
ATOM   638  C CE1 . TYR B 1 39  ? 2.087   -23.082 -16.878 1.00 76.36  ? 39  TYR C CE1 1 
ATOM   639  C CE2 . TYR B 1 39  ? -0.116  -22.747 -17.746 1.00 76.79  ? 39  TYR C CE2 1 
ATOM   640  C CZ  . TYR B 1 39  ? 1.075   -22.225 -17.273 1.00 77.89  ? 39  TYR C CZ  1 
ATOM   641  O OH  . TYR B 1 39  ? 1.260   -20.865 -17.191 1.00 81.99  ? 39  TYR C OH  1 
ATOM   642  N N   . VAL B 1 40  ? 2.085   -29.296 -18.625 1.00 58.77  ? 40  VAL C N   1 
ATOM   643  C CA  . VAL B 1 40  ? 2.157   -30.736 -18.431 1.00 56.54  ? 40  VAL C CA  1 
ATOM   644  C C   . VAL B 1 40  ? 3.267   -31.032 -17.423 1.00 54.83  ? 40  VAL C C   1 
ATOM   645  O O   . VAL B 1 40  ? 4.444   -30.907 -17.745 1.00 58.83  ? 40  VAL C O   1 
ATOM   646  C CB  . VAL B 1 40  ? 2.384   -31.483 -19.761 1.00 55.84  ? 40  VAL C CB  1 
ATOM   647  C CG1 . VAL B 1 40  ? 2.413   -32.992 -19.560 1.00 54.76  ? 40  VAL C CG1 1 
ATOM   648  C CG2 . VAL B 1 40  ? 1.350   -31.103 -20.810 1.00 55.92  ? 40  VAL C CG2 1 
ATOM   649  N N   . GLY B 1 41  ? 2.875   -31.416 -16.204 1.00 52.15  ? 41  GLY C N   1 
ATOM   650  C CA  . GLY B 1 41  ? 3.817   -31.711 -15.138 1.00 49.12  ? 41  GLY C CA  1 
ATOM   651  C C   . GLY B 1 41  ? 4.549   -30.458 -14.660 1.00 48.06  ? 41  GLY C C   1 
ATOM   652  O O   . GLY B 1 41  ? 5.715   -30.539 -14.277 1.00 49.79  ? 41  GLY C O   1 
ATOM   653  N N   . SER B 1 42  ? 3.847   -29.319 -14.650 1.00 43.56  ? 42  SER C N   1 
ATOM   654  C CA  . SER B 1 42  ? 4.480   -28.021 -14.481 1.00 43.35  ? 42  SER C CA  1 
ATOM   655  C C   . SER B 1 42  ? 3.897   -27.278 -13.281 1.00 40.86  ? 42  SER C C   1 
ATOM   656  O O   . SER B 1 42  ? 2.881   -27.682 -12.732 1.00 44.35  ? 42  SER C O   1 
ATOM   657  C CB  . SER B 1 42  ? 4.348   -27.212 -15.747 1.00 44.37  ? 42  SER C CB  1 
ATOM   658  O OG  . SER B 1 42  ? 4.943   -27.895 -16.839 1.00 45.01  ? 42  SER C OG  1 
ATOM   659  N N   . LYS B 1 43  ? 4.571   -26.195 -12.880 1.00 42.85  ? 43  LYS C N   1 
ATOM   660  C CA  . LYS B 1 43  ? 4.230   -25.423 -11.693 1.00 45.81  ? 43  LYS C CA  1 
ATOM   661  C C   . LYS B 1 43  ? 4.064   -26.344 -10.480 1.00 46.49  ? 43  LYS C C   1 
ATOM   662  O O   . LYS B 1 43  ? 3.202   -26.117 -9.633  1.00 45.80  ? 43  LYS C O   1 
ATOM   663  C CB  . LYS B 1 43  ? 2.992   -24.567 -11.966 1.00 47.36  ? 43  LYS C CB  1 
ATOM   664  C CG  . LYS B 1 43  ? 3.137   -23.604 -13.140 1.00 52.18  ? 43  LYS C CG  1 
ATOM   665  C CD  . LYS B 1 43  ? 1.988   -22.617 -13.309 1.00 54.48  ? 43  LYS C CD  1 
ATOM   666  C CE  . LYS B 1 43  ? 1.889   -21.567 -12.216 1.00 58.81  ? 43  LYS C CE  1 
ATOM   667  N NZ  . LYS B 1 43  ? 3.116   -20.738 -12.116 1.00 61.26  ? 43  LYS C NZ  1 
ATOM   668  N N   . THR B 1 44  ? 4.934   -27.359 -10.377 1.00 47.43  ? 44  THR C N   1 
ATOM   669  C CA  . THR B 1 44  ? 4.839   -28.367 -9.333  1.00 47.47  ? 44  THR C CA  1 
ATOM   670  C C   . THR B 1 44  ? 5.763   -27.989 -8.180  1.00 46.44  ? 44  THR C C   1 
ATOM   671  O O   . THR B 1 44  ? 6.879   -27.536 -8.414  1.00 50.09  ? 44  THR C O   1 
ATOM   672  C CB  . THR B 1 44  ? 5.174   -29.760 -9.883  1.00 49.36  ? 44  THR C CB  1 
ATOM   673  O OG1 . THR B 1 44  ? 4.447   -29.994 -11.091 1.00 46.89  ? 44  THR C OG1 1 
ATOM   674  C CG2 . THR B 1 44  ? 4.849   -30.868 -8.905  1.00 54.89  ? 44  THR C CG2 1 
ATOM   675  N N   . LYS B 1 45  ? 5.277   -28.163 -6.944  1.00 45.51  ? 45  LYS C N   1 
ATOM   676  C CA  . LYS B 1 45  ? 6.108   -28.120 -5.752  1.00 45.60  ? 45  LYS C CA  1 
ATOM   677  C C   . LYS B 1 45  ? 6.279   -29.538 -5.213  1.00 45.46  ? 45  LYS C C   1 
ATOM   678  O O   . LYS B 1 45  ? 5.284   -30.220 -4.969  1.00 48.91  ? 45  LYS C O   1 
ATOM   679  C CB  . LYS B 1 45  ? 5.474   -27.245 -4.669  1.00 45.47  ? 45  LYS C CB  1 
ATOM   680  C CG  . LYS B 1 45  ? 5.537   -25.749 -4.920  1.00 46.32  ? 45  LYS C CG  1 
ATOM   681  C CD  . LYS B 1 45  ? 5.231   -24.945 -3.681  1.00 49.11  ? 45  LYS C CD  1 
ATOM   682  C CE  . LYS B 1 45  ? 5.252   -23.454 -3.933  1.00 52.65  ? 45  LYS C CE  1 
ATOM   683  N NZ  . LYS B 1 45  ? 5.105   -22.691 -2.670  1.00 55.34  ? 45  LYS C NZ  1 
ATOM   684  N N   . GLU B 1 46  ? 7.536   -29.968 -5.035  1.00 41.70  ? 46  GLU C N   1 
ATOM   685  C CA  . GLU B 1 46  ? 7.840   -31.309 -4.561  1.00 41.33  ? 46  GLU C CA  1 
ATOM   686  C C   . GLU B 1 46  ? 8.950   -31.237 -3.518  1.00 36.61  ? 46  GLU C C   1 
ATOM   687  O O   . GLU B 1 46  ? 10.100  -30.989 -3.863  1.00 41.11  ? 46  GLU C O   1 
ATOM   688  C CB  . GLU B 1 46  ? 8.288   -32.222 -5.707  1.00 44.50  ? 46  GLU C CB  1 
ATOM   689  C CG  . GLU B 1 46  ? 7.267   -32.390 -6.814  1.00 47.87  ? 46  GLU C CG  1 
ATOM   690  C CD  . GLU B 1 46  ? 7.638   -33.417 -7.875  1.00 54.57  ? 46  GLU C CD  1 
ATOM   691  O OE1 . GLU B 1 46  ? 8.785   -33.916 -7.846  1.00 58.45  ? 46  GLU C OE1 1 
ATOM   692  O OE2 . GLU B 1 46  ? 6.777   -33.729 -8.725  1.00 57.66  ? 46  GLU C OE2 1 
ATOM   693  N N   . GLY B 1 47  ? 8.609   -31.477 -2.250  1.00 33.30  ? 47  GLY C N   1 
ATOM   694  C CA  . GLY B 1 47  ? 9.591   -31.440 -1.180  1.00 30.66  ? 47  GLY C CA  1 
ATOM   695  C C   . GLY B 1 47  ? 10.035  -30.010 -0.886  1.00 29.30  ? 47  GLY C C   1 
ATOM   696  O O   . GLY B 1 47  ? 11.211  -29.691 -1.040  1.00 29.01  ? 47  GLY C O   1 
ATOM   697  N N   . VAL B 1 48  ? 9.087   -29.158 -0.469  1.00 26.05  ? 48  VAL C N   1 
ATOM   698  C CA  . VAL B 1 48  ? 9.339   -27.736 -0.324  1.00 25.38  ? 48  VAL C CA  1 
ATOM   699  C C   . VAL B 1 48  ? 8.991   -27.307 1.095   1.00 24.59  ? 48  VAL C C   1 
ATOM   700  O O   . VAL B 1 48  ? 7.937   -27.659 1.606   1.00 25.59  ? 48  VAL C O   1 
ATOM   701  C CB  . VAL B 1 48  ? 8.531   -26.917 -1.359  1.00 26.34  ? 48  VAL C CB  1 
ATOM   702  C CG1 . VAL B 1 48  ? 8.638   -25.417 -1.122  1.00 25.25  ? 48  VAL C CG1 1 
ATOM   703  C CG2 . VAL B 1 48  ? 8.923   -27.257 -2.785  1.00 25.75  ? 48  VAL C CG2 1 
ATOM   704  N N   . VAL B 1 49  ? 9.870   -26.510 1.706   1.00 26.43  ? 49  VAL C N   1 
ATOM   705  C CA  . VAL B 1 49  ? 9.580   -25.841 2.968   1.00 26.26  ? 49  VAL C CA  1 
ATOM   706  C C   . VAL B 1 49  ? 9.601   -24.344 2.709   1.00 27.79  ? 49  VAL C C   1 
ATOM   707  O O   . VAL B 1 49  ? 10.571  -23.823 2.166   1.00 27.65  ? 49  VAL C O   1 
ATOM   708  C CB  . VAL B 1 49  ? 10.578  -26.180 4.089   1.00 24.86  ? 49  VAL C CB  1 
ATOM   709  C CG1 . VAL B 1 49  ? 10.273  -25.383 5.353   1.00 24.98  ? 49  VAL C CG1 1 
ATOM   710  C CG2 . VAL B 1 49  ? 10.624  -27.664 4.393   1.00 25.05  ? 49  VAL C CG2 1 
ATOM   711  N N   . HIS B 1 50  ? 8.548   -23.668 3.169   1.00 31.27  ? 50  HIS C N   1 
ATOM   712  C CA  . HIS B 1 50  ? 8.314   -22.278 2.849   1.00 32.64  ? 50  HIS C CA  1 
ATOM   713  C C   . HIS B 1 50  ? 7.780   -21.588 4.099   1.00 31.01  ? 50  HIS C C   1 
ATOM   714  O O   . HIS B 1 50  ? 6.896   -22.111 4.767   1.00 31.81  ? 50  HIS C O   1 
ATOM   715  C CB  . HIS B 1 50  ? 7.391   -22.230 1.629   1.00 39.33  ? 50  HIS C CB  1 
ATOM   716  C CG  . HIS B 1 50  ? 7.190   -20.875 1.054   1.00 47.84  ? 50  HIS C CG  1 
ATOM   717  N ND1 . HIS B 1 50  ? 6.032   -20.546 0.381   1.00 54.09  ? 50  HIS C ND1 1 
ATOM   718  C CD2 . HIS B 1 50  ? 7.952   -19.768 1.047   1.00 53.13  ? 50  HIS C CD2 1 
ATOM   719  C CE1 . HIS B 1 50  ? 6.105   -19.281 -0.024  1.00 56.06  ? 50  HIS C CE1 1 
ATOM   720  N NE2 . HIS B 1 50  ? 7.265   -18.792 0.368   1.00 55.85  ? 50  HIS C NE2 1 
ATOM   721  N N   . GLY B 1 51  ? 8.346   -20.425 4.433   1.00 30.20  ? 51  GLY C N   1 
ATOM   722  C CA  . GLY B 1 51  ? 7.778   -19.559 5.450   1.00 28.11  ? 51  GLY C CA  1 
ATOM   723  C C   . GLY B 1 51  ? 7.848   -20.182 6.838   1.00 27.99  ? 51  GLY C C   1 
ATOM   724  O O   . GLY B 1 51  ? 6.844   -20.667 7.344   1.00 31.56  ? 51  GLY C O   1 
ATOM   725  N N   . VAL B 1 52  ? 9.031   -20.141 7.451   1.00 26.70  ? 52  VAL C N   1 
ATOM   726  C CA  . VAL B 1 52  ? 9.202   -20.566 8.826   1.00 26.22  ? 52  VAL C CA  1 
ATOM   727  C C   . VAL B 1 52  ? 9.750   -19.385 9.623   1.00 26.67  ? 52  VAL C C   1 
ATOM   728  O O   . VAL B 1 52  ? 10.883  -18.969 9.405   1.00 28.49  ? 52  VAL C O   1 
ATOM   729  C CB  . VAL B 1 52  ? 10.133  -21.786 8.912   1.00 26.81  ? 52  VAL C CB  1 
ATOM   730  C CG1 . VAL B 1 52  ? 10.264  -22.291 10.344  1.00 27.25  ? 52  VAL C CG1 1 
ATOM   731  C CG2 . VAL B 1 52  ? 9.690   -22.901 7.974   1.00 26.62  ? 52  VAL C CG2 1 
ATOM   732  N N   . ALA B 1 53  ? 8.938   -18.851 10.543  1.00 26.27  ? 53  ALA C N   1 
ATOM   733  C CA  . ALA B 1 53  ? 9.306   -17.694 11.345  1.00 25.92  ? 53  ALA C CA  1 
ATOM   734  C C   . ALA B 1 53  ? 9.409   -18.115 12.800  1.00 24.64  ? 53  ALA C C   1 
ATOM   735  O O   . ALA B 1 53  ? 8.513   -18.785 13.293  1.00 28.89  ? 53  ALA C O   1 
ATOM   736  C CB  . ALA B 1 53  ? 8.283   -16.600 11.172  1.00 26.20  ? 53  ALA C CB  1 
ATOM   737  N N   . THR B 1 54  ? 10.490  -17.728 13.478  1.00 23.94  ? 54  THR C N   1 
ATOM   738  C CA  . THR B 1 54  ? 10.702  -18.134 14.854  1.00 25.65  ? 54  THR C CA  1 
ATOM   739  C C   . THR B 1 54  ? 11.322  -16.990 15.651  1.00 25.01  ? 54  THR C C   1 
ATOM   740  O O   . THR B 1 54  ? 12.211  -16.304 15.160  1.00 26.81  ? 54  THR C O   1 
ATOM   741  C CB  . THR B 1 54  ? 11.578  -19.393 14.917  1.00 28.11  ? 54  THR C CB  1 
ATOM   742  O OG1 . THR B 1 54  ? 10.962  -20.443 14.164  1.00 29.83  ? 54  THR C OG1 1 
ATOM   743  C CG2 . THR B 1 54  ? 11.813  -19.872 16.330  1.00 29.61  ? 54  THR C CG2 1 
ATOM   744  N N   . VAL B 1 55  ? 10.863  -16.811 16.891  1.00 25.16  ? 55  VAL C N   1 
ATOM   745  C CA  . VAL B 1 55  ? 11.406  -15.798 17.777  1.00 25.63  ? 55  VAL C CA  1 
ATOM   746  C C   . VAL B 1 55  ? 11.646  -16.402 19.155  1.00 25.77  ? 55  VAL C C   1 
ATOM   747  O O   . VAL B 1 55  ? 10.816  -17.153 19.654  1.00 27.43  ? 55  VAL C O   1 
ATOM   748  C CB  . VAL B 1 55  ? 10.474  -14.583 17.923  1.00 26.38  ? 55  VAL C CB  1 
ATOM   749  C CG1 . VAL B 1 55  ? 11.131  -13.523 18.789  1.00 27.28  ? 55  VAL C CG1 1 
ATOM   750  C CG2 . VAL B 1 55  ? 10.063  -14.000 16.586  1.00 27.56  ? 55  VAL C CG2 1 
ATOM   751  N N   . ALA B 1 56  ? 12.760  -16.007 19.772  1.00 26.31  ? 56  ALA C N   1 
ATOM   752  C CA  . ALA B 1 56  ? 13.011  -16.257 21.177  1.00 29.28  ? 56  ALA C CA  1 
ATOM   753  C C   . ALA B 1 56  ? 13.446  -14.948 21.831  1.00 32.27  ? 56  ALA C C   1 
ATOM   754  O O   . ALA B 1 56  ? 14.339  -14.281 21.315  1.00 34.56  ? 56  ALA C O   1 
ATOM   755  C CB  . ALA B 1 56  ? 14.060  -17.326 21.316  1.00 28.65  ? 56  ALA C CB  1 
ATOM   756  N N   . GLU B 1 57  ? 12.795  -14.564 22.935  1.00 36.16  ? 57  GLU C N   1 
ATOM   757  C CA  . GLU B 1 57  ? 13.186  -13.372 23.672  1.00 41.21  ? 57  GLU C CA  1 
ATOM   758  C C   . GLU B 1 57  ? 13.314  -13.711 25.152  1.00 41.04  ? 57  GLU C C   1 
ATOM   759  O O   . GLU B 1 57  ? 12.436  -14.349 25.719  1.00 43.91  ? 57  GLU C O   1 
ATOM   760  C CB  . GLU B 1 57  ? 12.199  -12.217 23.486  1.00 45.37  ? 57  GLU C CB  1 
ATOM   761  C CG  . GLU B 1 57  ? 12.570  -11.005 24.332  1.00 52.00  ? 57  GLU C CG  1 
ATOM   762  C CD  . GLU B 1 57  ? 11.988  -9.651  23.953  1.00 58.47  ? 57  GLU C CD  1 
ATOM   763  O OE1 . GLU B 1 57  ? 11.121  -9.596  23.061  1.00 59.64  ? 57  GLU C OE1 1 
ATOM   764  O OE2 . GLU B 1 57  ? 12.419  -8.641  24.557  1.00 63.16  ? 57  GLU C OE2 1 
ATOM   765  N N   . LYS B 1 58  ? 14.420  -13.266 25.758  1.00 42.76  ? 58  LYS C N   1 
ATOM   766  C CA  . LYS B 1 58  ? 14.634  -13.369 27.192  1.00 46.25  ? 58  LYS C CA  1 
ATOM   767  C C   . LYS B 1 58  ? 14.411  -14.804 27.664  1.00 45.03  ? 58  LYS C C   1 
ATOM   768  O O   . LYS B 1 58  ? 13.945  -15.025 28.781  1.00 44.71  ? 58  LYS C O   1 
ATOM   769  C CB  . LYS B 1 58  ? 13.735  -12.376 27.937  1.00 50.73  ? 58  LYS C CB  1 
ATOM   770  C CG  . LYS B 1 58  ? 14.045  -10.908 27.675  1.00 55.95  ? 58  LYS C CG  1 
ATOM   771  C CD  . LYS B 1 58  ? 13.058  -9.959  28.327  1.00 60.26  ? 58  LYS C CD  1 
ATOM   772  C CE  . LYS B 1 58  ? 13.481  -8.509  28.239  1.00 63.68  ? 58  LYS C CE  1 
ATOM   773  N NZ  . LYS B 1 58  ? 12.489  -7.614  28.883  1.00 66.57  ? 58  LYS C NZ  1 
ATOM   774  N N   . THR B 1 59  ? 14.792  -15.772 26.822  1.00 42.44  ? 59  THR C N   1 
ATOM   775  C CA  . THR B 1 59  ? 14.723  -17.179 27.178  1.00 41.19  ? 59  THR C CA  1 
ATOM   776  C C   . THR B 1 59  ? 16.021  -17.554 27.894  1.00 41.26  ? 59  THR C C   1 
ATOM   777  O O   . THR B 1 59  ? 17.079  -17.024 27.565  1.00 42.53  ? 59  THR C O   1 
ATOM   778  C CB  . THR B 1 59  ? 14.442  -18.033 25.933  1.00 39.89  ? 59  THR C CB  1 
ATOM   779  O OG1 . THR B 1 59  ? 15.532  -17.928 25.018  1.00 38.44  ? 59  THR C OG1 1 
ATOM   780  C CG2 . THR B 1 59  ? 13.175  -17.623 25.214  1.00 41.51  ? 59  THR C CG2 1 
ATOM   781  N N   . LYS B 1 60  ? 15.934  -18.454 28.880  1.00 43.35  ? 60  LYS C N   1 
ATOM   782  C CA  . LYS B 1 60  ? 17.112  -19.015 29.525  1.00 45.03  ? 60  LYS C CA  1 
ATOM   783  C C   . LYS B 1 60  ? 17.115  -20.523 29.300  1.00 44.30  ? 60  LYS C C   1 
ATOM   784  O O   . LYS B 1 60  ? 16.083  -21.173 29.453  1.00 45.58  ? 60  LYS C O   1 
ATOM   785  C CB  . LYS B 1 60  ? 17.148  -18.689 31.019  1.00 48.44  ? 60  LYS C CB  1 
ATOM   786  C CG  . LYS B 1 60  ? 17.160  -17.203 31.352  1.00 54.90  ? 60  LYS C CG  1 
ATOM   787  C CD  . LYS B 1 60  ? 17.285  -16.912 32.834  1.00 59.27  ? 60  LYS C CD  1 
ATOM   788  C CE  . LYS B 1 60  ? 17.181  -15.434 33.150  1.00 65.01  ? 60  LYS C CE  1 
ATOM   789  N NZ  . LYS B 1 60  ? 17.442  -15.159 34.585  1.00 67.82  ? 60  LYS C NZ  1 
ATOM   790  N N   . GLU B 1 61  ? 18.280  -21.058 28.923  1.00 43.98  ? 61  GLU C N   1 
ATOM   791  C CA  . GLU B 1 61  ? 18.418  -22.468 28.603  1.00 45.36  ? 61  GLU C CA  1 
ATOM   792  C C   . GLU B 1 61  ? 19.743  -22.977 29.157  1.00 42.96  ? 61  GLU C C   1 
ATOM   793  O O   . GLU B 1 61  ? 20.780  -22.378 28.892  1.00 46.19  ? 61  GLU C O   1 
ATOM   794  C CB  . GLU B 1 61  ? 18.324  -22.661 27.089  1.00 50.35  ? 61  GLU C CB  1 
ATOM   795  C CG  . GLU B 1 61  ? 17.889  -24.052 26.675  1.00 57.07  ? 61  GLU C CG  1 
ATOM   796  C CD  . GLU B 1 61  ? 17.429  -24.171 25.231  1.00 64.98  ? 61  GLU C CD  1 
ATOM   797  O OE1 . GLU B 1 61  ? 17.827  -23.309 24.411  1.00 65.63  ? 61  GLU C OE1 1 
ATOM   798  O OE2 . GLU B 1 61  ? 16.640  -25.107 24.935  1.00 65.37  ? 61  GLU C OE2 1 
ATOM   799  N N   . GLN B 1 62  ? 19.692  -24.053 29.953  1.00 42.83  ? 62  GLN C N   1 
ATOM   800  C CA  . GLN B 1 62  ? 20.895  -24.723 30.424  1.00 43.65  ? 62  GLN C CA  1 
ATOM   801  C C   . GLN B 1 62  ? 20.805  -26.201 30.063  1.00 41.69  ? 62  GLN C C   1 
ATOM   802  O O   . GLN B 1 62  ? 20.003  -26.932 30.631  1.00 44.13  ? 62  GLN C O   1 
ATOM   803  C CB  . GLN B 1 62  ? 21.177  -24.502 31.915  1.00 47.69  ? 62  GLN C CB  1 
ATOM   804  C CG  . GLN B 1 62  ? 20.007  -24.731 32.860  1.00 54.28  ? 62  GLN C CG  1 
ATOM   805  C CD  . GLN B 1 62  ? 20.291  -24.241 34.264  1.00 61.06  ? 62  GLN C CD  1 
ATOM   806  O OE1 . GLN B 1 62  ? 19.424  -24.270 35.134  1.00 64.58  ? 62  GLN C OE1 1 
ATOM   807  N NE2 . GLN B 1 62  ? 21.510  -23.777 34.501  1.00 60.18  ? 62  GLN C NE2 1 
ATOM   808  N N   . VAL B 1 63  ? 21.641  -26.604 29.101  1.00 38.20  ? 63  VAL C N   1 
ATOM   809  C CA  . VAL B 1 63  ? 21.738  -27.974 28.637  1.00 35.92  ? 63  VAL C CA  1 
ATOM   810  C C   . VAL B 1 63  ? 22.997  -28.597 29.239  1.00 36.04  ? 63  VAL C C   1 
ATOM   811  O O   . VAL B 1 63  ? 24.067  -28.001 29.192  1.00 37.49  ? 63  VAL C O   1 
ATOM   812  C CB  . VAL B 1 63  ? 21.772  -28.020 27.097  1.00 35.67  ? 63  VAL C CB  1 
ATOM   813  C CG1 . VAL B 1 63  ? 21.925  -29.439 26.567  1.00 35.58  ? 63  VAL C CG1 1 
ATOM   814  C CG2 . VAL B 1 63  ? 20.554  -27.343 26.481  1.00 35.39  ? 63  VAL C CG2 1 
ATOM   815  N N   . THR B 1 64  ? 22.849  -29.793 29.818  1.00 37.92  ? 64  THR C N   1 
ATOM   816  C CA  . THR B 1 64  ? 23.976  -30.644 30.157  1.00 38.29  ? 64  THR C CA  1 
ATOM   817  C C   . THR B 1 64  ? 23.752  -32.011 29.515  1.00 38.41  ? 64  THR C C   1 
ATOM   818  O O   . THR B 1 64  ? 22.955  -32.810 29.999  1.00 40.69  ? 64  THR C O   1 
ATOM   819  C CB  . THR B 1 64  ? 24.227  -30.696 31.671  1.00 41.03  ? 64  THR C CB  1 
ATOM   820  O OG1 . THR B 1 64  ? 25.172  -31.737 31.916  1.00 40.61  ? 64  THR C OG1 1 
ATOM   821  C CG2 . THR B 1 64  ? 22.991  -30.948 32.500  1.00 45.26  ? 64  THR C CG2 1 
ATOM   822  N N   . ASN B 1 65  ? 24.476  -32.254 28.414  1.00 37.16  ? 65  ASN C N   1 
ATOM   823  C CA  . ASN B 1 65  ? 24.304  -33.426 27.578  1.00 34.97  ? 65  ASN C CA  1 
ATOM   824  C C   . ASN B 1 65  ? 25.525  -34.326 27.724  1.00 36.92  ? 65  ASN C C   1 
ATOM   825  O O   . ASN B 1 65  ? 26.652  -33.842 27.731  1.00 38.00  ? 65  ASN C O   1 
ATOM   826  C CB  . ASN B 1 65  ? 24.088  -33.020 26.120  1.00 35.75  ? 65  ASN C CB  1 
ATOM   827  C CG  . ASN B 1 65  ? 24.066  -34.190 25.162  1.00 34.37  ? 65  ASN C CG  1 
ATOM   828  O OD1 . ASN B 1 65  ? 24.753  -34.178 24.145  1.00 33.23  ? 65  ASN C OD1 1 
ATOM   829  N ND2 . ASN B 1 65  ? 23.265  -35.195 25.469  1.00 36.53  ? 65  ASN C ND2 1 
ATOM   830  N N   . VAL B 1 66  ? 25.278  -35.638 27.817  1.00 39.29  ? 66  VAL C N   1 
ATOM   831  C CA  . VAL B 1 66  ? 26.325  -36.637 27.958  1.00 38.95  ? 66  VAL C CA  1 
ATOM   832  C C   . VAL B 1 66  ? 26.008  -37.797 27.017  1.00 37.42  ? 66  VAL C C   1 
ATOM   833  O O   . VAL B 1 66  ? 25.154  -38.626 27.317  1.00 39.37  ? 66  VAL C O   1 
ATOM   834  C CB  . VAL B 1 66  ? 26.456  -37.107 29.419  1.00 38.64  ? 66  VAL C CB  1 
ATOM   835  C CG1 . VAL B 1 66  ? 27.567  -38.129 29.587  1.00 38.13  ? 66  VAL C CG1 1 
ATOM   836  C CG2 . VAL B 1 66  ? 26.656  -35.938 30.369  1.00 39.05  ? 66  VAL C CG2 1 
ATOM   837  N N   . GLY B 1 67  ? 26.676  -37.816 25.860  1.00 36.05  ? 67  GLY C N   1 
ATOM   838  C CA  . GLY B 1 67  ? 26.607  -38.938 24.938  1.00 35.26  ? 67  GLY C CA  1 
ATOM   839  C C   . GLY B 1 67  ? 25.301  -38.996 24.151  1.00 34.14  ? 67  GLY C C   1 
ATOM   840  O O   . GLY B 1 67  ? 25.076  -39.954 23.411  1.00 35.97  ? 67  GLY C O   1 
ATOM   841  N N   . GLY B 1 68  ? 24.468  -37.958 24.297  1.00 31.79  ? 68  GLY C N   1 
ATOM   842  C CA  . GLY B 1 68  ? 23.170  -37.887 23.661  1.00 29.41  ? 68  GLY C CA  1 
ATOM   843  C C   . GLY B 1 68  ? 23.111  -36.748 22.651  1.00 28.32  ? 68  GLY C C   1 
ATOM   844  O O   . GLY B 1 68  ? 24.135  -36.179 22.292  1.00 29.46  ? 68  GLY C O   1 
ATOM   845  N N   . ALA B 1 69  ? 21.890  -36.440 22.208  1.00 28.22  ? 69  ALA C N   1 
ATOM   846  C CA  . ALA B 1 69  ? 21.630  -35.424 21.206  1.00 27.97  ? 69  ALA C CA  1 
ATOM   847  C C   . ALA B 1 69  ? 20.549  -34.481 21.731  1.00 27.08  ? 69  ALA C C   1 
ATOM   848  O O   . ALA B 1 69  ? 19.483  -34.933 22.137  1.00 27.16  ? 69  ALA C O   1 
ATOM   849  C CB  . ALA B 1 69  ? 21.223  -36.078 19.905  1.00 27.26  ? 69  ALA C CB  1 
ATOM   850  N N   . VAL B 1 70  ? 20.860  -33.182 21.755  1.00 25.67  ? 70  VAL C N   1 
ATOM   851  C CA  . VAL B 1 70  ? 19.919  -32.148 22.145  1.00 25.23  ? 70  VAL C CA  1 
ATOM   852  C C   . VAL B 1 70  ? 19.810  -31.158 20.992  1.00 25.21  ? 70  VAL C C   1 
ATOM   853  O O   . VAL B 1 70  ? 20.831  -30.712 20.482  1.00 27.18  ? 70  VAL C O   1 
ATOM   854  C CB  . VAL B 1 70  ? 20.369  -31.432 23.431  1.00 25.02  ? 70  VAL C CB  1 
ATOM   855  C CG1 . VAL B 1 70  ? 19.303  -30.454 23.910  1.00 24.19  ? 70  VAL C CG1 1 
ATOM   856  C CG2 . VAL B 1 70  ? 20.765  -32.405 24.543  1.00 23.66  ? 70  VAL C CG2 1 
ATOM   857  N N   . VAL B 1 71  ? 18.582  -30.818 20.591  1.00 25.54  ? 71  VAL C N   1 
ATOM   858  C CA  . VAL B 1 71  ? 18.362  -29.869 19.512  1.00 26.89  ? 71  VAL C CA  1 
ATOM   859  C C   . VAL B 1 71  ? 17.365  -28.823 19.997  1.00 27.19  ? 71  VAL C C   1 
ATOM   860  O O   . VAL B 1 71  ? 16.215  -29.157 20.257  1.00 28.45  ? 71  VAL C O   1 
ATOM   861  C CB  . VAL B 1 71  ? 17.858  -30.555 18.227  1.00 27.01  ? 71  VAL C CB  1 
ATOM   862  C CG1 . VAL B 1 71  ? 17.665  -29.541 17.108  1.00 29.03  ? 71  VAL C CG1 1 
ATOM   863  C CG2 . VAL B 1 71  ? 18.774  -31.680 17.782  1.00 26.85  ? 71  VAL C CG2 1 
ATOM   864  N N   . THR B 1 72  ? 17.823  -27.567 20.098  1.00 27.93  ? 72  THR C N   1 
ATOM   865  C CA  . THR B 1 72  ? 17.007  -26.477 20.599  1.00 29.74  ? 72  THR C CA  1 
ATOM   866  C C   . THR B 1 72  ? 16.706  -25.466 19.489  1.00 30.25  ? 72  THR C C   1 
ATOM   867  O O   . THR B 1 72  ? 15.910  -24.554 19.704  1.00 31.46  ? 72  THR C O   1 
ATOM   868  C CB  . THR B 1 72  ? 17.682  -25.794 21.799  1.00 31.12  ? 72  THR C CB  1 
ATOM   869  O OG1 . THR B 1 72  ? 18.837  -25.077 21.367  1.00 31.70  ? 72  THR C OG1 1 
ATOM   870  C CG2 . THR B 1 72  ? 18.114  -26.755 22.884  1.00 31.54  ? 72  THR C CG2 1 
ATOM   871  N N   . GLY B 1 73  ? 17.308  -25.636 18.305  1.00 29.78  ? 73  GLY C N   1 
ATOM   872  C CA  . GLY B 1 73  ? 17.269  -24.620 17.261  1.00 29.49  ? 73  GLY C CA  1 
ATOM   873  C C   . GLY B 1 73  ? 16.152  -24.847 16.240  1.00 29.19  ? 73  GLY C C   1 
ATOM   874  O O   . GLY B 1 73  ? 15.171  -25.524 16.519  1.00 31.92  ? 73  GLY C O   1 
ATOM   875  N N   . VAL B 1 74  ? 16.312  -24.255 15.053  1.00 29.34  ? 74  VAL C N   1 
ATOM   876  C CA  . VAL B 1 74  ? 15.344  -24.370 13.973  1.00 28.37  ? 74  VAL C CA  1 
ATOM   877  C C   . VAL B 1 74  ? 15.951  -25.230 12.865  1.00 26.74  ? 74  VAL C C   1 
ATOM   878  O O   . VAL B 1 74  ? 17.061  -24.957 12.425  1.00 28.40  ? 74  VAL C O   1 
ATOM   879  C CB  . VAL B 1 74  ? 14.946  -22.979 13.445  1.00 27.73  ? 74  VAL C CB  1 
ATOM   880  C CG1 . VAL B 1 74  ? 14.005  -23.073 12.253  1.00 27.23  ? 74  VAL C CG1 1 
ATOM   881  C CG2 . VAL B 1 74  ? 14.349  -22.119 14.543  1.00 28.75  ? 74  VAL C CG2 1 
ATOM   882  N N   . THR B 1 75  ? 15.217  -26.260 12.428  1.00 26.43  ? 75  THR C N   1 
ATOM   883  C CA  . THR B 1 75  ? 15.657  -27.150 11.364  1.00 26.76  ? 75  THR C CA  1 
ATOM   884  C C   . THR B 1 75  ? 14.607  -27.159 10.260  1.00 26.30  ? 75  THR C C   1 
ATOM   885  O O   . THR B 1 75  ? 13.416  -27.283 10.535  1.00 27.02  ? 75  THR C O   1 
ATOM   886  C CB  . THR B 1 75  ? 15.861  -28.583 11.870  1.00 31.44  ? 75  THR C CB  1 
ATOM   887  O OG1 . THR B 1 75  ? 16.755  -28.586 12.988  1.00 33.33  ? 75  THR C OG1 1 
ATOM   888  C CG2 . THR B 1 75  ? 16.407  -29.503 10.798  1.00 32.46  ? 75  THR C CG2 1 
ATOM   889  N N   . ALA B 1 76  ? 15.057  -27.000 9.016   1.00 25.27  ? 76  ALA C N   1 
ATOM   890  C CA  . ALA B 1 76  ? 14.179  -26.996 7.864   1.00 23.81  ? 76  ALA C CA  1 
ATOM   891  C C   . ALA B 1 76  ? 14.793  -27.884 6.789   1.00 24.26  ? 76  ALA C C   1 
ATOM   892  O O   . ALA B 1 76  ? 15.821  -27.529 6.224   1.00 26.86  ? 76  ALA C O   1 
ATOM   893  C CB  . ALA B 1 76  ? 13.988  -25.590 7.378   1.00 23.67  ? 76  ALA C CB  1 
ATOM   894  N N   . VAL B 1 77  ? 14.166  -29.036 6.527   1.00 23.60  ? 77  VAL C N   1 
ATOM   895  C CA  . VAL B 1 77  ? 14.688  -30.010 5.587   1.00 23.40  ? 77  VAL C CA  1 
ATOM   896  C C   . VAL B 1 77  ? 13.658  -30.184 4.487   1.00 23.96  ? 77  VAL C C   1 
ATOM   897  O O   . VAL B 1 77  ? 12.498  -30.450 4.769   1.00 25.52  ? 77  VAL C O   1 
ATOM   898  C CB  . VAL B 1 77  ? 15.005  -31.355 6.268   1.00 23.79  ? 77  VAL C CB  1 
ATOM   899  C CG1 . VAL B 1 77  ? 15.528  -32.379 5.277   1.00 23.23  ? 77  VAL C CG1 1 
ATOM   900  C CG2 . VAL B 1 77  ? 15.968  -31.190 7.437   1.00 22.84  ? 77  VAL C CG2 1 
ATOM   901  N N   . ALA B 1 78  ? 14.097  -30.016 3.240   1.00 25.18  ? 78  ALA C N   1 
ATOM   902  C CA  . ALA B 1 78  ? 13.242  -30.163 2.081   1.00 25.79  ? 78  ALA C CA  1 
ATOM   903  C C   . ALA B 1 78  ? 13.949  -31.081 1.092   1.00 27.16  ? 78  ALA C C   1 
ATOM   904  O O   . ALA B 1 78  ? 15.055  -30.774 0.658   1.00 28.85  ? 78  ALA C O   1 
ATOM   905  C CB  . ALA B 1 78  ? 12.932  -28.812 1.495   1.00 25.12  ? 78  ALA C CB  1 
ATOM   906  N N   . GLN B 1 79  ? 13.318  -32.220 0.786   1.00 27.61  ? 79  GLN C N   1 
ATOM   907  C CA  . GLN B 1 79  ? 13.941  -33.287 0.025   1.00 28.38  ? 79  GLN C CA  1 
ATOM   908  C C   . GLN B 1 79  ? 12.927  -33.813 -0.981  1.00 30.65  ? 79  GLN C C   1 
ATOM   909  O O   . GLN B 1 79  ? 11.803  -34.109 -0.599  1.00 32.33  ? 79  GLN C O   1 
ATOM   910  C CB  . GLN B 1 79  ? 14.393  -34.414 0.956   1.00 28.78  ? 79  GLN C CB  1 
ATOM   911  C CG  . GLN B 1 79  ? 15.321  -33.969 2.085   1.00 27.64  ? 79  GLN C CG  1 
ATOM   912  C CD  . GLN B 1 79  ? 15.678  -35.079 3.041   1.00 25.87  ? 79  GLN C CD  1 
ATOM   913  O OE1 . GLN B 1 79  ? 16.839  -35.288 3.390   1.00 25.92  ? 79  GLN C OE1 1 
ATOM   914  N NE2 . GLN B 1 79  ? 14.671  -35.805 3.489   1.00 26.86  ? 79  GLN C NE2 1 
ATOM   915  N N   . LYS B 1 80  ? 13.305  -33.927 -2.260  1.00 33.87  ? 80  LYS C N   1 
ATOM   916  C CA  . LYS B 1 80  ? 12.398  -34.518 -3.230  1.00 36.64  ? 80  LYS C CA  1 
ATOM   917  C C   . LYS B 1 80  ? 12.422  -36.031 -3.073  1.00 35.35  ? 80  LYS C C   1 
ATOM   918  O O   . LYS B 1 80  ? 11.379  -36.641 -2.882  1.00 39.13  ? 80  LYS C O   1 
ATOM   919  C CB  . LYS B 1 80  ? 12.690  -34.125 -4.681  1.00 40.48  ? 80  LYS C CB  1 
ATOM   920  C CG  . LYS B 1 80  ? 11.921  -34.969 -5.693  1.00 44.66  ? 80  LYS C CG  1 
ATOM   921  C CD  . LYS B 1 80  ? 12.032  -34.545 -7.135  1.00 48.41  ? 80  LYS C CD  1 
ATOM   922  C CE  . LYS B 1 80  ? 11.555  -35.636 -8.071  1.00 51.41  ? 80  LYS C CE  1 
ATOM   923  N NZ  . LYS B 1 80  ? 11.690  -35.247 -9.497  1.00 54.54  ? 80  LYS C NZ  1 
ATOM   924  N N   . THR B 1 81  ? 13.612  -36.628 -3.147  1.00 35.71  ? 81  THR C N   1 
ATOM   925  C CA  . THR B 1 81  ? 13.726  -38.075 -3.129  1.00 37.69  ? 81  THR C CA  1 
ATOM   926  C C   . THR B 1 81  ? 14.916  -38.503 -2.273  1.00 34.84  ? 81  THR C C   1 
ATOM   927  O O   . THR B 1 81  ? 15.981  -37.901 -2.339  1.00 34.88  ? 81  THR C O   1 
ATOM   928  C CB  . THR B 1 81  ? 13.811  -38.631 -4.558  1.00 38.86  ? 81  THR C CB  1 
ATOM   929  O OG1 . THR B 1 81  ? 12.566  -38.379 -5.209  1.00 40.26  ? 81  THR C OG1 1 
ATOM   930  C CG2 . THR B 1 81  ? 14.086  -40.118 -4.601  1.00 41.59  ? 81  THR C CG2 1 
ATOM   931  N N   . VAL B 1 82  ? 14.702  -39.550 -1.472  1.00 36.95  ? 82  VAL C N   1 
ATOM   932  C CA  . VAL B 1 82  ? 15.755  -40.210 -0.722  1.00 39.28  ? 82  VAL C CA  1 
ATOM   933  C C   . VAL B 1 82  ? 15.544  -41.715 -0.857  1.00 43.76  ? 82  VAL C C   1 
ATOM   934  O O   . VAL B 1 82  ? 14.714  -42.288 -0.159  1.00 46.81  ? 82  VAL C O   1 
ATOM   935  C CB  . VAL B 1 82  ? 15.761  -39.781 0.759   1.00 38.79  ? 82  VAL C CB  1 
ATOM   936  C CG1 . VAL B 1 82  ? 16.846  -40.500 1.551   1.00 37.29  ? 82  VAL C CG1 1 
ATOM   937  C CG2 . VAL B 1 82  ? 15.884  -38.273 0.919   1.00 39.73  ? 82  VAL C CG2 1 
ATOM   938  N N   . GLU B 1 83  ? 16.286  -42.335 -1.783  1.00 51.48  ? 83  GLU C N   1 
ATOM   939  C CA  . GLU B 1 83  ? 16.265  -43.778 -1.961  1.00 54.28  ? 83  GLU C CA  1 
ATOM   940  C C   . GLU B 1 83  ? 17.445  -44.386 -1.211  1.00 54.06  ? 83  GLU C C   1 
ATOM   941  O O   . GLU B 1 83  ? 18.504  -43.771 -1.109  1.00 57.37  ? 83  GLU C O   1 
ATOM   942  C CB  . GLU B 1 83  ? 16.327  -44.151 -3.441  1.00 58.03  ? 83  GLU C CB  1 
ATOM   943  C CG  . GLU B 1 83  ? 15.188  -43.565 -4.253  1.00 64.78  ? 83  GLU C CG  1 
ATOM   944  C CD  . GLU B 1 83  ? 14.995  -44.156 -5.643  1.00 70.99  ? 83  GLU C CD  1 
ATOM   945  O OE1 . GLU B 1 83  ? 15.620  -45.198 -5.946  1.00 70.58  ? 83  GLU C OE1 1 
ATOM   946  O OE2 . GLU B 1 83  ? 14.217  -43.565 -6.427  1.00 73.83  ? 83  GLU C OE2 1 
ATOM   947  N N   . GLY B 1 84  ? 17.245  -45.598 -0.687  1.00 54.27  ? 84  GLY C N   1 
ATOM   948  C CA  . GLY B 1 84  ? 18.296  -46.315 0.009   1.00 53.35  ? 84  GLY C CA  1 
ATOM   949  C C   . GLY B 1 84  ? 17.728  -47.252 1.067   1.00 52.31  ? 84  GLY C C   1 
ATOM   950  O O   . GLY B 1 84  ? 17.042  -46.802 1.980   1.00 55.07  ? 84  GLY C O   1 
ATOM   951  N N   . ALA B 1 85  ? 18.024  -48.550 0.936   1.00 51.56  ? 85  ALA C N   1 
ATOM   952  C CA  . ALA B 1 85  ? 17.686  -49.519 1.964   1.00 48.92  ? 85  ALA C CA  1 
ATOM   953  C C   . ALA B 1 85  ? 18.408  -49.147 3.253   1.00 45.97  ? 85  ALA C C   1 
ATOM   954  O O   . ALA B 1 85  ? 19.631  -49.037 3.262   1.00 48.68  ? 85  ALA C O   1 
ATOM   955  C CB  . ALA B 1 85  ? 18.050  -50.908 1.511   1.00 48.39  ? 85  ALA C CB  1 
ATOM   956  N N   . GLY B 1 86  ? 17.633  -48.940 4.323   1.00 45.56  ? 86  GLY C N   1 
ATOM   957  C CA  . GLY B 1 86  ? 18.171  -48.555 5.617   1.00 44.53  ? 86  GLY C CA  1 
ATOM   958  C C   . GLY B 1 86  ? 18.664  -47.108 5.645   1.00 43.78  ? 86  GLY C C   1 
ATOM   959  O O   . GLY B 1 86  ? 19.558  -46.787 6.427   1.00 44.34  ? 86  GLY C O   1 
ATOM   960  N N   . SER B 1 87  ? 18.067  -46.240 4.810   1.00 41.09  ? 87  SER C N   1 
ATOM   961  C CA  . SER B 1 87  ? 18.442  -44.835 4.768   1.00 40.22  ? 87  SER C CA  1 
ATOM   962  C C   . SER B 1 87  ? 17.676  -44.042 5.830   1.00 38.31  ? 87  SER C C   1 
ATOM   963  O O   . SER B 1 87  ? 16.538  -44.367 6.155   1.00 39.62  ? 87  SER C O   1 
ATOM   964  C CB  . SER B 1 87  ? 18.236  -44.255 3.394   1.00 42.34  ? 87  SER C CB  1 
ATOM   965  O OG  . SER B 1 87  ? 16.871  -44.335 3.006   1.00 46.27  ? 87  SER C OG  1 
ATOM   966  N N   . ILE B 1 88  ? 18.333  -43.015 6.385   1.00 37.00  ? 88  ILE C N   1 
ATOM   967  C CA  . ILE B 1 88  ? 17.702  -42.040 7.263   1.00 33.88  ? 88  ILE C CA  1 
ATOM   968  C C   . ILE B 1 88  ? 17.621  -40.725 6.499   1.00 33.04  ? 88  ILE C C   1 
ATOM   969  O O   . ILE B 1 88  ? 18.653  -40.113 6.233   1.00 34.81  ? 88  ILE C O   1 
ATOM   970  C CB  . ILE B 1 88  ? 18.494  -41.886 8.573   1.00 34.14  ? 88  ILE C CB  1 
ATOM   971  C CG1 . ILE B 1 88  ? 18.728  -43.243 9.246   1.00 33.60  ? 88  ILE C CG1 1 
ATOM   972  C CG2 . ILE B 1 88  ? 17.804  -40.891 9.501   1.00 34.16  ? 88  ILE C CG2 1 
ATOM   973  C CD1 . ILE B 1 88  ? 19.606  -43.182 10.463  1.00 33.75  ? 88  ILE C CD1 1 
ATOM   974  N N   . ALA B 1 89  ? 16.400  -40.309 6.134   1.00 31.50  ? 89  ALA C N   1 
ATOM   975  C CA  . ALA B 1 89  ? 16.227  -39.205 5.204   1.00 29.16  ? 89  ALA C CA  1 
ATOM   976  C C   . ALA B 1 89  ? 16.330  -37.859 5.921   1.00 30.00  ? 89  ALA C C   1 
ATOM   977  O O   . ALA B 1 89  ? 16.892  -36.918 5.363   1.00 31.09  ? 89  ALA C O   1 
ATOM   978  C CB  . ALA B 1 89  ? 14.939  -39.354 4.459   1.00 29.92  ? 89  ALA C CB  1 
ATOM   979  N N   . ALA B 1 90  ? 15.794  -37.757 7.143   1.00 30.26  ? 90  ALA C N   1 
ATOM   980  C CA  . ALA B 1 90  ? 15.794  -36.494 7.870   1.00 30.24  ? 90  ALA C CA  1 
ATOM   981  C C   . ALA B 1 90  ? 15.683  -36.760 9.366   1.00 30.74  ? 90  ALA C C   1 
ATOM   982  O O   . ALA B 1 90  ? 14.593  -37.029 9.862   1.00 33.40  ? 90  ALA C O   1 
ATOM   983  C CB  . ALA B 1 90  ? 14.671  -35.611 7.395   1.00 28.27  ? 90  ALA C CB  1 
ATOM   984  N N   . ALA B 1 91  ? 16.811  -36.632 10.070  1.00 30.01  ? 91  ALA C N   1 
ATOM   985  C CA  . ALA B 1 91  ? 16.884  -36.941 11.484  1.00 30.74  ? 91  ALA C CA  1 
ATOM   986  C C   . ALA B 1 91  ? 17.314  -35.704 12.262  1.00 32.16  ? 91  ALA C C   1 
ATOM   987  O O   . ALA B 1 91  ? 18.308  -35.071 11.915  1.00 34.06  ? 91  ALA C O   1 
ATOM   988  C CB  . ALA B 1 91  ? 17.849  -38.072 11.698  1.00 31.96  ? 91  ALA C CB  1 
ATOM   989  N N   . THR B 1 92  ? 16.572  -35.388 13.326  1.00 32.80  ? 92  THR C N   1 
ATOM   990  C CA  . THR B 1 92  ? 16.881  -34.256 14.182  1.00 33.70  ? 92  THR C CA  1 
ATOM   991  C C   . THR B 1 92  ? 16.805  -34.700 15.639  1.00 33.52  ? 92  THR C C   1 
ATOM   992  O O   . THR B 1 92  ? 15.720  -34.985 16.141  1.00 35.16  ? 92  THR C O   1 
ATOM   993  C CB  . THR B 1 92  ? 15.929  -33.090 13.910  1.00 34.57  ? 92  THR C CB  1 
ATOM   994  O OG1 . THR B 1 92  ? 15.976  -32.827 12.506  1.00 38.13  ? 92  THR C OG1 1 
ATOM   995  C CG2 . THR B 1 92  ? 16.293  -31.849 14.693  1.00 35.71  ? 92  THR C CG2 1 
ATOM   996  N N   . GLY B 1 93  ? 17.956  -34.739 16.314  1.00 29.81  ? 93  GLY C N   1 
ATOM   997  C CA  . GLY B 1 93  ? 18.014  -35.305 17.648  1.00 30.22  ? 93  GLY C CA  1 
ATOM   998  C C   . GLY B 1 93  ? 17.883  -36.820 17.574  1.00 30.02  ? 93  GLY C C   1 
ATOM   999  O O   . GLY B 1 93  ? 16.842  -37.383 17.895  1.00 30.06  ? 93  GLY C O   1 
ATOM   1000 N N   . PHE B 1 94  ? 18.952  -37.459 17.105  1.00 32.18  ? 94  PHE C N   1 
ATOM   1001 C CA  . PHE B 1 94  ? 18.939  -38.874 16.792  1.00 33.06  ? 94  PHE C CA  1 
ATOM   1002 C C   . PHE B 1 94  ? 20.162  -39.519 17.444  1.00 34.28  ? 94  PHE C C   1 
ATOM   1003 O O   . PHE B 1 94  ? 21.280  -39.045 17.260  1.00 34.34  ? 94  PHE C O   1 
ATOM   1004 C CB  . PHE B 1 94  ? 18.899  -39.037 15.274  1.00 32.97  ? 94  PHE C CB  1 
ATOM   1005 C CG  . PHE B 1 94  ? 18.416  -40.370 14.766  1.00 34.84  ? 94  PHE C CG  1 
ATOM   1006 C CD1 . PHE B 1 94  ? 19.134  -41.531 15.004  1.00 35.31  ? 94  PHE C CD1 1 
ATOM   1007 C CD2 . PHE B 1 94  ? 17.253  -40.459 14.010  1.00 36.60  ? 94  PHE C CD2 1 
ATOM   1008 C CE1 . PHE B 1 94  ? 18.689  -42.753 14.522  1.00 36.87  ? 94  PHE C CE1 1 
ATOM   1009 C CE2 . PHE B 1 94  ? 16.807  -41.682 13.530  1.00 38.14  ? 94  PHE C CE2 1 
ATOM   1010 C CZ  . PHE B 1 94  ? 17.527  -42.828 13.787  1.00 38.71  ? 94  PHE C CZ  1 
ATOM   1011 N N   . VAL B 1 95  ? 19.927  -40.589 18.215  1.00 34.66  ? 95  VAL C N   1 
ATOM   1012 C CA  . VAL B 1 95  ? 20.987  -41.367 18.829  1.00 36.42  ? 95  VAL C CA  1 
ATOM   1013 C C   . VAL B 1 95  ? 20.910  -42.795 18.291  1.00 40.04  ? 95  VAL C C   1 
ATOM   1014 O O   . VAL B 1 95  ? 20.059  -43.572 18.719  1.00 40.13  ? 95  VAL C O   1 
ATOM   1015 C CB  . VAL B 1 95  ? 20.877  -41.335 20.364  1.00 36.77  ? 95  VAL C CB  1 
ATOM   1016 C CG1 . VAL B 1 95  ? 21.943  -42.205 21.021  1.00 37.59  ? 95  VAL C CG1 1 
ATOM   1017 C CG2 . VAL B 1 95  ? 20.927  -39.914 20.895  1.00 37.18  ? 95  VAL C CG2 1 
ATOM   1018 N N   . LYS B 1 96  ? 21.812  -43.120 17.356  1.00 44.06  ? 96  LYS C N   1 
ATOM   1019 C CA  . LYS B 1 96  ? 21.917  -44.444 16.765  1.00 46.14  ? 96  LYS C CA  1 
ATOM   1020 C C   . LYS B 1 96  ? 23.094  -45.181 17.410  1.00 47.39  ? 96  LYS C C   1 
ATOM   1021 O O   . LYS B 1 96  ? 24.229  -44.726 17.315  1.00 50.12  ? 96  LYS C O   1 
ATOM   1022 C CB  . LYS B 1 96  ? 22.091  -44.311 15.248  1.00 45.29  ? 96  LYS C CB  1 
ATOM   1023 C CG  . LYS B 1 96  ? 21.861  -45.586 14.448  1.00 45.96  ? 96  LYS C CG  1 
ATOM   1024 C CD  . LYS B 1 96  ? 22.053  -45.392 12.962  1.00 46.30  ? 96  LYS C CD  1 
ATOM   1025 C CE  . LYS B 1 96  ? 22.053  -46.688 12.177  1.00 48.02  ? 96  LYS C CE  1 
ATOM   1026 N NZ  . LYS B 1 96  ? 20.759  -47.399 12.280  1.00 49.96  ? 96  LYS C NZ  1 
ATOM   1027 N N   . LYS B 1 97  ? 22.805  -46.292 18.103  1.00 50.00  ? 97  LYS C N   1 
ATOM   1028 C CA  . LYS B 1 97  ? 23.824  -47.131 18.720  1.00 53.51  ? 97  LYS C CA  1 
ATOM   1029 C C   . LYS B 1 97  ? 23.430  -48.599 18.558  1.00 54.39  ? 97  LYS C C   1 
ATOM   1030 O O   . LYS B 1 97  ? 23.196  -49.301 19.538  1.00 54.00  ? 97  LYS C O   1 
ATOM   1031 C CB  . LYS B 1 97  ? 24.007  -46.770 20.198  1.00 54.75  ? 97  LYS C CB  1 
ATOM   1032 C CG  . LYS B 1 97  ? 24.484  -45.349 20.463  1.00 58.53  ? 97  LYS C CG  1 
ATOM   1033 C CD  . LYS B 1 97  ? 24.690  -45.037 21.931  1.00 61.17  ? 97  LYS C CD  1 
ATOM   1034 C CE  . LYS B 1 97  ? 25.137  -43.609 22.167  1.00 63.86  ? 97  LYS C CE  1 
ATOM   1035 N NZ  . LYS B 1 97  ? 24.981  -43.208 23.587  1.00 66.87  ? 97  LYS C NZ  1 
ATOM   1036 N N   . ASP B 1 98  ? 23.365  -49.047 17.299  1.00 61.52  ? 98  ASP C N   1 
ATOM   1037 C CA  . ASP B 1 98  ? 22.956  -50.401 16.963  1.00 68.76  ? 98  ASP C CA  1 
ATOM   1038 C C   . ASP B 1 98  ? 24.115  -51.370 17.181  1.00 75.06  ? 98  ASP C C   1 
ATOM   1039 O O   . ASP B 1 98  ? 25.274  -50.960 17.250  1.00 74.42  ? 98  ASP C O   1 
ATOM   1040 C CB  . ASP B 1 98  ? 22.480  -50.484 15.512  1.00 70.48  ? 98  ASP C CB  1 
ATOM   1041 C CG  . ASP B 1 98  ? 21.275  -49.614 15.199  1.00 72.87  ? 98  ASP C CG  1 
ATOM   1042 O OD1 . ASP B 1 98  ? 20.678  -49.064 16.147  1.00 74.16  ? 98  ASP C OD1 1 
ATOM   1043 O OD2 . ASP B 1 98  ? 20.953  -49.484 14.004  1.00 74.77  ? 98  ASP C OD2 1 
ATOM   1044 N N   . GLN B 1 99  ? 23.770  -52.662 17.281  1.00 82.86  ? 99  GLN C N   1 
ATOM   1045 C CA  . GLN B 1 99  ? 24.735  -53.745 17.374  1.00 86.46  ? 99  GLN C CA  1 
ATOM   1046 C C   . GLN B 1 99  ? 24.381  -54.802 16.330  1.00 90.83  ? 99  GLN C C   1 
ATOM   1047 O O   . GLN B 1 99  ? 23.432  -55.562 16.512  1.00 92.75  ? 99  GLN C O   1 
ATOM   1048 C CB  . GLN B 1 99  ? 24.753  -54.328 18.787  1.00 86.34  ? 99  GLN C CB  1 
ATOM   1049 C CG  . GLN B 1 99  ? 25.278  -53.353 19.832  1.00 90.14  ? 99  GLN C CG  1 
ATOM   1050 C CD  . GLN B 1 99  ? 25.440  -53.972 21.200  1.00 93.33  ? 99  GLN C CD  1 
ATOM   1051 O OE1 . GLN B 1 99  ? 25.098  -55.132 21.430  1.00 96.91  ? 99  GLN C OE1 1 
ATOM   1052 N NE2 . GLN B 1 99  ? 25.967  -53.191 22.130  1.00 94.06  ? 99  GLN C NE2 1 
ATOM   1053 N N   . LEU B 1 100 ? 25.160  -54.828 15.240  1.00 99.50  ? 100 LEU C N   1 
ATOM   1054 C CA  . LEU B 1 100 ? 24.935  -55.734 14.124  1.00 106.01 ? 100 LEU C CA  1 
ATOM   1055 C C   . LEU B 1 100 ? 25.841  -56.962 14.279  1.00 110.00 ? 100 LEU C C   1 
ATOM   1056 O O   . LEU B 1 100 ? 25.803  -57.572 15.370  1.00 110.04 ? 100 LEU C O   1 
ATOM   1057 C CB  . LEU B 1 100 ? 25.235  -54.999 12.811  1.00 110.82 ? 100 LEU C CB  1 
ATOM   1058 C CG  . LEU B 1 100 ? 24.262  -53.888 12.406  1.00 113.87 ? 100 LEU C CG  1 
ATOM   1059 C CD1 . LEU B 1 100 ? 22.841  -54.418 12.277  1.00 114.99 ? 100 LEU C CD1 1 
ATOM   1060 C CD2 . LEU B 1 100 ? 24.306  -52.713 13.378  1.00 114.34 ? 100 LEU C CD2 1 
ATOM   1061 N N   . UNK C 2 1   ? -28.347 10.175  -33.101 1.00 137.72 ? 1   UNK B N   1 
ATOM   1062 C CA  . UNK C 2 1   ? -27.342 11.131  -32.576 1.00 136.94 ? 1   UNK B CA  1 
ATOM   1063 C C   . UNK C 2 1   ? -27.272 12.357  -33.486 1.00 136.66 ? 1   UNK B C   1 
ATOM   1064 O O   . UNK C 2 1   ? -26.213 12.669  -34.034 1.00 135.91 ? 1   UNK B O   1 
ATOM   1065 C CB  . UNK C 2 1   ? -26.000 10.448  -32.447 1.00 137.12 ? 1   UNK B CB  1 
ATOM   1066 N N   . UNK C 2 2   ? -28.415 13.047  -33.627 1.00 135.40 ? 2   UNK B N   1 
ATOM   1067 C CA  . UNK C 2 2   ? -28.542 14.202  -34.503 1.00 134.15 ? 2   UNK B CA  1 
ATOM   1068 C C   . UNK C 2 2   ? -29.017 15.412  -33.699 1.00 131.99 ? 2   UNK B C   1 
ATOM   1069 O O   . UNK C 2 2   ? -30.219 15.615  -33.531 1.00 131.83 ? 2   UNK B O   1 
ATOM   1070 C CB  . UNK C 2 2   ? -29.489 13.880  -35.636 1.00 133.85 ? 2   UNK B CB  1 
ATOM   1071 N N   . UNK C 2 3   ? -28.054 16.210  -33.214 1.00 128.78 ? 3   UNK B N   1 
ATOM   1072 C CA  . UNK C 2 3   ? -28.337 17.395  -32.418 1.00 126.02 ? 3   UNK B CA  1 
ATOM   1073 C C   . UNK C 2 3   ? -28.377 18.624  -33.325 1.00 125.02 ? 3   UNK B C   1 
ATOM   1074 O O   . UNK C 2 3   ? -27.366 18.970  -33.933 1.00 123.99 ? 3   UNK B O   1 
ATOM   1075 C CB  . UNK C 2 3   ? -27.296 17.541  -31.332 1.00 125.88 ? 3   UNK B CB  1 
ATOM   1076 N N   . UNK C 2 4   ? -29.543 19.284  -33.398 1.00 127.59 ? 4   UNK B N   1 
ATOM   1077 C CA  . UNK C 2 4   ? -29.756 20.398  -34.312 1.00 129.39 ? 4   UNK B CA  1 
ATOM   1078 C C   . UNK C 2 4   ? -30.390 21.578  -33.574 1.00 130.07 ? 4   UNK B C   1 
ATOM   1079 O O   . UNK C 2 4   ? -31.614 21.669  -33.477 1.00 131.12 ? 4   UNK B O   1 
ATOM   1080 C CB  . UNK C 2 4   ? -30.607 19.945  -35.474 1.00 127.62 ? 4   UNK B CB  1 
ATOM   1081 N N   . UNK C 2 5   ? -29.540 22.486  -33.072 1.00 130.29 ? 5   UNK B N   1 
ATOM   1082 C CA  . UNK C 2 5   ? -29.988 23.683  -32.376 1.00 130.96 ? 5   UNK B CA  1 
ATOM   1083 C C   . UNK C 2 5   ? -30.069 24.849  -33.360 1.00 131.83 ? 5   UNK B C   1 
ATOM   1084 O O   . UNK C 2 5   ? -29.053 25.463  -33.682 1.00 132.68 ? 5   UNK B O   1 
ATOM   1085 C CB  . UNK C 2 5   ? -29.055 23.989  -31.227 1.00 129.49 ? 5   UNK B CB  1 
ATOM   1086 N N   . UNK C 2 6   ? -31.292 25.139  -33.830 1.00 134.93 ? 6   UNK B N   1 
ATOM   1087 C CA  . UNK C 2 6   ? -31.539 26.220  -34.774 1.00 134.77 ? 6   UNK B CA  1 
ATOM   1088 C C   . UNK C 2 6   ? -32.010 27.468  -34.027 1.00 137.41 ? 6   UNK B C   1 
ATOM   1089 O O   . UNK C 2 6   ? -32.544 27.368  -32.918 1.00 137.97 ? 6   UNK B O   1 
ATOM   1090 C CB  . UNK C 2 6   ? -32.556 25.779  -35.798 1.00 132.27 ? 6   UNK B CB  1 
ATOM   1091 N N   . UNK C 2 7   ? -31.801 28.637  -34.656 1.00 141.09 ? 7   UNK B N   1 
ATOM   1092 C CA  . UNK C 2 7   ? -32.233 29.913  -34.104 1.00 143.37 ? 7   UNK B CA  1 
ATOM   1093 C C   . UNK C 2 7   ? -32.491 30.902  -35.240 1.00 146.60 ? 7   UNK B C   1 
ATOM   1094 O O   . UNK C 2 7   ? -31.826 30.842  -36.276 1.00 147.69 ? 7   UNK B O   1 
ATOM   1095 C CB  . UNK C 2 7   ? -31.194 30.436  -33.141 1.00 141.07 ? 7   UNK B CB  1 
ATOM   1096 N N   . UNK C 2 8   ? -33.462 31.804  -35.023 1.00 149.33 ? 8   UNK B N   1 
ATOM   1097 C CA  . UNK C 2 8   ? -33.846 32.801  -36.011 1.00 149.08 ? 8   UNK B CA  1 
ATOM   1098 C C   . UNK C 2 8   ? -34.243 34.097  -35.308 1.00 151.53 ? 8   UNK B C   1 
ATOM   1099 O O   . UNK C 2 8   ? -35.017 34.073  -34.353 1.00 151.35 ? 8   UNK B O   1 
ATOM   1100 C CB  . UNK C 2 8   ? -34.973 32.269  -36.862 1.00 146.12 ? 8   UNK B CB  1 
ATOM   1101 N N   . UNK C 2 9   ? -33.703 35.224  -35.795 1.00 156.17 ? 9   UNK B N   1 
ATOM   1102 C CA  . UNK C 2 9   ? -33.986 36.539  -35.238 1.00 157.91 ? 9   UNK B CA  1 
ATOM   1103 C C   . UNK C 2 9   ? -35.173 37.166  -35.979 1.00 159.25 ? 9   UNK B C   1 
ATOM   1104 O O   . UNK C 2 9   ? -35.092 37.253  -37.223 1.00 159.42 ? 9   UNK B O   1 
ATOM   1105 C CB  . UNK C 2 9   ? -32.755 37.410  -35.331 1.00 154.95 ? 9   UNK B CB  1 
ATOM   1106 N N   . UNK D 2 1   ? 15.800  -15.521 40.574  1.00 141.45 ? 1   UNK D N   1 
ATOM   1107 C CA  . UNK D 2 1   ? 16.016  -16.060 39.208  1.00 140.72 ? 1   UNK D CA  1 
ATOM   1108 C C   . UNK D 2 1   ? 17.328  -16.842 39.160  1.00 140.48 ? 1   UNK D C   1 
ATOM   1109 O O   . UNK D 2 1   ? 18.191  -16.562 38.327  1.00 139.61 ? 1   UNK D O   1 
ATOM   1110 C CB  . UNK D 2 1   ? 15.995  -14.933 38.201  1.00 140.79 ? 1   UNK D CB  1 
ATOM   1111 N N   . UNK D 2 2   ? 17.457  -17.834 40.053  1.00 139.17 ? 2   UNK D N   1 
ATOM   1112 C CA  . UNK D 2 2   ? 18.676  -18.618 40.193  1.00 138.35 ? 2   UNK D CA  1 
ATOM   1113 C C   . UNK D 2 2   ? 18.416  -20.061 39.763  1.00 136.58 ? 2   UNK D C   1 
ATOM   1114 O O   . UNK D 2 2   ? 18.091  -20.909 40.594  1.00 136.24 ? 2   UNK D O   1 
ATOM   1115 C CB  . UNK D 2 2   ? 19.165  -18.544 41.620  1.00 138.06 ? 2   UNK D CB  1 
ATOM   1116 N N   . UNK D 2 3   ? 18.568  -20.323 38.457  1.00 133.87 ? 3   UNK D N   1 
ATOM   1117 C CA  . UNK D 2 3   ? 18.355  -21.644 37.888  1.00 132.24 ? 3   UNK D CA  1 
ATOM   1118 C C   . UNK D 2 3   ? 19.693  -22.373 37.764  1.00 131.26 ? 3   UNK D C   1 
ATOM   1119 O O   . UNK D 2 3   ? 20.483  -22.067 36.873  1.00 130.37 ? 3   UNK D O   1 
ATOM   1120 C CB  . UNK D 2 3   ? 17.668  -21.518 36.549  1.00 131.96 ? 3   UNK D CB  1 
ATOM   1121 N N   . UNK D 2 4   ? 19.927  -23.345 38.660  1.00 134.80 ? 4   UNK D N   1 
ATOM   1122 C CA  . UNK D 2 4   ? 21.197  -24.053 38.737  1.00 137.27 ? 4   UNK D CA  1 
ATOM   1123 C C   . UNK D 2 4   ? 20.978  -25.554 38.552  1.00 137.56 ? 4   UNK D C   1 
ATOM   1124 O O   . UNK D 2 4   ? 20.482  -26.223 39.456  1.00 138.22 ? 4   UNK D O   1 
ATOM   1125 C CB  . UNK D 2 4   ? 21.861  -23.755 40.060  1.00 135.91 ? 4   UNK D CB  1 
ATOM   1126 N N   . UNK D 2 5   ? 21.370  -26.069 37.377  1.00 137.82 ? 5   UNK D N   1 
ATOM   1127 C CA  . UNK D 2 5   ? 21.258  -27.484 37.058  1.00 138.01 ? 5   UNK D CA  1 
ATOM   1128 C C   . UNK D 2 5   ? 22.593  -28.178 37.328  1.00 137.98 ? 5   UNK D C   1 
ATOM   1129 O O   . UNK D 2 5   ? 23.538  -28.027 36.554  1.00 138.61 ? 5   UNK D O   1 
ATOM   1130 C CB  . UNK D 2 5   ? 20.831  -27.651 35.619  1.00 136.40 ? 5   UNK D CB  1 
ATOM   1131 N N   . UNK D 2 6   ? 22.653  -28.938 38.432  1.00 140.32 ? 6   UNK D N   1 
ATOM   1132 C CA  . UNK D 2 6   ? 23.857  -29.651 38.836  1.00 139.88 ? 6   UNK D CA  1 
ATOM   1133 C C   . UNK D 2 6   ? 23.771  -31.111 38.396  1.00 141.95 ? 6   UNK D C   1 
ATOM   1134 O O   . UNK D 2 6   ? 22.676  -31.634 38.167  1.00 142.54 ? 6   UNK D O   1 
ATOM   1135 C CB  . UNK D 2 6   ? 24.036  -29.540 40.330  1.00 136.88 ? 6   UNK D CB  1 
ATOM   1136 N N   . UNK D 2 7   ? 24.946  -31.756 38.283  1.00 144.96 ? 7   UNK D N   1 
ATOM   1137 C CA  . UNK D 2 7   ? 25.035  -33.164 37.922  1.00 146.73 ? 7   UNK D CA  1 
ATOM   1138 C C   . UNK D 2 7   ? 26.305  -33.767 38.520  1.00 149.46 ? 7   UNK D C   1 
ATOM   1139 O O   . UNK D 2 7   ? 27.314  -33.074 38.661  1.00 150.62 ? 7   UNK D O   1 
ATOM   1140 C CB  . UNK D 2 7   ? 25.007  -33.313 36.420  1.00 144.16 ? 7   UNK D CB  1 
ATOM   1141 N N   . UNK D 2 8   ? 26.232  -35.064 38.867  1.00 151.63 ? 8   UNK D N   1 
ATOM   1142 C CA  . UNK D 2 8   ? 27.347  -35.785 39.463  1.00 151.15 ? 8   UNK D CA  1 
ATOM   1143 C C   . UNK D 2 8   ? 27.355  -37.226 38.959  1.00 153.26 ? 8   UNK D C   1 
ATOM   1144 O O   . UNK D 2 8   ? 26.326  -37.898 38.985  1.00 153.19 ? 8   UNK D O   1 
ATOM   1145 C CB  . UNK D 2 8   ? 27.243  -35.728 40.968  1.00 148.04 ? 8   UNK D CB  1 
ATOM   1146 N N   . UNK D 2 9   ? 28.529  -37.686 38.502  1.00 157.96 ? 9   UNK D N   1 
ATOM   1147 C CA  . UNK D 2 9   ? 28.697  -39.035 37.984  1.00 159.78 ? 9   UNK D CA  1 
ATOM   1148 C C   . UNK D 2 9   ? 29.121  -39.975 39.123  1.00 161.16 ? 9   UNK D C   1 
ATOM   1149 O O   . UNK D 2 9   ? 30.151  -39.670 39.763  1.00 161.56 ? 9   UNK D O   1 
ATOM   1150 C CB  . UNK D 2 9   ? 29.710  -39.033 36.863  1.00 156.61 ? 9   UNK D CB  1 
HETATM 1151 O O   . HOH E 3 .   ? -18.459 18.448  -25.145 1.00 34.40  ? 201 HOH A O   1 
HETATM 1152 O O   . HOH E 3 .   ? -12.781 28.763  -16.743 1.00 34.40  ? 202 HOH A O   1 
HETATM 1153 O O   . HOH E 3 .   ? -14.464 34.254  -11.988 1.00 34.59  ? 203 HOH A O   1 
HETATM 1154 O O   . HOH E 3 .   ? -1.425  19.101  -5.084  1.00 54.98  ? 204 HOH A O   1 
HETATM 1155 O O   . HOH E 3 .   ? -12.703 22.863  -19.652 1.00 45.70  ? 205 HOH A O   1 
HETATM 1156 O O   . HOH F 3 .   ? 17.660  -19.097 25.794  1.00 30.66  ? 201 HOH C O   1 
HETATM 1157 O O   . HOH F 3 .   ? 15.008  -28.292 14.960  1.00 35.56  ? 202 HOH C O   1 
HETATM 1158 O O   . HOH F 3 .   ? 17.624  -33.050 10.178  1.00 34.63  ? 203 HOH C O   1 
HETATM 1159 O O   . HOH F 3 .   ? 5.434   -17.198 2.901   1.00 58.18  ? 204 HOH C O   1 
# 
